data_4W9U
#
_entry.id   4W9U
#
_cell.length_a   82.020
_cell.length_b   106.660
_cell.length_c   99.390
_cell.angle_alpha   90.000
_cell.angle_beta   108.120
_cell.angle_gamma   90.000
#
_symmetry.space_group_name_H-M   'P 1 21 1'
#
loop_
_entity.id
_entity.type
_entity.pdbx_description
1 polymer 'Acyl-CoA dehydrogenase'
2 non-polymer 1,2-ETHANEDIOL
3 water water
#
_entity_poly.entity_id   1
_entity_poly.type   'polypeptide(L)'
_entity_poly.pdbx_seq_one_letter_code
;SMSRAAFAWEDPFLLEEQLTEDERMIRDSAKAFASDVLLPRVEKAYLEETTDPELFHLMGQAGLLGVTLPEDYGAANASY
VAYGLVAREVERIDSGYRSMMSVQSSLVMYPIYAYGSDEQRKKYLPGLVSGELIGCFGLTEPDAGSDPAGMKTRAEKIDG
GYRLSGSKMWISNSPIADVFVVWAKSAAHDNAIRGFILEKGMKGLSAPKIGGKLSLRASITGEIVMDGVEVSEDAILPNV
SGLKGPFGCLNRARYGISWGVLGAAEDCWFRARQYGLDRKQFNKPLAGTQLYQKKLADMQTEIALGIQASLRVGRLFDEG
KMAPEMISIVKRNNCGKALDIARQARDMHGGNGIQIEYHVMRHAQNLETVNTYEGTHDVHALILGRAQTGIQAFF
;
_entity_poly.pdbx_strand_id   A,B,C,D
#
loop_
_chem_comp.id
_chem_comp.type
_chem_comp.name
_chem_comp.formula
EDO non-polymer 1,2-ETHANEDIOL 'C2 H6 O2'
#
# COMPACT_ATOMS: atom_id res chain seq x y z
N ARG A 4 6.05 -16.95 31.25
CA ARG A 4 4.62 -16.77 31.35
C ARG A 4 3.87 -17.93 30.70
N ALA A 5 2.92 -17.62 29.83
CA ALA A 5 2.21 -18.65 29.07
C ALA A 5 2.92 -18.87 27.74
N ALA A 6 2.78 -20.09 27.23
CA ALA A 6 3.46 -20.54 26.02
C ALA A 6 2.96 -19.78 24.78
N PHE A 7 3.86 -19.50 23.85
CA PHE A 7 3.46 -18.85 22.60
C PHE A 7 4.03 -19.62 21.42
N ALA A 8 3.18 -20.03 20.49
CA ALA A 8 3.69 -20.70 19.29
C ALA A 8 3.63 -19.74 18.12
N TRP A 9 4.78 -19.24 17.68
CA TRP A 9 4.78 -18.24 16.61
C TRP A 9 4.19 -18.82 15.34
N GLU A 10 4.34 -20.13 15.17
CA GLU A 10 3.86 -20.80 13.97
C GLU A 10 2.34 -20.97 14.02
N ASP A 11 1.78 -20.85 15.22
CA ASP A 11 0.32 -20.95 15.46
C ASP A 11 -0.14 -20.02 16.58
N PRO A 12 -0.14 -18.71 16.34
CA PRO A 12 -0.35 -17.64 17.32
C PRO A 12 -1.67 -17.71 18.12
N PHE A 13 -2.78 -18.09 17.48
CA PHE A 13 -4.09 -18.08 18.12
C PHE A 13 -4.55 -19.50 18.45
N LEU A 14 -3.59 -20.43 18.42
CA LEU A 14 -3.82 -21.83 18.80
C LEU A 14 -5.00 -22.44 18.06
N LEU A 15 -4.87 -22.49 16.75
CA LEU A 15 -5.86 -23.15 15.89
C LEU A 15 -6.04 -24.59 16.36
N GLU A 16 -4.91 -25.19 16.74
CA GLU A 16 -4.87 -26.56 17.18
C GLU A 16 -5.89 -26.84 18.28
N GLU A 17 -6.14 -25.85 19.15
CA GLU A 17 -7.10 -26.05 20.24
C GLU A 17 -8.52 -25.63 19.89
N GLN A 18 -8.73 -25.25 18.64
CA GLN A 18 -10.07 -24.89 18.18
C GLN A 18 -10.66 -25.97 17.32
N LEU A 19 -9.89 -27.01 17.08
CA LEU A 19 -10.30 -28.10 16.21
C LEU A 19 -10.69 -29.31 17.02
N THR A 20 -11.68 -30.05 16.54
CA THR A 20 -12.11 -31.31 17.13
C THR A 20 -11.08 -32.40 16.90
N GLU A 21 -11.25 -33.54 17.56
CA GLU A 21 -10.32 -34.65 17.37
C GLU A 21 -10.33 -35.19 15.93
N ASP A 22 -11.52 -35.27 15.34
CA ASP A 22 -11.66 -35.72 13.96
C ASP A 22 -10.98 -34.78 12.96
N GLU A 23 -11.14 -33.48 13.17
CA GLU A 23 -10.57 -32.48 12.29
C GLU A 23 -9.03 -32.53 12.35
N ARG A 24 -8.48 -32.69 13.55
CA ARG A 24 -7.05 -32.79 13.70
C ARG A 24 -6.52 -34.08 13.03
N MET A 25 -7.25 -35.18 13.18
CA MET A 25 -6.81 -36.43 12.59
C MET A 25 -6.83 -36.38 11.08
N ILE A 26 -7.91 -35.84 10.53
CA ILE A 26 -8.08 -35.72 9.09
C ILE A 26 -7.06 -34.73 8.53
N ARG A 27 -6.71 -33.70 9.31
CA ARG A 27 -5.66 -32.77 8.87
C ARG A 27 -4.29 -33.47 8.82
N ASP A 28 -3.96 -34.19 9.90
CA ASP A 28 -2.71 -34.95 9.97
C ASP A 28 -2.60 -36.01 8.86
N SER A 29 -3.72 -36.64 8.54
CA SER A 29 -3.78 -37.62 7.48
C SER A 29 -3.57 -36.93 6.13
N ALA A 30 -4.21 -35.78 5.95
CA ALA A 30 -4.00 -35.02 4.72
C ALA A 30 -2.54 -34.59 4.63
N LYS A 31 -1.97 -34.14 5.75
CA LYS A 31 -0.57 -33.70 5.76
C LYS A 31 0.43 -34.83 5.43
N ALA A 32 0.18 -36.02 5.98
CA ALA A 32 1.03 -37.18 5.72
C ALA A 32 0.93 -37.60 4.26
N PHE A 33 -0.28 -37.55 3.71
CA PHE A 33 -0.51 -37.89 2.32
C PHE A 33 0.24 -36.94 1.40
N ALA A 34 0.04 -35.65 1.64
CA ALA A 34 0.69 -34.62 0.83
C ALA A 34 2.21 -34.79 0.86
N SER A 35 2.73 -35.17 2.01
CA SER A 35 4.15 -35.31 2.19
C SER A 35 4.68 -36.59 1.49
N ASP A 36 3.95 -37.69 1.59
CA ASP A 36 4.42 -38.97 1.04
C ASP A 36 4.25 -39.06 -0.45
N VAL A 37 3.21 -38.40 -0.95
CA VAL A 37 2.78 -38.55 -2.33
C VAL A 37 2.95 -37.31 -3.19
N LEU A 38 2.49 -36.18 -2.68
CA LEU A 38 2.50 -34.94 -3.46
C LEU A 38 3.87 -34.31 -3.54
N LEU A 39 4.49 -34.16 -2.38
CA LEU A 39 5.76 -33.42 -2.29
C LEU A 39 6.88 -33.97 -3.20
N PRO A 40 6.99 -35.30 -3.32
CA PRO A 40 8.02 -35.78 -4.24
C PRO A 40 7.74 -35.40 -5.70
N ARG A 41 6.48 -35.28 -6.06
CA ARG A 41 6.09 -34.92 -7.42
C ARG A 41 6.46 -33.49 -7.80
N VAL A 42 6.21 -32.55 -6.90
CA VAL A 42 6.51 -31.15 -7.18
C VAL A 42 8.03 -30.90 -7.16
N GLU A 43 8.78 -31.89 -6.65
CA GLU A 43 10.24 -31.81 -6.53
C GLU A 43 10.94 -32.62 -7.62
N ASP A 52 -1.88 -36.91 -14.16
CA ASP A 52 -1.83 -38.30 -13.76
C ASP A 52 -3.16 -38.77 -13.18
N PRO A 53 -3.90 -39.60 -13.92
CA PRO A 53 -5.19 -40.12 -13.45
C PRO A 53 -5.08 -40.98 -12.19
N GLU A 54 -3.92 -41.58 -11.98
CA GLU A 54 -3.71 -42.43 -10.81
C GLU A 54 -3.72 -41.61 -9.53
N LEU A 55 -3.40 -40.33 -9.66
CA LEU A 55 -3.31 -39.42 -8.52
C LEU A 55 -4.69 -39.18 -7.91
N PHE A 56 -5.73 -39.20 -8.73
CA PHE A 56 -7.11 -39.14 -8.24
C PHE A 56 -7.42 -40.36 -7.37
N HIS A 57 -6.95 -41.52 -7.81
CA HIS A 57 -7.16 -42.76 -7.06
C HIS A 57 -6.37 -42.72 -5.75
N LEU A 58 -5.18 -42.15 -5.77
CA LEU A 58 -4.39 -42.09 -4.56
C LEU A 58 -5.09 -41.23 -3.51
N MET A 59 -5.58 -40.07 -3.94
CA MET A 59 -6.30 -39.14 -3.06
C MET A 59 -7.55 -39.77 -2.50
N GLY A 60 -8.27 -40.49 -3.38
CA GLY A 60 -9.51 -41.14 -3.01
C GLY A 60 -9.27 -42.22 -1.99
N GLN A 61 -8.19 -42.98 -2.17
CA GLN A 61 -7.86 -44.07 -1.24
C GLN A 61 -7.46 -43.50 0.12
N ALA A 62 -6.90 -42.29 0.09
CA ALA A 62 -6.50 -41.59 1.29
C ALA A 62 -7.73 -41.04 2.01
N GLY A 63 -8.86 -41.07 1.32
CA GLY A 63 -10.11 -40.63 1.90
C GLY A 63 -10.23 -39.11 1.88
N LEU A 64 -9.56 -38.46 0.94
CA LEU A 64 -9.49 -37.00 0.94
C LEU A 64 -10.42 -36.38 -0.09
N LEU A 65 -11.23 -37.20 -0.75
CA LEU A 65 -12.20 -36.70 -1.70
C LEU A 65 -13.61 -36.76 -1.11
N GLY A 66 -14.34 -35.65 -1.23
CA GLY A 66 -15.70 -35.57 -0.73
C GLY A 66 -15.76 -35.85 0.75
N VAL A 67 -14.92 -35.13 1.49
CA VAL A 67 -14.74 -35.30 2.93
C VAL A 67 -16.00 -34.99 3.76
N THR A 68 -16.86 -34.12 3.24
CA THR A 68 -18.07 -33.71 3.96
C THR A 68 -19.25 -34.66 3.76
N LEU A 69 -19.11 -35.60 2.81
CA LEU A 69 -20.20 -36.51 2.41
C LEU A 69 -20.41 -37.71 3.32
N PRO A 70 -21.65 -38.24 3.35
CA PRO A 70 -22.00 -39.38 4.21
C PRO A 70 -21.08 -40.60 4.03
N GLU A 71 -20.94 -41.40 5.08
CA GLU A 71 -20.17 -42.62 5.01
C GLU A 71 -20.81 -43.67 4.09
N ASP A 72 -22.09 -43.49 3.76
CA ASP A 72 -22.81 -44.44 2.89
C ASP A 72 -22.20 -44.53 1.48
N TYR A 73 -21.38 -43.54 1.13
CA TYR A 73 -20.71 -43.50 -0.17
C TYR A 73 -19.22 -43.74 0.00
N GLY A 74 -18.81 -44.09 1.23
CA GLY A 74 -17.43 -44.29 1.57
C GLY A 74 -16.70 -43.00 1.91
N ALA A 75 -17.45 -41.92 2.09
CA ALA A 75 -16.89 -40.61 2.44
C ALA A 75 -16.61 -40.50 3.94
N ALA A 76 -15.82 -39.50 4.32
CA ALA A 76 -15.36 -39.38 5.70
C ALA A 76 -16.41 -38.81 6.65
N ASN A 77 -17.48 -38.26 6.09
CA ASN A 77 -18.55 -37.64 6.87
C ASN A 77 -18.04 -36.60 7.85
N ALA A 78 -17.14 -35.76 7.38
CA ALA A 78 -16.49 -34.77 8.24
C ALA A 78 -17.09 -33.38 8.09
N SER A 79 -16.58 -32.43 8.88
CA SER A 79 -17.08 -31.06 8.88
C SER A 79 -16.52 -30.23 7.71
N TYR A 80 -17.10 -29.07 7.47
CA TYR A 80 -16.58 -28.16 6.48
C TYR A 80 -15.25 -27.55 6.96
N VAL A 81 -15.04 -27.48 8.26
CA VAL A 81 -13.74 -27.06 8.78
C VAL A 81 -12.65 -28.06 8.33
N ALA A 82 -12.95 -29.35 8.43
CA ALA A 82 -12.03 -30.41 8.00
C ALA A 82 -11.71 -30.35 6.50
N TYR A 83 -12.74 -30.12 5.70
CA TYR A 83 -12.56 -29.93 4.28
C TYR A 83 -11.55 -28.83 4.03
N GLY A 84 -11.73 -27.71 4.72
CA GLY A 84 -10.80 -26.59 4.61
C GLY A 84 -9.37 -26.93 5.02
N LEU A 85 -9.25 -27.65 6.14
CA LEU A 85 -7.96 -28.10 6.66
C LEU A 85 -7.21 -28.98 5.67
N VAL A 86 -7.97 -29.83 4.97
CA VAL A 86 -7.40 -30.71 3.95
C VAL A 86 -6.89 -29.87 2.76
N ALA A 87 -7.71 -28.93 2.29
CA ALA A 87 -7.31 -28.06 1.20
C ALA A 87 -6.02 -27.37 1.54
N ARG A 88 -5.94 -26.86 2.77
CA ARG A 88 -4.77 -26.14 3.26
C ARG A 88 -3.52 -27.00 3.26
N GLU A 89 -3.64 -28.24 3.71
CA GLU A 89 -2.51 -29.14 3.72
C GLU A 89 -2.07 -29.51 2.31
N VAL A 90 -3.03 -29.53 1.40
CA VAL A 90 -2.74 -29.98 0.05
C VAL A 90 -2.16 -28.84 -0.78
N GLU A 91 -2.78 -27.67 -0.69
CA GLU A 91 -2.29 -26.52 -1.42
C GLU A 91 -0.95 -26.06 -0.83
N ARG A 92 -0.69 -26.45 0.42
CA ARG A 92 0.62 -26.22 1.04
C ARG A 92 1.74 -26.78 0.17
N ILE A 93 1.46 -27.88 -0.53
CA ILE A 93 2.41 -28.45 -1.47
C ILE A 93 2.29 -27.74 -2.81
N ASP A 94 1.11 -27.81 -3.42
CA ASP A 94 0.90 -27.13 -4.67
C ASP A 94 -0.57 -26.91 -4.94
N SER A 95 -0.86 -25.75 -5.50
CA SER A 95 -2.24 -25.32 -5.74
C SER A 95 -2.97 -26.25 -6.73
N GLY A 96 -2.22 -26.86 -7.65
CA GLY A 96 -2.82 -27.73 -8.64
C GLY A 96 -3.53 -28.92 -8.03
N TYR A 97 -2.91 -29.48 -6.99
CA TYR A 97 -3.44 -30.66 -6.31
C TYR A 97 -4.69 -30.34 -5.50
N ARG A 98 -4.74 -29.14 -4.92
CA ARG A 98 -5.94 -28.69 -4.23
C ARG A 98 -7.06 -28.46 -5.23
N SER A 99 -6.71 -28.03 -6.43
CA SER A 99 -7.71 -27.75 -7.44
C SER A 99 -8.41 -29.05 -7.88
N MET A 100 -7.66 -30.15 -7.86
CA MET A 100 -8.20 -31.48 -8.11
C MET A 100 -9.32 -31.79 -7.14
N MET A 101 -9.10 -31.47 -5.87
CA MET A 101 -10.11 -31.73 -4.84
C MET A 101 -11.28 -30.78 -4.92
N SER A 102 -11.00 -29.51 -5.24
CA SER A 102 -12.05 -28.49 -5.38
C SER A 102 -13.08 -28.95 -6.40
N VAL A 103 -12.60 -29.38 -7.56
CA VAL A 103 -13.49 -29.81 -8.62
C VAL A 103 -14.23 -31.06 -8.22
N GLN A 104 -13.45 -32.08 -7.88
CA GLN A 104 -13.98 -33.40 -7.56
C GLN A 104 -14.98 -33.31 -6.40
N SER A 105 -14.65 -32.58 -5.33
CA SER A 105 -15.51 -32.55 -4.16
C SER A 105 -16.64 -31.54 -4.27
N SER A 106 -16.31 -30.30 -4.58
CA SER A 106 -17.30 -29.21 -4.52
C SER A 106 -18.06 -28.94 -5.82
N LEU A 107 -17.44 -29.23 -6.96
CA LEU A 107 -18.10 -28.96 -8.24
C LEU A 107 -18.80 -30.18 -8.82
N VAL A 108 -18.46 -31.36 -8.36
CA VAL A 108 -19.06 -32.55 -8.93
C VAL A 108 -19.87 -33.37 -7.93
N MET A 109 -19.25 -33.74 -6.81
CA MET A 109 -19.94 -34.60 -5.87
C MET A 109 -21.06 -33.87 -5.13
N TYR A 110 -20.81 -32.61 -4.77
CA TYR A 110 -21.82 -31.83 -4.04
C TYR A 110 -23.13 -31.67 -4.83
N PRO A 111 -23.05 -31.24 -6.10
CA PRO A 111 -24.35 -31.09 -6.79
C PRO A 111 -25.02 -32.44 -7.00
N ILE A 112 -24.24 -33.50 -7.19
CA ILE A 112 -24.82 -34.82 -7.36
C ILE A 112 -25.49 -35.23 -6.06
N TYR A 113 -24.82 -34.95 -4.95
CA TYR A 113 -25.39 -35.28 -3.65
C TYR A 113 -26.57 -34.36 -3.30
N ALA A 114 -26.35 -33.05 -3.36
CA ALA A 114 -27.36 -32.08 -2.93
C ALA A 114 -28.58 -31.94 -3.87
N TYR A 115 -28.33 -32.02 -5.17
CA TYR A 115 -29.37 -31.77 -6.16
C TYR A 115 -29.85 -33.02 -6.88
N GLY A 116 -29.29 -34.17 -6.54
CA GLY A 116 -29.51 -35.39 -7.28
C GLY A 116 -30.59 -36.30 -6.72
N SER A 117 -30.95 -37.30 -7.52
CA SER A 117 -31.89 -38.32 -7.09
C SER A 117 -31.10 -39.32 -6.25
N ASP A 118 -31.81 -40.19 -5.56
CA ASP A 118 -31.15 -41.23 -4.79
C ASP A 118 -30.40 -42.20 -5.71
N GLU A 119 -30.99 -42.46 -6.87
CA GLU A 119 -30.35 -43.31 -7.88
C GLU A 119 -29.04 -42.67 -8.34
N GLN A 120 -29.08 -41.37 -8.59
CA GLN A 120 -27.90 -40.68 -9.04
C GLN A 120 -26.80 -40.72 -7.96
N ARG A 121 -27.18 -40.58 -6.70
CA ARG A 121 -26.21 -40.67 -5.60
C ARG A 121 -25.57 -42.05 -5.50
N LYS A 122 -26.40 -43.09 -5.57
CA LYS A 122 -25.91 -44.47 -5.38
C LYS A 122 -25.01 -44.88 -6.53
N LYS A 123 -25.36 -44.44 -7.73
CA LYS A 123 -24.63 -44.83 -8.93
C LYS A 123 -23.26 -44.18 -9.01
N TYR A 124 -23.19 -42.87 -8.79
CA TYR A 124 -22.00 -42.10 -9.13
C TYR A 124 -21.06 -41.81 -7.95
N LEU A 125 -21.63 -41.48 -6.78
CA LEU A 125 -20.84 -41.02 -5.62
C LEU A 125 -19.76 -41.97 -5.07
N PRO A 126 -20.06 -43.26 -4.90
CA PRO A 126 -18.99 -44.11 -4.38
C PRO A 126 -17.73 -44.10 -5.26
N GLY A 127 -17.92 -44.04 -6.57
CA GLY A 127 -16.80 -44.01 -7.51
C GLY A 127 -16.03 -42.70 -7.51
N LEU A 128 -16.74 -41.61 -7.29
CA LEU A 128 -16.12 -40.31 -7.21
C LEU A 128 -15.36 -40.21 -5.90
N VAL A 129 -15.94 -40.76 -4.83
CA VAL A 129 -15.27 -40.81 -3.51
C VAL A 129 -13.99 -41.64 -3.60
N SER A 130 -14.05 -42.78 -4.28
CA SER A 130 -12.88 -43.64 -4.37
C SER A 130 -11.80 -43.07 -5.29
N GLY A 131 -12.20 -42.19 -6.20
CA GLY A 131 -11.28 -41.64 -7.19
C GLY A 131 -11.14 -42.55 -8.39
N GLU A 132 -11.95 -43.61 -8.43
CA GLU A 132 -12.00 -44.49 -9.60
C GLU A 132 -12.70 -43.76 -10.75
N LEU A 133 -13.63 -42.88 -10.39
CA LEU A 133 -14.28 -41.99 -11.34
C LEU A 133 -13.76 -40.58 -11.19
N ILE A 134 -13.57 -39.92 -12.32
CA ILE A 134 -13.15 -38.52 -12.33
C ILE A 134 -14.29 -37.65 -12.88
N GLY A 135 -14.54 -36.52 -12.23
CA GLY A 135 -15.62 -35.66 -12.65
C GLY A 135 -15.10 -34.34 -13.16
N CYS A 136 -15.96 -33.62 -13.87
CA CYS A 136 -15.66 -32.25 -14.27
C CYS A 136 -16.96 -31.46 -14.24
N PHE A 137 -16.84 -30.14 -14.32
CA PHE A 137 -17.95 -29.24 -14.05
C PHE A 137 -18.18 -28.30 -15.22
N GLY A 138 -19.31 -28.49 -15.91
CA GLY A 138 -19.58 -27.73 -17.14
C GLY A 138 -20.62 -26.63 -17.03
N LEU A 139 -20.13 -25.40 -16.85
CA LEU A 139 -20.98 -24.22 -16.75
C LEU A 139 -20.51 -23.15 -17.73
N THR A 140 -19.23 -22.79 -17.63
CA THR A 140 -18.65 -21.70 -18.43
C THR A 140 -18.53 -22.03 -19.91
N GLU A 141 -18.84 -21.03 -20.73
CA GLU A 141 -18.83 -21.16 -22.17
C GLU A 141 -17.86 -20.18 -22.84
N PRO A 142 -17.45 -20.47 -24.08
CA PRO A 142 -16.60 -19.55 -24.86
C PRO A 142 -17.26 -18.18 -25.09
N MET A 151 -26.70 -17.99 -21.35
CA MET A 151 -26.04 -19.28 -21.62
C MET A 151 -26.56 -19.91 -22.90
N LYS A 152 -25.66 -20.52 -23.67
CA LYS A 152 -26.02 -21.06 -24.98
C LYS A 152 -26.28 -22.57 -25.01
N THR A 153 -25.70 -23.31 -24.08
CA THR A 153 -25.93 -24.75 -23.99
C THR A 153 -27.40 -25.01 -23.68
N ARG A 154 -28.03 -25.86 -24.49
CA ARG A 154 -29.47 -26.10 -24.34
C ARG A 154 -29.80 -27.59 -24.18
N ALA A 155 -30.94 -27.86 -23.55
CA ALA A 155 -31.41 -29.23 -23.41
C ALA A 155 -32.82 -29.37 -23.96
N GLU A 156 -32.91 -29.84 -25.20
CA GLU A 156 -34.19 -30.03 -25.88
C GLU A 156 -34.92 -31.22 -25.28
N LYS A 157 -36.23 -31.09 -25.08
CA LYS A 157 -37.05 -32.21 -24.62
C LYS A 157 -37.24 -33.21 -25.75
N ILE A 158 -36.94 -34.48 -25.48
CA ILE A 158 -37.10 -35.54 -26.45
C ILE A 158 -37.86 -36.72 -25.84
N ASP A 159 -38.45 -37.55 -26.69
CA ASP A 159 -39.22 -38.71 -26.24
C ASP A 159 -38.39 -39.59 -25.32
N GLY A 160 -38.71 -39.56 -24.02
CA GLY A 160 -38.06 -40.42 -23.07
C GLY A 160 -36.85 -39.81 -22.39
N GLY A 161 -36.58 -38.54 -22.66
CA GLY A 161 -35.44 -37.84 -22.04
C GLY A 161 -35.09 -36.47 -22.57
N TYR A 162 -33.78 -36.22 -22.73
CA TYR A 162 -33.28 -34.91 -23.18
C TYR A 162 -32.20 -35.01 -24.26
N ARG A 163 -32.05 -33.94 -25.05
CA ARG A 163 -30.96 -33.83 -26.00
C ARG A 163 -30.20 -32.55 -25.74
N LEU A 164 -28.96 -32.69 -25.30
CA LEU A 164 -28.16 -31.54 -24.92
C LEU A 164 -27.22 -31.14 -26.06
N SER A 165 -27.17 -29.84 -26.36
CA SER A 165 -26.29 -29.32 -27.40
C SER A 165 -25.56 -28.06 -26.94
N GLY A 166 -24.25 -28.00 -27.22
CA GLY A 166 -23.44 -26.86 -26.83
C GLY A 166 -22.01 -27.24 -26.48
N SER A 167 -21.20 -26.25 -26.15
CA SER A 167 -19.80 -26.47 -25.82
C SER A 167 -19.36 -25.65 -24.61
N LYS A 168 -18.84 -26.35 -23.60
CA LYS A 168 -18.28 -25.70 -22.42
C LYS A 168 -16.78 -25.58 -22.63
N MET A 169 -16.18 -24.51 -22.12
CA MET A 169 -14.76 -24.26 -22.33
C MET A 169 -14.05 -24.01 -21.02
N TRP A 170 -12.74 -24.27 -21.01
CA TRP A 170 -11.92 -24.11 -19.82
C TRP A 170 -12.46 -24.93 -18.66
N ILE A 171 -12.78 -26.19 -18.92
CA ILE A 171 -13.31 -27.08 -17.91
C ILE A 171 -12.15 -27.89 -17.36
N SER A 172 -11.91 -27.79 -16.06
CA SER A 172 -10.83 -28.54 -15.44
C SER A 172 -11.13 -30.03 -15.52
N ASN A 173 -10.14 -30.79 -15.99
CA ASN A 173 -10.15 -32.26 -16.06
C ASN A 173 -11.14 -32.92 -17.02
N SER A 174 -11.76 -32.16 -17.93
CA SER A 174 -12.74 -32.74 -18.84
C SER A 174 -12.15 -33.85 -19.74
N PRO A 175 -10.90 -33.71 -20.24
CA PRO A 175 -10.47 -34.81 -21.10
C PRO A 175 -10.20 -36.14 -20.37
N ILE A 176 -10.15 -36.17 -19.04
CA ILE A 176 -9.95 -37.43 -18.33
C ILE A 176 -11.16 -37.80 -17.48
N ALA A 177 -12.26 -37.09 -17.66
CA ALA A 177 -13.43 -37.29 -16.81
C ALA A 177 -14.33 -38.44 -17.26
N ASP A 178 -14.87 -39.15 -16.28
CA ASP A 178 -15.83 -40.21 -16.53
C ASP A 178 -17.22 -39.62 -16.34
N VAL A 179 -17.28 -38.61 -15.47
CA VAL A 179 -18.55 -38.00 -15.06
C VAL A 179 -18.61 -36.50 -15.34
N PHE A 180 -19.69 -36.08 -15.98
CA PHE A 180 -19.82 -34.70 -16.43
C PHE A 180 -21.07 -34.03 -15.84
N VAL A 181 -20.88 -33.07 -14.95
CA VAL A 181 -21.98 -32.25 -14.47
C VAL A 181 -22.12 -31.00 -15.34
N VAL A 182 -23.11 -31.02 -16.21
CA VAL A 182 -23.28 -29.95 -17.19
C VAL A 182 -24.56 -29.18 -16.92
N TRP A 183 -24.45 -27.86 -16.92
CA TRP A 183 -25.60 -26.97 -16.74
C TRP A 183 -26.05 -26.42 -18.09
N ALA A 184 -27.35 -26.47 -18.34
CA ALA A 184 -27.90 -26.05 -19.62
C ALA A 184 -29.30 -25.49 -19.45
N LYS A 185 -29.63 -24.51 -20.31
CA LYS A 185 -30.97 -23.97 -20.36
C LYS A 185 -31.85 -25.07 -20.93
N SER A 186 -32.78 -25.55 -20.11
CA SER A 186 -33.66 -26.64 -20.51
C SER A 186 -34.97 -26.10 -21.08
N ALA A 187 -35.19 -26.30 -22.38
CA ALA A 187 -36.49 -25.97 -22.96
C ALA A 187 -37.54 -26.83 -22.25
N ALA A 188 -38.73 -26.25 -22.05
CA ALA A 188 -39.86 -26.87 -21.34
C ALA A 188 -39.81 -26.61 -19.83
N HIS A 189 -38.77 -25.95 -19.35
CA HIS A 189 -38.73 -25.54 -17.92
C HIS A 189 -38.86 -24.07 -17.46
N ASP A 190 -39.08 -23.04 -18.30
CA ASP A 190 -38.86 -23.00 -19.74
C ASP A 190 -37.55 -22.25 -19.94
N ASN A 191 -36.57 -22.92 -20.55
CA ASN A 191 -35.20 -22.42 -20.68
C ASN A 191 -34.55 -22.12 -19.32
N ALA A 192 -35.12 -22.69 -18.26
CA ALA A 192 -34.58 -22.58 -16.93
C ALA A 192 -33.27 -23.36 -16.85
N ILE A 193 -32.34 -22.94 -16.00
CA ILE A 193 -31.10 -23.69 -15.88
C ILE A 193 -31.29 -24.92 -15.02
N ARG A 194 -31.01 -26.08 -15.61
CA ARG A 194 -31.12 -27.36 -14.93
C ARG A 194 -29.78 -28.07 -14.97
N GLY A 195 -29.56 -29.02 -14.06
CA GLY A 195 -28.32 -29.78 -14.04
C GLY A 195 -28.50 -31.16 -14.66
N PHE A 196 -27.52 -31.59 -15.45
CA PHE A 196 -27.60 -32.91 -16.10
C PHE A 196 -26.34 -33.73 -15.89
N ILE A 197 -26.50 -35.03 -15.62
CA ILE A 197 -25.33 -35.88 -15.45
C ILE A 197 -24.98 -36.64 -16.73
N LEU A 198 -23.82 -36.32 -17.31
CA LEU A 198 -23.36 -36.97 -18.54
C LEU A 198 -22.16 -37.89 -18.26
N GLU A 199 -22.10 -39.00 -19.01
CA GLU A 199 -21.04 -39.99 -18.87
C GLU A 199 -20.10 -40.02 -20.07
N LYS A 200 -18.88 -40.50 -19.86
CA LYS A 200 -17.82 -40.44 -20.86
C LYS A 200 -18.13 -41.16 -22.18
N GLY A 201 -18.80 -42.30 -22.07
CA GLY A 201 -19.11 -43.12 -23.24
C GLY A 201 -20.23 -42.61 -24.13
N MET A 202 -20.87 -41.52 -23.74
CA MET A 202 -22.07 -41.05 -24.42
C MET A 202 -21.78 -40.61 -25.86
N LYS A 203 -22.81 -40.65 -26.69
CA LYS A 203 -22.68 -40.51 -28.14
C LYS A 203 -22.16 -39.16 -28.63
N GLY A 204 -22.86 -38.08 -28.31
CA GLY A 204 -22.45 -36.77 -28.77
C GLY A 204 -21.38 -36.09 -27.93
N LEU A 205 -20.76 -36.83 -27.02
CA LEU A 205 -19.82 -36.22 -26.09
C LEU A 205 -18.34 -36.40 -26.48
N SER A 206 -17.64 -35.28 -26.58
CA SER A 206 -16.19 -35.27 -26.78
C SER A 206 -15.56 -34.15 -25.93
N ALA A 207 -14.34 -34.39 -25.47
CA ALA A 207 -13.66 -33.41 -24.62
C ALA A 207 -12.22 -33.17 -25.03
N PRO A 208 -12.00 -32.34 -26.05
CA PRO A 208 -10.63 -32.06 -26.50
C PRO A 208 -9.87 -31.19 -25.49
N LYS A 209 -8.60 -31.50 -25.25
CA LYS A 209 -7.77 -30.65 -24.40
C LYS A 209 -7.48 -29.34 -25.12
N ILE A 210 -7.20 -28.29 -24.35
CA ILE A 210 -6.88 -26.99 -24.92
C ILE A 210 -5.40 -26.65 -24.75
N ALA A 218 -1.00 -28.31 -12.14
CA ALA A 218 -0.78 -29.75 -12.26
C ALA A 218 -2.06 -30.49 -12.63
N SER A 219 -2.95 -29.77 -13.28
CA SER A 219 -4.26 -30.27 -13.71
C SER A 219 -4.36 -30.00 -15.20
N ILE A 220 -5.46 -30.42 -15.82
CA ILE A 220 -5.56 -30.29 -17.26
C ILE A 220 -6.95 -29.81 -17.67
N THR A 221 -6.97 -28.82 -18.57
CA THR A 221 -8.22 -28.21 -18.99
C THR A 221 -8.57 -28.53 -20.43
N GLY A 222 -9.87 -28.62 -20.70
CA GLY A 222 -10.37 -28.90 -22.02
C GLY A 222 -11.78 -28.38 -22.19
N GLU A 223 -12.42 -28.81 -23.28
CA GLU A 223 -13.80 -28.44 -23.55
C GLU A 223 -14.71 -29.62 -23.25
N ILE A 224 -16.01 -29.37 -23.28
CA ILE A 224 -16.96 -30.46 -23.35
C ILE A 224 -17.81 -30.16 -24.57
N VAL A 225 -17.57 -30.90 -25.64
CA VAL A 225 -18.28 -30.68 -26.88
C VAL A 225 -19.43 -31.66 -26.95
N MET A 226 -20.64 -31.09 -26.98
CA MET A 226 -21.88 -31.84 -26.98
C MET A 226 -22.60 -31.64 -28.30
N ASP A 227 -22.50 -32.64 -29.18
CA ASP A 227 -23.13 -32.56 -30.50
C ASP A 227 -24.43 -33.35 -30.49
N GLY A 228 -25.47 -32.75 -29.91
CA GLY A 228 -26.77 -33.38 -29.77
C GLY A 228 -26.72 -34.64 -28.95
N VAL A 229 -26.11 -34.58 -27.76
CA VAL A 229 -26.00 -35.75 -26.88
C VAL A 229 -27.35 -36.05 -26.25
N GLU A 230 -27.88 -37.24 -26.52
CA GLU A 230 -29.21 -37.62 -26.04
C GLU A 230 -29.15 -38.41 -24.74
N VAL A 231 -29.89 -37.96 -23.73
CA VAL A 231 -29.89 -38.60 -22.43
C VAL A 231 -31.32 -38.92 -22.01
N SER A 232 -31.48 -39.87 -21.09
CA SER A 232 -32.80 -40.23 -20.58
C SER A 232 -33.29 -39.21 -19.55
N GLU A 233 -34.50 -39.41 -19.06
CA GLU A 233 -35.11 -38.44 -18.17
C GLU A 233 -34.55 -38.54 -16.76
N ASP A 234 -33.78 -39.59 -16.49
CA ASP A 234 -33.21 -39.76 -15.15
C ASP A 234 -31.79 -39.15 -15.06
N ALA A 235 -31.36 -38.47 -16.12
CA ALA A 235 -30.04 -37.85 -16.18
C ALA A 235 -30.06 -36.41 -15.66
N ILE A 236 -31.26 -35.88 -15.45
CA ILE A 236 -31.40 -34.52 -14.93
C ILE A 236 -31.28 -34.50 -13.41
N LEU A 237 -30.62 -33.47 -12.86
CA LEU A 237 -30.60 -33.27 -11.41
C LEU A 237 -31.93 -32.64 -10.98
N PRO A 238 -32.79 -33.45 -10.33
CA PRO A 238 -34.19 -33.11 -10.06
C PRO A 238 -34.41 -32.02 -9.01
N ASN A 239 -33.55 -31.96 -7.99
CA ASN A 239 -33.82 -31.10 -6.85
C ASN A 239 -33.15 -29.70 -6.92
N VAL A 240 -33.05 -29.14 -8.13
CA VAL A 240 -32.59 -27.77 -8.26
C VAL A 240 -32.92 -27.15 -9.61
N SER A 241 -33.08 -25.84 -9.62
CA SER A 241 -33.28 -25.09 -10.85
C SER A 241 -32.74 -23.66 -10.66
N GLY A 242 -32.32 -23.04 -11.75
CA GLY A 242 -31.77 -21.70 -11.71
C GLY A 242 -30.31 -21.70 -11.31
N LEU A 243 -29.70 -20.52 -11.29
CA LEU A 243 -28.28 -20.40 -11.03
C LEU A 243 -27.90 -20.82 -9.60
N LYS A 244 -28.90 -20.91 -8.72
CA LYS A 244 -28.71 -21.39 -7.36
C LYS A 244 -27.95 -22.72 -7.36
N GLY A 245 -28.27 -23.56 -8.34
CA GLY A 245 -27.63 -24.86 -8.48
C GLY A 245 -26.12 -24.77 -8.66
N PRO A 246 -25.68 -24.23 -9.80
CA PRO A 246 -24.25 -24.07 -10.05
C PRO A 246 -23.56 -23.17 -9.04
N PHE A 247 -24.24 -22.13 -8.54
CA PHE A 247 -23.64 -21.18 -7.61
C PHE A 247 -23.32 -21.80 -6.27
N GLY A 248 -24.15 -22.73 -5.85
CA GLY A 248 -23.94 -23.42 -4.58
C GLY A 248 -22.64 -24.19 -4.65
N CYS A 249 -22.34 -24.67 -5.85
CA CYS A 249 -21.13 -25.44 -6.11
C CYS A 249 -19.90 -24.54 -6.07
N LEU A 250 -19.99 -23.40 -6.74
CA LEU A 250 -18.90 -22.45 -6.78
C LEU A 250 -18.62 -21.90 -5.37
N ASN A 251 -19.70 -21.64 -4.61
CA ASN A 251 -19.58 -21.13 -3.25
C ASN A 251 -18.76 -22.07 -2.39
N ARG A 252 -19.00 -23.38 -2.55
CA ARG A 252 -18.27 -24.34 -1.77
C ARG A 252 -16.83 -24.47 -2.24
N ALA A 253 -16.60 -24.37 -3.55
CA ALA A 253 -15.21 -24.45 -4.02
C ALA A 253 -14.41 -23.25 -3.51
N ARG A 254 -15.01 -22.06 -3.57
CA ARG A 254 -14.29 -20.88 -3.18
C ARG A 254 -13.93 -20.90 -1.70
N TYR A 255 -14.83 -21.43 -0.88
CA TYR A 255 -14.59 -21.61 0.54
C TYR A 255 -13.36 -22.50 0.75
N GLY A 256 -13.28 -23.58 -0.04
CA GLY A 256 -12.15 -24.49 0.04
C GLY A 256 -10.89 -23.77 -0.35
N ILE A 257 -11.01 -22.92 -1.37
CA ILE A 257 -9.87 -22.15 -1.86
C ILE A 257 -9.36 -21.13 -0.81
N SER A 258 -10.29 -20.49 -0.11
CA SER A 258 -9.93 -19.52 0.91
C SER A 258 -9.13 -20.20 2.04
N TRP A 259 -9.37 -21.49 2.27
CA TRP A 259 -8.56 -22.27 3.20
C TRP A 259 -7.24 -22.71 2.55
N GLY A 260 -7.32 -23.17 1.30
CA GLY A 260 -6.14 -23.70 0.63
C GLY A 260 -5.01 -22.70 0.48
N VAL A 261 -5.31 -21.47 0.07
CA VAL A 261 -4.27 -20.47 -0.16
C VAL A 261 -3.51 -20.14 1.13
N LEU A 262 -4.17 -20.32 2.27
CA LEU A 262 -3.49 -20.11 3.55
C LEU A 262 -2.37 -21.12 3.72
N GLY A 263 -2.53 -22.29 3.13
CA GLY A 263 -1.50 -23.31 3.11
C GLY A 263 -0.31 -22.94 2.23
N ALA A 264 -0.57 -22.44 1.01
CA ALA A 264 0.54 -21.98 0.18
C ALA A 264 1.22 -20.77 0.83
N ALA A 265 0.40 -19.93 1.47
CA ALA A 265 0.91 -18.75 2.16
C ALA A 265 1.85 -19.09 3.31
N GLU A 266 1.43 -20.02 4.18
CA GLU A 266 2.27 -20.47 5.30
C GLU A 266 3.57 -21.06 4.80
N ASP A 267 3.47 -21.90 3.77
CA ASP A 267 4.64 -22.52 3.19
C ASP A 267 5.64 -21.45 2.79
N CYS A 268 5.16 -20.38 2.16
CA CYS A 268 6.03 -19.28 1.73
C CYS A 268 6.61 -18.54 2.92
N TRP A 269 5.75 -18.23 3.91
CA TRP A 269 6.17 -17.60 5.15
C TRP A 269 7.27 -18.42 5.83
N PHE A 270 7.03 -19.72 6.07
CA PHE A 270 8.02 -20.57 6.75
C PHE A 270 9.32 -20.64 5.96
N ARG A 271 9.20 -20.69 4.65
CA ARG A 271 10.39 -20.73 3.81
C ARG A 271 11.15 -19.41 3.91
N ALA A 272 10.43 -18.29 3.89
CA ALA A 272 11.08 -16.97 4.00
C ALA A 272 11.85 -16.81 5.31
N ARG A 273 11.26 -17.30 6.38
CA ARG A 273 11.85 -17.24 7.70
C ARG A 273 13.09 -18.09 7.82
N GLN A 274 12.96 -19.35 7.40
CA GLN A 274 14.08 -20.29 7.51
C GLN A 274 15.23 -19.87 6.60
N TYR A 275 14.89 -19.34 5.45
CA TYR A 275 15.87 -18.78 4.54
C TYR A 275 16.60 -17.56 5.16
N GLY A 276 15.85 -16.69 5.87
CA GLY A 276 16.41 -15.50 6.51
C GLY A 276 17.34 -15.81 7.67
N LEU A 277 17.11 -16.97 8.27
CA LEU A 277 17.92 -17.52 9.36
C LEU A 277 19.18 -18.19 8.82
N ASP A 278 19.09 -18.72 7.59
CA ASP A 278 20.21 -19.44 6.97
C ASP A 278 21.20 -18.56 6.21
N ARG A 279 20.73 -17.50 5.55
CA ARG A 279 21.62 -16.63 4.76
C ARG A 279 22.15 -15.50 5.62
N LYS A 280 23.48 -15.36 5.68
CA LYS A 280 24.04 -14.30 6.48
C LYS A 280 24.42 -13.19 5.53
N GLN A 281 24.39 -11.96 6.01
CA GLN A 281 24.87 -10.83 5.24
C GLN A 281 25.45 -9.83 6.21
N PHE A 282 26.63 -9.33 5.89
CA PHE A 282 27.39 -8.50 6.81
C PHE A 282 27.60 -9.29 8.09
N ASN A 283 27.85 -10.59 7.95
CA ASN A 283 28.09 -11.48 9.09
C ASN A 283 26.95 -11.57 10.11
N LYS A 284 25.72 -11.23 9.70
CA LYS A 284 24.53 -11.44 10.54
C LYS A 284 23.44 -12.09 9.68
N PRO A 285 22.59 -12.93 10.28
CA PRO A 285 21.52 -13.50 9.46
C PRO A 285 20.55 -12.39 9.00
N LEU A 286 19.97 -12.54 7.81
CA LEU A 286 19.05 -11.56 7.26
C LEU A 286 17.88 -11.29 8.19
N ALA A 287 17.39 -12.35 8.82
CA ALA A 287 16.22 -12.29 9.67
C ALA A 287 16.55 -11.62 11.00
N GLY A 288 17.78 -11.14 11.16
CA GLY A 288 18.11 -10.38 12.35
C GLY A 288 17.91 -8.89 12.15
N THR A 289 17.45 -8.51 10.96
CA THR A 289 17.26 -7.10 10.61
C THR A 289 15.81 -6.71 10.70
N GLN A 290 15.58 -5.44 10.96
CA GLN A 290 14.23 -4.90 11.15
C GLN A 290 13.32 -5.09 9.94
N LEU A 291 13.85 -4.79 8.74
CA LEU A 291 13.06 -4.87 7.53
C LEU A 291 12.59 -6.29 7.27
N TYR A 292 13.50 -7.24 7.46
CA TYR A 292 13.15 -8.63 7.26
C TYR A 292 12.12 -9.04 8.31
N GLN A 293 12.32 -8.61 9.55
CA GLN A 293 11.43 -9.01 10.62
C GLN A 293 10.03 -8.40 10.45
N LYS A 294 9.95 -7.15 9.96
CA LYS A 294 8.61 -6.55 9.76
C LYS A 294 7.74 -7.34 8.78
N LYS A 295 8.37 -7.79 7.69
CA LYS A 295 7.72 -8.61 6.67
C LYS A 295 7.22 -9.93 7.26
N LEU A 296 8.01 -10.55 8.12
CA LEU A 296 7.60 -11.78 8.82
C LEU A 296 6.43 -11.55 9.75
N ALA A 297 6.40 -10.37 10.37
CA ALA A 297 5.29 -10.06 11.26
C ALA A 297 4.03 -9.85 10.42
N ASP A 298 4.17 -9.21 9.26
CA ASP A 298 3.01 -9.03 8.39
C ASP A 298 2.47 -10.36 7.86
N MET A 299 3.36 -11.28 7.51
CA MET A 299 2.96 -12.60 7.04
C MET A 299 2.23 -13.35 8.15
N GLN A 300 2.86 -13.44 9.32
CA GLN A 300 2.28 -14.08 10.48
C GLN A 300 0.91 -13.55 10.83
N THR A 301 0.79 -12.22 10.83
CA THR A 301 -0.47 -11.55 11.20
C THR A 301 -1.59 -11.87 10.21
N GLU A 302 -1.32 -11.69 8.90
CA GLU A 302 -2.36 -11.85 7.88
C GLU A 302 -2.80 -13.29 7.77
N ILE A 303 -1.84 -14.19 7.96
CA ILE A 303 -2.18 -15.60 7.97
C ILE A 303 -3.06 -15.95 9.17
N ALA A 304 -2.76 -15.40 10.35
CA ALA A 304 -3.59 -15.71 11.52
C ALA A 304 -5.03 -15.21 11.33
N LEU A 305 -5.17 -14.03 10.72
CA LEU A 305 -6.50 -13.44 10.52
C LEU A 305 -7.30 -14.26 9.52
N GLY A 306 -6.62 -14.69 8.45
CA GLY A 306 -7.24 -15.46 7.40
C GLY A 306 -7.72 -16.80 7.93
N ILE A 307 -6.91 -17.38 8.80
CA ILE A 307 -7.28 -18.67 9.37
C ILE A 307 -8.51 -18.51 10.28
N GLN A 308 -8.53 -17.49 11.14
CA GLN A 308 -9.69 -17.31 12.01
C GLN A 308 -10.96 -17.07 11.22
N ALA A 309 -10.82 -16.45 10.04
CA ALA A 309 -11.98 -16.11 9.22
C ALA A 309 -12.56 -17.33 8.54
N SER A 310 -11.68 -18.09 7.90
CA SER A 310 -12.09 -19.28 7.18
C SER A 310 -12.66 -20.29 8.17
N LEU A 311 -12.07 -20.33 9.36
CA LEU A 311 -12.55 -21.21 10.42
C LEU A 311 -13.99 -20.85 10.83
N ARG A 312 -14.26 -19.56 11.01
CA ARG A 312 -15.59 -19.08 11.40
C ARG A 312 -16.61 -19.43 10.33
N VAL A 313 -16.24 -19.23 9.08
CA VAL A 313 -17.09 -19.56 7.96
C VAL A 313 -17.38 -21.08 7.86
N GLY A 314 -16.38 -21.90 8.10
CA GLY A 314 -16.58 -23.33 8.17
C GLY A 314 -17.58 -23.73 9.24
N ARG A 315 -17.47 -23.10 10.42
CA ARG A 315 -18.40 -23.37 11.50
C ARG A 315 -19.82 -22.97 11.10
N LEU A 316 -19.93 -21.86 10.35
CA LEU A 316 -21.22 -21.40 9.86
C LEU A 316 -21.80 -22.35 8.81
N PHE A 317 -20.93 -22.92 7.97
CA PHE A 317 -21.35 -23.96 7.03
C PHE A 317 -22.01 -25.08 7.80
N ASP A 318 -21.31 -25.58 8.82
CA ASP A 318 -21.77 -26.72 9.61
C ASP A 318 -23.08 -26.40 10.36
N GLU A 319 -23.28 -25.14 10.73
CA GLU A 319 -24.51 -24.76 11.41
C GLU A 319 -25.62 -24.52 10.39
N GLY A 320 -25.26 -24.60 9.11
CA GLY A 320 -26.21 -24.38 8.03
C GLY A 320 -26.54 -22.91 7.88
N LYS A 321 -25.63 -22.06 8.33
CA LYS A 321 -25.84 -20.63 8.33
C LYS A 321 -24.89 -19.89 7.39
N MET A 322 -24.37 -20.58 6.39
CA MET A 322 -23.47 -19.94 5.44
C MET A 322 -24.28 -19.06 4.50
N ALA A 323 -23.84 -17.82 4.34
CA ALA A 323 -24.37 -16.94 3.31
C ALA A 323 -23.26 -16.66 2.32
N PRO A 324 -23.57 -16.65 1.02
CA PRO A 324 -22.53 -16.52 -0.01
C PRO A 324 -21.65 -15.26 0.16
N GLU A 325 -22.19 -14.19 0.74
CA GLU A 325 -21.40 -12.97 0.91
C GLU A 325 -20.27 -13.20 1.90
N MET A 326 -20.47 -14.15 2.82
CA MET A 326 -19.39 -14.55 3.71
C MET A 326 -18.23 -15.13 2.91
N ILE A 327 -18.54 -15.95 1.92
CA ILE A 327 -17.50 -16.59 1.13
C ILE A 327 -16.72 -15.56 0.32
N SER A 328 -17.42 -14.55 -0.20
CA SER A 328 -16.78 -13.45 -0.87
C SER A 328 -15.74 -12.74 0.03
N ILE A 329 -16.06 -12.54 1.30
CA ILE A 329 -15.12 -11.90 2.21
C ILE A 329 -13.83 -12.70 2.34
N VAL A 330 -13.94 -13.99 2.69
CA VAL A 330 -12.73 -14.81 2.90
C VAL A 330 -12.02 -15.24 1.61
N LYS A 331 -12.77 -15.53 0.54
CA LYS A 331 -12.11 -15.92 -0.69
C LYS A 331 -11.25 -14.76 -1.18
N ARG A 332 -11.88 -13.59 -1.31
CA ARG A 332 -11.18 -12.41 -1.76
C ARG A 332 -10.03 -12.04 -0.83
N ASN A 333 -10.31 -11.98 0.48
CA ASN A 333 -9.25 -11.57 1.40
C ASN A 333 -8.06 -12.53 1.41
N ASN A 334 -8.30 -13.81 1.59
CA ASN A 334 -7.22 -14.76 1.73
C ASN A 334 -6.43 -14.92 0.43
N CYS A 335 -7.13 -14.92 -0.70
CA CYS A 335 -6.44 -15.02 -1.97
C CYS A 335 -5.57 -13.80 -2.17
N GLY A 336 -6.12 -12.63 -1.87
CA GLY A 336 -5.34 -11.40 -1.97
C GLY A 336 -4.15 -11.39 -1.03
N LYS A 337 -4.38 -11.72 0.23
CA LYS A 337 -3.33 -11.71 1.24
C LYS A 337 -2.27 -12.82 1.04
N ALA A 338 -2.69 -14.00 0.60
CA ALA A 338 -1.72 -15.07 0.36
C ALA A 338 -0.81 -14.70 -0.80
N LEU A 339 -1.42 -14.12 -1.82
CA LEU A 339 -0.66 -13.75 -3.01
C LEU A 339 0.39 -12.70 -2.66
N ASP A 340 0.04 -11.76 -1.79
CA ASP A 340 0.99 -10.76 -1.34
C ASP A 340 2.11 -11.39 -0.54
N ILE A 341 1.77 -12.39 0.28
CA ILE A 341 2.78 -13.04 1.09
C ILE A 341 3.73 -13.76 0.18
N ALA A 342 3.18 -14.48 -0.78
CA ALA A 342 4.01 -15.20 -1.74
C ALA A 342 4.89 -14.19 -2.47
N ARG A 343 4.32 -13.06 -2.86
CA ARG A 343 5.10 -12.05 -3.58
C ARG A 343 6.21 -11.47 -2.71
N GLN A 344 5.87 -11.18 -1.47
CA GLN A 344 6.84 -10.64 -0.54
C GLN A 344 7.93 -11.66 -0.28
N ALA A 345 7.56 -12.94 -0.17
CA ALA A 345 8.53 -14.01 0.08
C ALA A 345 9.53 -14.12 -1.07
N ARG A 346 9.03 -14.09 -2.31
CA ARG A 346 9.86 -14.11 -3.50
C ARG A 346 10.83 -12.95 -3.48
N ASP A 347 10.32 -11.75 -3.23
CA ASP A 347 11.11 -10.54 -3.21
C ASP A 347 12.18 -10.57 -2.11
N MET A 348 12.01 -11.45 -1.13
CA MET A 348 12.96 -11.58 -0.01
C MET A 348 14.12 -12.50 -0.34
N HIS A 349 14.01 -13.23 -1.45
CA HIS A 349 15.08 -14.15 -1.87
C HIS A 349 16.13 -13.53 -2.80
N GLY A 350 16.59 -12.33 -2.44
CA GLY A 350 17.74 -11.65 -3.03
C GLY A 350 18.72 -12.54 -3.77
N TYR A 358 13.05 -21.95 -4.87
CA TYR A 358 12.36 -22.64 -5.96
C TYR A 358 10.88 -22.78 -5.66
N HIS A 359 10.57 -23.26 -4.46
CA HIS A 359 9.20 -23.50 -4.02
C HIS A 359 8.41 -22.21 -3.79
N VAL A 360 9.10 -21.15 -3.34
CA VAL A 360 8.46 -19.85 -3.16
C VAL A 360 8.05 -19.27 -4.51
N MET A 361 8.91 -19.41 -5.52
CA MET A 361 8.58 -18.90 -6.85
C MET A 361 7.39 -19.68 -7.44
N ARG A 362 7.36 -20.98 -7.21
CA ARG A 362 6.26 -21.83 -7.69
C ARG A 362 4.91 -21.40 -7.11
N HIS A 363 4.82 -21.26 -5.78
CA HIS A 363 3.57 -20.84 -5.12
C HIS A 363 3.11 -19.50 -5.62
N ALA A 364 4.04 -18.56 -5.73
CA ALA A 364 3.73 -17.21 -6.16
C ALA A 364 3.06 -17.20 -7.54
N GLN A 365 3.60 -17.97 -8.49
CA GLN A 365 3.00 -18.10 -9.83
C GLN A 365 1.63 -18.81 -9.75
N ASN A 366 1.51 -19.84 -8.92
CA ASN A 366 0.22 -20.49 -8.70
C ASN A 366 -0.86 -19.57 -8.16
N LEU A 367 -0.52 -18.81 -7.12
CA LEU A 367 -1.48 -17.96 -6.41
C LEU A 367 -1.98 -16.79 -7.27
N GLU A 368 -1.21 -16.38 -8.25
CA GLU A 368 -1.67 -15.32 -9.15
C GLU A 368 -2.82 -15.80 -10.02
N THR A 369 -2.77 -17.05 -10.43
CA THR A 369 -3.86 -17.65 -11.20
C THR A 369 -5.08 -17.90 -10.32
N VAL A 370 -4.82 -18.35 -9.11
CA VAL A 370 -5.88 -18.62 -8.17
C VAL A 370 -6.62 -17.32 -7.82
N ASN A 371 -5.89 -16.22 -7.70
CA ASN A 371 -6.52 -14.94 -7.38
C ASN A 371 -7.37 -14.44 -8.54
N THR A 372 -6.98 -14.84 -9.75
CA THR A 372 -7.68 -14.51 -10.98
C THR A 372 -9.03 -15.22 -11.16
N TYR A 373 -9.04 -16.53 -10.91
CA TYR A 373 -10.20 -17.36 -11.24
C TYR A 373 -11.19 -17.48 -10.08
N GLU A 374 -12.38 -17.99 -10.38
CA GLU A 374 -13.47 -18.18 -9.40
C GLU A 374 -13.89 -16.84 -8.77
N GLY A 375 -13.88 -15.80 -9.60
CA GLY A 375 -14.25 -14.46 -9.21
C GLY A 375 -13.02 -13.65 -8.83
N THR A 376 -12.80 -12.54 -9.52
CA THR A 376 -11.63 -11.72 -9.25
C THR A 376 -11.84 -10.94 -7.96
N HIS A 377 -10.76 -10.36 -7.46
CA HIS A 377 -10.80 -9.54 -6.26
C HIS A 377 -11.90 -8.46 -6.37
N ASP A 378 -11.92 -7.76 -7.49
CA ASP A 378 -12.85 -6.64 -7.64
C ASP A 378 -14.32 -7.08 -7.69
N VAL A 379 -14.59 -8.23 -8.33
CA VAL A 379 -15.97 -8.73 -8.43
C VAL A 379 -16.51 -9.05 -7.03
N HIS A 380 -15.68 -9.68 -6.21
CA HIS A 380 -16.10 -9.93 -4.85
C HIS A 380 -16.24 -8.61 -4.08
N ALA A 381 -15.43 -7.60 -4.42
CA ALA A 381 -15.64 -6.30 -3.79
C ALA A 381 -17.02 -5.78 -4.19
N LEU A 382 -17.35 -5.88 -5.48
CA LEU A 382 -18.63 -5.36 -5.93
C LEU A 382 -19.78 -6.21 -5.42
N ILE A 383 -19.53 -7.50 -5.15
CA ILE A 383 -20.54 -8.33 -4.51
C ILE A 383 -20.81 -7.84 -3.08
N LEU A 384 -19.74 -7.57 -2.34
CA LEU A 384 -19.91 -7.05 -1.00
C LEU A 384 -20.51 -5.63 -1.00
N GLY A 385 -20.11 -4.81 -1.97
CA GLY A 385 -20.62 -3.46 -2.09
C GLY A 385 -22.12 -3.43 -2.31
N ARG A 386 -22.60 -4.30 -3.18
CA ARG A 386 -24.03 -4.34 -3.45
C ARG A 386 -24.80 -4.78 -2.21
N ALA A 387 -24.22 -5.69 -1.44
CA ALA A 387 -24.90 -6.19 -0.24
C ALA A 387 -25.01 -5.14 0.87
N GLN A 388 -24.14 -4.14 0.84
CA GLN A 388 -24.19 -3.05 1.83
C GLN A 388 -25.12 -1.90 1.43
N THR A 389 -25.20 -1.66 0.13
CA THR A 389 -25.79 -0.43 -0.36
C THR A 389 -27.13 -0.67 -1.03
N GLY A 390 -27.34 -1.90 -1.47
CA GLY A 390 -28.51 -2.24 -2.23
C GLY A 390 -28.39 -1.75 -3.66
N ILE A 391 -27.20 -1.29 -4.03
CA ILE A 391 -26.96 -0.81 -5.39
C ILE A 391 -25.94 -1.68 -6.10
N GLN A 392 -26.26 -2.10 -7.32
CA GLN A 392 -25.29 -2.85 -8.10
C GLN A 392 -24.41 -1.87 -8.87
N ALA A 393 -23.10 -2.11 -8.85
CA ALA A 393 -22.15 -1.25 -9.55
C ALA A 393 -21.39 -2.00 -10.64
N PHE A 394 -21.90 -3.17 -11.03
CA PHE A 394 -21.25 -3.97 -12.06
C PHE A 394 -21.38 -3.27 -13.41
N PHE A 395 -22.55 -2.68 -13.65
CA PHE A 395 -22.75 -1.87 -14.84
C PHE A 395 -23.67 -0.69 -14.54
N ARG B 4 -31.86 -16.35 -0.55
CA ARG B 4 -30.99 -17.46 -0.18
C ARG B 4 -30.97 -17.60 1.34
N ALA B 5 -29.77 -17.69 1.91
CA ALA B 5 -29.60 -17.73 3.36
C ALA B 5 -29.41 -16.30 3.87
N ALA B 6 -29.76 -16.05 5.13
CA ALA B 6 -29.70 -14.71 5.69
C ALA B 6 -28.27 -14.16 5.78
N PHE B 7 -28.11 -12.90 5.43
CA PHE B 7 -26.80 -12.26 5.58
C PHE B 7 -26.97 -10.87 6.20
N ALA B 8 -26.22 -10.59 7.26
CA ALA B 8 -26.19 -9.26 7.84
C ALA B 8 -24.89 -8.55 7.47
N TRP B 9 -24.97 -7.54 6.60
CA TRP B 9 -23.75 -6.84 6.16
C TRP B 9 -23.10 -6.14 7.36
N GLU B 10 -23.93 -5.76 8.32
CA GLU B 10 -23.45 -5.05 9.49
C GLU B 10 -22.69 -5.99 10.43
N ASP B 11 -22.90 -7.30 10.27
CA ASP B 11 -22.23 -8.31 11.08
C ASP B 11 -21.95 -9.57 10.24
N PRO B 12 -21.00 -9.49 9.31
CA PRO B 12 -20.85 -10.54 8.30
C PRO B 12 -20.72 -11.95 8.87
N PHE B 13 -19.98 -12.09 9.98
CA PHE B 13 -19.70 -13.41 10.52
C PHE B 13 -20.53 -13.74 11.76
N LEU B 14 -21.58 -12.95 12.01
CA LEU B 14 -22.46 -13.22 13.13
C LEU B 14 -21.75 -13.35 14.47
N LEU B 15 -21.09 -12.26 14.86
CA LEU B 15 -20.47 -12.14 16.17
C LEU B 15 -21.49 -12.38 17.25
N GLU B 16 -22.71 -11.88 16.99
CA GLU B 16 -23.83 -11.96 17.89
C GLU B 16 -24.09 -13.39 18.37
N GLU B 17 -23.82 -14.38 17.51
CA GLU B 17 -23.98 -15.79 17.86
C GLU B 17 -22.73 -16.44 18.44
N GLN B 18 -21.67 -15.66 18.62
CA GLN B 18 -20.41 -16.13 19.23
C GLN B 18 -20.30 -15.63 20.67
N LEU B 19 -21.27 -14.81 21.07
CA LEU B 19 -21.27 -14.21 22.39
C LEU B 19 -22.23 -14.94 23.32
N THR B 20 -21.88 -14.96 24.60
CA THR B 20 -22.81 -15.47 25.61
C THR B 20 -23.94 -14.46 25.83
N GLU B 21 -24.99 -14.90 26.54
CA GLU B 21 -26.10 -14.01 26.84
C GLU B 21 -25.63 -12.89 27.77
N ASP B 22 -24.78 -13.22 28.75
CA ASP B 22 -24.22 -12.20 29.65
C ASP B 22 -23.32 -11.22 28.91
N GLU B 23 -22.54 -11.72 27.96
CA GLU B 23 -21.67 -10.85 27.15
C GLU B 23 -22.53 -9.92 26.29
N ARG B 24 -23.61 -10.44 25.70
CA ARG B 24 -24.49 -9.60 24.89
C ARG B 24 -25.19 -8.52 25.75
N MET B 25 -25.63 -8.89 26.97
CA MET B 25 -26.30 -7.98 27.90
C MET B 25 -25.40 -6.84 28.35
N ILE B 26 -24.15 -7.13 28.66
CA ILE B 26 -23.23 -6.07 29.09
C ILE B 26 -22.89 -5.14 27.92
N ARG B 27 -22.82 -5.70 26.71
CA ARG B 27 -22.64 -4.87 25.53
C ARG B 27 -23.83 -3.94 25.29
N ASP B 28 -25.05 -4.47 25.42
CA ASP B 28 -26.22 -3.62 25.25
C ASP B 28 -26.16 -2.49 26.27
N SER B 29 -25.66 -2.84 27.45
CA SER B 29 -25.53 -1.90 28.54
C SER B 29 -24.49 -0.84 28.21
N ALA B 30 -23.36 -1.27 27.66
CA ALA B 30 -22.32 -0.33 27.26
C ALA B 30 -22.88 0.56 26.16
N LYS B 31 -23.59 -0.06 25.23
CA LYS B 31 -24.19 0.66 24.11
C LYS B 31 -25.22 1.71 24.55
N ALA B 32 -26.03 1.39 25.55
CA ALA B 32 -27.00 2.38 26.05
C ALA B 32 -26.30 3.54 26.70
N PHE B 33 -25.25 3.24 27.46
CA PHE B 33 -24.47 4.29 28.10
C PHE B 33 -23.81 5.18 27.05
N ALA B 34 -23.21 4.58 26.03
CA ALA B 34 -22.55 5.35 25.00
C ALA B 34 -23.49 6.32 24.24
N SER B 35 -24.67 5.86 23.88
CA SER B 35 -25.56 6.70 23.12
C SER B 35 -26.26 7.73 24.03
N ASP B 36 -26.68 7.33 25.23
CA ASP B 36 -27.43 8.23 26.11
C ASP B 36 -26.54 9.26 26.85
N VAL B 37 -25.31 8.89 27.17
CA VAL B 37 -24.46 9.76 27.99
C VAL B 37 -23.23 10.28 27.24
N LEU B 38 -22.49 9.41 26.57
CA LEU B 38 -21.24 9.80 25.90
C LEU B 38 -21.50 10.57 24.60
N LEU B 39 -22.41 10.05 23.77
CA LEU B 39 -22.66 10.67 22.47
C LEU B 39 -23.12 12.14 22.54
N PRO B 40 -23.99 12.49 23.52
CA PRO B 40 -24.34 13.90 23.60
C PRO B 40 -23.12 14.79 23.94
N ARG B 41 -22.16 14.25 24.68
CA ARG B 41 -20.96 15.02 25.01
C ARG B 41 -20.05 15.35 23.81
N VAL B 42 -19.81 14.39 22.94
CA VAL B 42 -18.90 14.59 21.79
C VAL B 42 -19.49 15.52 20.76
N GLU B 43 -20.78 15.83 20.92
CA GLU B 43 -21.44 16.68 19.97
C GLU B 43 -21.47 18.12 20.51
N LYS B 44 -20.65 18.35 21.55
CA LYS B 44 -20.60 19.65 22.22
C LYS B 44 -19.23 19.86 22.88
N GLU B 48 -15.13 19.26 25.63
CA GLU B 48 -14.14 18.85 24.64
C GLU B 48 -12.74 18.92 25.24
N GLU B 49 -12.33 20.13 25.61
CA GLU B 49 -11.04 20.38 26.26
C GLU B 49 -11.28 20.68 27.73
N THR B 50 -12.24 19.97 28.31
CA THR B 50 -12.64 20.18 29.69
C THR B 50 -12.43 18.93 30.52
N THR B 51 -11.72 19.07 31.62
CA THR B 51 -11.54 17.93 32.51
C THR B 51 -12.70 17.87 33.47
N ASP B 52 -13.40 16.73 33.47
CA ASP B 52 -14.63 16.51 34.23
C ASP B 52 -14.56 15.15 34.92
N PRO B 53 -14.14 15.15 36.19
CA PRO B 53 -13.96 13.97 37.03
C PRO B 53 -15.22 13.16 37.25
N GLU B 54 -16.40 13.79 37.14
CA GLU B 54 -17.66 13.11 37.35
C GLU B 54 -18.00 12.04 36.29
N LEU B 55 -17.40 12.16 35.11
CA LEU B 55 -17.69 11.19 34.06
C LEU B 55 -17.24 9.79 34.49
N PHE B 56 -16.20 9.73 35.32
CA PHE B 56 -15.73 8.50 35.91
C PHE B 56 -16.81 7.88 36.79
N HIS B 57 -17.51 8.73 37.54
CA HIS B 57 -18.60 8.26 38.37
C HIS B 57 -19.74 7.79 37.50
N LEU B 58 -19.99 8.48 36.39
CA LEU B 58 -21.08 8.03 35.51
C LEU B 58 -20.76 6.63 34.95
N MET B 59 -19.53 6.43 34.47
CA MET B 59 -19.16 5.13 33.94
C MET B 59 -19.27 4.04 35.00
N GLY B 60 -18.79 4.35 36.19
CA GLY B 60 -18.80 3.40 37.27
C GLY B 60 -20.21 3.04 37.65
N GLN B 61 -21.10 4.04 37.71
CA GLN B 61 -22.48 3.77 38.10
C GLN B 61 -23.16 2.95 37.03
N ALA B 62 -22.75 3.16 35.79
CA ALA B 62 -23.29 2.37 34.67
C ALA B 62 -22.71 0.95 34.68
N GLY B 63 -21.69 0.75 35.51
CA GLY B 63 -21.08 -0.56 35.73
C GLY B 63 -20.05 -0.97 34.69
N LEU B 64 -19.42 0.02 34.05
CA LEU B 64 -18.53 -0.28 32.95
C LEU B 64 -17.07 -0.24 33.36
N LEU B 65 -16.84 -0.08 34.66
CA LEU B 65 -15.49 -0.08 35.21
C LEU B 65 -15.22 -1.40 35.90
N GLY B 66 -14.08 -2.01 35.53
CA GLY B 66 -13.65 -3.28 36.09
C GLY B 66 -14.66 -4.39 35.92
N VAL B 67 -15.14 -4.59 34.70
CA VAL B 67 -16.16 -5.59 34.38
C VAL B 67 -15.69 -7.03 34.64
N THR B 68 -14.38 -7.26 34.57
CA THR B 68 -13.88 -8.62 34.77
C THR B 68 -13.75 -8.95 36.27
N LEU B 69 -13.92 -7.93 37.11
CA LEU B 69 -13.69 -8.09 38.54
C LEU B 69 -14.89 -8.71 39.25
N PRO B 70 -14.63 -9.41 40.38
CA PRO B 70 -15.65 -10.08 41.18
C PRO B 70 -16.80 -9.19 41.63
N GLU B 71 -17.98 -9.80 41.81
CA GLU B 71 -19.17 -9.13 42.31
C GLU B 71 -19.01 -8.65 43.77
N ASP B 72 -18.03 -9.20 44.48
CA ASP B 72 -17.76 -8.79 45.86
C ASP B 72 -17.38 -7.31 45.96
N TYR B 73 -16.95 -6.74 44.84
CA TYR B 73 -16.57 -5.33 44.80
C TYR B 73 -17.58 -4.53 44.01
N GLY B 74 -18.68 -5.17 43.65
CA GLY B 74 -19.71 -4.51 42.86
C GLY B 74 -19.40 -4.50 41.37
N ALA B 75 -18.39 -5.27 40.96
CA ALA B 75 -17.99 -5.42 39.56
C ALA B 75 -18.92 -6.46 38.87
N ALA B 76 -18.89 -6.49 37.54
CA ALA B 76 -19.83 -7.30 36.77
C ALA B 76 -19.49 -8.79 36.69
N ASN B 77 -18.28 -9.14 37.12
CA ASN B 77 -17.78 -10.51 37.03
C ASN B 77 -17.93 -11.07 35.61
N ALA B 78 -17.54 -10.26 34.62
CA ALA B 78 -17.72 -10.63 33.22
C ALA B 78 -16.42 -11.15 32.61
N SER B 79 -16.51 -11.63 31.38
CA SER B 79 -15.35 -12.19 30.68
C SER B 79 -14.49 -11.09 30.09
N TYR B 80 -13.28 -11.45 29.68
CA TYR B 80 -12.40 -10.53 28.97
C TYR B 80 -12.97 -10.18 27.60
N VAL B 81 -13.75 -11.09 27.03
CA VAL B 81 -14.50 -10.79 25.81
C VAL B 81 -15.47 -9.63 26.06
N ALA B 82 -16.19 -9.71 27.19
CA ALA B 82 -17.14 -8.67 27.59
C ALA B 82 -16.42 -7.35 27.82
N TYR B 83 -15.25 -7.43 28.45
CA TYR B 83 -14.45 -6.26 28.63
C TYR B 83 -14.18 -5.63 27.27
N GLY B 84 -13.79 -6.46 26.30
CA GLY B 84 -13.54 -5.98 24.94
C GLY B 84 -14.75 -5.35 24.28
N LEU B 85 -15.90 -5.99 24.41
CA LEU B 85 -17.13 -5.46 23.86
C LEU B 85 -17.45 -4.06 24.42
N VAL B 86 -17.19 -3.87 25.71
CA VAL B 86 -17.48 -2.57 26.34
C VAL B 86 -16.59 -1.46 25.77
N ALA B 87 -15.30 -1.76 25.64
CA ALA B 87 -14.35 -0.84 25.04
C ALA B 87 -14.85 -0.44 23.64
N ARG B 88 -15.31 -1.45 22.90
CA ARG B 88 -15.76 -1.24 21.53
C ARG B 88 -16.96 -0.31 21.48
N GLU B 89 -17.92 -0.55 22.36
CA GLU B 89 -19.14 0.26 22.39
C GLU B 89 -18.82 1.69 22.79
N VAL B 90 -17.78 1.85 23.61
CA VAL B 90 -17.33 3.14 24.16
C VAL B 90 -16.42 3.94 23.22
N GLU B 91 -15.40 3.27 22.65
CA GLU B 91 -14.51 3.95 21.70
C GLU B 91 -15.24 4.26 20.39
N ARG B 92 -16.31 3.51 20.11
CA ARG B 92 -17.17 3.80 18.99
C ARG B 92 -17.60 5.27 19.05
N ILE B 93 -17.81 5.77 20.27
CA ILE B 93 -18.12 7.17 20.45
C ILE B 93 -16.81 7.97 20.49
N ASP B 94 -15.90 7.67 21.42
CA ASP B 94 -14.60 8.37 21.38
C ASP B 94 -13.48 7.64 22.15
N SER B 95 -12.27 7.65 21.59
CA SER B 95 -11.14 6.92 22.16
C SER B 95 -10.80 7.39 23.55
N GLY B 96 -11.04 8.68 23.82
CA GLY B 96 -10.75 9.23 25.13
C GLY B 96 -11.57 8.53 26.21
N TYR B 97 -12.83 8.21 25.90
CA TYR B 97 -13.68 7.55 26.87
C TYR B 97 -13.22 6.11 27.05
N ARG B 98 -12.79 5.45 25.97
CA ARG B 98 -12.23 4.10 26.12
C ARG B 98 -10.97 4.14 26.94
N SER B 99 -10.20 5.21 26.75
CA SER B 99 -8.96 5.38 27.46
C SER B 99 -9.20 5.53 28.96
N MET B 100 -10.34 6.13 29.33
CA MET B 100 -10.68 6.22 30.75
C MET B 100 -10.71 4.86 31.37
N MET B 101 -11.31 3.93 30.65
CA MET B 101 -11.54 2.57 31.13
CA MET B 101 -11.53 2.58 31.18
C MET B 101 -10.26 1.73 31.12
N SER B 102 -9.44 1.91 30.09
CA SER B 102 -8.21 1.15 30.02
C SER B 102 -7.41 1.38 31.28
N VAL B 103 -7.30 2.66 31.61
CA VAL B 103 -6.49 3.11 32.73
C VAL B 103 -7.11 2.63 34.00
N GLN B 104 -8.38 2.96 34.20
CA GLN B 104 -9.05 2.63 35.44
C GLN B 104 -9.09 1.11 35.68
N SER B 105 -9.41 0.34 34.64
CA SER B 105 -9.67 -1.10 34.81
C SER B 105 -8.40 -1.95 34.78
N SER B 106 -7.59 -1.78 33.73
CA SER B 106 -6.42 -2.62 33.49
C SER B 106 -5.13 -2.08 34.10
N LEU B 107 -5.02 -0.76 34.28
CA LEU B 107 -3.80 -0.19 34.85
C LEU B 107 -3.92 0.09 36.36
N VAL B 108 -5.14 0.13 36.88
CA VAL B 108 -5.29 0.42 38.30
C VAL B 108 -5.98 -0.75 39.02
N MET B 109 -7.16 -1.16 38.56
CA MET B 109 -7.88 -2.22 39.26
C MET B 109 -7.22 -3.57 39.06
N TYR B 110 -6.73 -3.83 37.87
CA TYR B 110 -6.13 -5.12 37.65
C TYR B 110 -4.93 -5.34 38.61
N PRO B 111 -3.97 -4.39 38.69
CA PRO B 111 -2.87 -4.68 39.62
C PRO B 111 -3.27 -4.71 41.10
N ILE B 112 -4.23 -3.88 41.51
CA ILE B 112 -4.61 -3.91 42.90
C ILE B 112 -5.26 -5.27 43.17
N TYR B 113 -6.13 -5.72 42.28
CA TYR B 113 -6.82 -7.00 42.48
C TYR B 113 -5.85 -8.17 42.35
N ALA B 114 -5.09 -8.22 41.26
CA ALA B 114 -4.23 -9.36 41.00
C ALA B 114 -3.03 -9.46 41.94
N TYR B 115 -2.43 -8.33 42.30
CA TYR B 115 -1.18 -8.37 43.09
C TYR B 115 -1.34 -7.91 44.54
N GLY B 116 -2.55 -7.51 44.91
CA GLY B 116 -2.77 -6.89 46.21
C GLY B 116 -3.30 -7.83 47.28
N SER B 117 -3.29 -7.34 48.52
CA SER B 117 -3.81 -8.10 49.66
C SER B 117 -5.31 -7.95 49.70
N ASP B 118 -5.95 -8.75 50.55
CA ASP B 118 -7.38 -8.62 50.75
C ASP B 118 -7.69 -7.26 51.36
N GLU B 119 -6.81 -6.77 52.23
CA GLU B 119 -6.98 -5.46 52.84
C GLU B 119 -7.01 -4.38 51.75
N GLN B 120 -6.08 -4.48 50.81
CA GLN B 120 -6.01 -3.55 49.68
C GLN B 120 -7.20 -3.71 48.73
N ARG B 121 -7.60 -4.95 48.48
CA ARG B 121 -8.74 -5.24 47.61
C ARG B 121 -9.99 -4.60 48.20
N LYS B 122 -10.19 -4.78 49.50
CA LYS B 122 -11.40 -4.32 50.16
C LYS B 122 -11.47 -2.81 50.23
N LYS B 123 -10.32 -2.19 50.46
CA LYS B 123 -10.23 -0.74 50.63
C LYS B 123 -10.44 0.01 49.33
N TYR B 124 -9.76 -0.44 48.29
CA TYR B 124 -9.67 0.35 47.08
C TYR B 124 -10.64 -0.04 45.97
N LEU B 125 -10.89 -1.34 45.78
CA LEU B 125 -11.68 -1.77 44.62
C LEU B 125 -13.12 -1.26 44.53
N PRO B 126 -13.89 -1.33 45.65
CA PRO B 126 -15.28 -0.86 45.51
C PRO B 126 -15.41 0.59 45.01
N GLY B 127 -14.56 1.50 45.49
CA GLY B 127 -14.60 2.89 45.08
C GLY B 127 -14.14 3.10 43.65
N LEU B 128 -13.17 2.30 43.21
CA LEU B 128 -12.67 2.36 41.85
C LEU B 128 -13.72 1.79 40.89
N VAL B 129 -14.39 0.71 41.29
CA VAL B 129 -15.45 0.14 40.46
C VAL B 129 -16.59 1.15 40.25
N SER B 130 -17.03 1.80 41.32
CA SER B 130 -18.14 2.75 41.21
C SER B 130 -17.71 4.08 40.58
N GLY B 131 -16.41 4.33 40.52
CA GLY B 131 -15.91 5.57 39.95
C GLY B 131 -15.84 6.73 40.92
N GLU B 132 -16.11 6.47 42.19
CA GLU B 132 -15.90 7.50 43.21
C GLU B 132 -14.40 7.72 43.45
N LEU B 133 -13.59 6.69 43.18
CA LEU B 133 -12.15 6.87 43.20
C LEU B 133 -11.62 6.81 41.77
N ILE B 134 -10.68 7.69 41.47
CA ILE B 134 -10.03 7.71 40.18
C ILE B 134 -8.61 7.26 40.44
N GLY B 135 -8.09 6.40 39.58
CA GLY B 135 -6.75 5.90 39.80
C GLY B 135 -5.82 6.24 38.67
N CYS B 136 -4.53 6.10 38.92
CA CYS B 136 -3.56 6.20 37.87
C CYS B 136 -2.40 5.21 38.07
N PHE B 137 -1.60 5.04 37.02
CA PHE B 137 -0.60 3.97 36.89
C PHE B 137 0.75 4.59 36.63
N GLY B 138 1.68 4.44 37.58
CA GLY B 138 2.97 5.10 37.52
C GLY B 138 4.17 4.21 37.23
N LEU B 139 4.59 4.16 35.97
CA LEU B 139 5.74 3.33 35.62
C LEU B 139 6.79 4.15 34.88
N THR B 140 6.35 4.81 33.81
CA THR B 140 7.25 5.52 32.93
C THR B 140 7.89 6.77 33.57
N GLU B 141 9.19 6.93 33.31
CA GLU B 141 9.97 8.04 33.83
C GLU B 141 10.60 8.81 32.67
N PRO B 142 11.00 10.08 32.91
CA PRO B 142 11.61 10.90 31.84
C PRO B 142 12.80 10.27 31.14
N ASP B 143 13.49 9.37 31.82
CA ASP B 143 14.70 8.72 31.29
C ASP B 143 14.47 8.11 29.91
N PRO B 148 12.26 0.35 31.16
CA PRO B 148 11.65 0.62 32.47
C PRO B 148 12.44 -0.07 33.55
N ALA B 149 13.48 -0.76 33.14
CA ALA B 149 14.31 -1.52 34.06
C ALA B 149 15.24 -0.61 34.85
N GLY B 150 15.83 0.37 34.17
CA GLY B 150 16.67 1.35 34.85
C GLY B 150 15.82 2.48 35.40
N MET B 151 14.87 2.08 36.24
CA MET B 151 13.93 3.00 36.87
C MET B 151 14.65 3.73 37.99
N LYS B 152 14.40 5.02 38.14
CA LYS B 152 15.13 5.73 39.18
C LYS B 152 14.28 5.89 40.44
N THR B 153 12.95 5.78 40.30
CA THR B 153 12.07 5.90 41.47
C THR B 153 12.39 4.80 42.44
N ARG B 154 12.63 5.20 43.69
CA ARG B 154 13.07 4.26 44.72
C ARG B 154 12.22 4.28 45.97
N ALA B 155 12.25 3.16 46.69
CA ALA B 155 11.52 2.98 47.93
C ALA B 155 12.47 2.59 49.03
N GLU B 156 12.88 3.58 49.82
CA GLU B 156 13.79 3.32 50.92
C GLU B 156 12.99 2.60 52.00
N LYS B 157 13.59 1.59 52.60
CA LYS B 157 12.95 0.97 53.75
C LYS B 157 13.11 1.92 54.93
N ILE B 158 12.01 2.22 55.60
CA ILE B 158 12.03 3.09 56.77
C ILE B 158 11.27 2.42 57.91
N ASP B 159 11.55 2.82 59.15
CA ASP B 159 10.88 2.27 60.32
C ASP B 159 9.36 2.42 60.18
N GLY B 160 8.67 1.30 59.99
CA GLY B 160 7.23 1.30 59.90
C GLY B 160 6.66 1.35 58.50
N GLY B 161 7.52 1.29 57.48
CA GLY B 161 7.05 1.27 56.11
C GLY B 161 8.10 1.53 55.04
N TYR B 162 7.73 2.34 54.06
CA TYR B 162 8.59 2.68 52.95
C TYR B 162 8.57 4.19 52.74
N ARG B 163 9.64 4.71 52.16
CA ARG B 163 9.62 6.11 51.77
C ARG B 163 9.93 6.17 50.28
N LEU B 164 8.97 6.65 49.52
CA LEU B 164 9.08 6.74 48.08
C LEU B 164 9.49 8.13 47.64
N SER B 165 10.50 8.18 46.78
CA SER B 165 10.95 9.41 46.14
C SER B 165 11.28 9.14 44.68
N GLY B 166 10.92 10.09 43.83
CA GLY B 166 11.16 9.94 42.42
C GLY B 166 10.08 10.62 41.62
N SER B 167 10.21 10.57 40.31
CA SER B 167 9.22 11.25 39.50
C SER B 167 8.77 10.41 38.32
N LYS B 168 7.46 10.20 38.23
CA LYS B 168 6.86 9.53 37.07
C LYS B 168 6.39 10.57 36.07
N MET B 169 6.45 10.22 34.77
CA MET B 169 6.07 11.16 33.72
C MET B 169 5.08 10.58 32.70
N TRP B 170 4.29 11.46 32.08
CA TRP B 170 3.27 11.09 31.12
C TRP B 170 2.24 10.12 31.72
N ILE B 171 1.74 10.44 32.91
CA ILE B 171 0.81 9.57 33.62
C ILE B 171 -0.63 10.02 33.41
N SER B 172 -1.44 9.16 32.81
CA SER B 172 -2.84 9.44 32.54
C SER B 172 -3.66 9.62 33.81
N ASN B 173 -4.36 10.75 33.87
CA ASN B 173 -5.26 11.09 34.96
C ASN B 173 -4.58 11.33 36.28
N SER B 174 -3.25 11.42 36.30
CA SER B 174 -2.61 11.62 37.58
C SER B 174 -3.13 12.90 38.27
N PRO B 175 -3.37 14.00 37.51
CA PRO B 175 -3.79 15.16 38.32
C PRO B 175 -5.22 15.08 38.93
N ILE B 176 -6.05 14.14 38.51
CA ILE B 176 -7.40 14.06 39.07
C ILE B 176 -7.59 12.79 39.87
N ALA B 177 -6.48 12.11 40.11
CA ALA B 177 -6.46 10.77 40.71
C ALA B 177 -6.50 10.73 42.25
N ASP B 178 -7.20 9.72 42.77
CA ASP B 178 -7.23 9.44 44.22
C ASP B 178 -6.31 8.32 44.64
N VAL B 179 -6.09 7.38 43.74
CA VAL B 179 -5.35 6.16 44.02
C VAL B 179 -4.19 6.09 43.06
N PHE B 180 -3.00 5.82 43.58
CA PHE B 180 -1.80 5.84 42.75
C PHE B 180 -1.11 4.48 42.84
N VAL B 181 -1.08 3.74 41.73
CA VAL B 181 -0.30 2.50 41.66
C VAL B 181 1.06 2.82 41.08
N VAL B 182 2.05 2.86 41.97
CA VAL B 182 3.39 3.33 41.62
C VAL B 182 4.43 2.20 41.67
N TRP B 183 5.23 2.09 40.61
CA TRP B 183 6.28 1.08 40.59
C TRP B 183 7.65 1.70 40.89
N ALA B 184 8.40 1.06 41.78
CA ALA B 184 9.67 1.61 42.24
C ALA B 184 10.68 0.55 42.64
N LYS B 185 11.96 0.86 42.49
CA LYS B 185 13.00 -0.02 42.98
C LYS B 185 13.00 0.00 44.53
N SER B 186 12.72 -1.15 45.12
CA SER B 186 12.60 -1.26 46.56
C SER B 186 13.97 -1.64 47.13
N ALA B 187 14.58 -0.74 47.92
CA ALA B 187 15.89 -0.99 48.49
C ALA B 187 15.89 -2.26 49.33
N ALA B 188 14.84 -2.44 50.12
CA ALA B 188 14.77 -3.59 51.01
C ALA B 188 14.51 -4.88 50.25
N HIS B 189 14.22 -4.78 48.95
CA HIS B 189 14.07 -5.98 48.14
C HIS B 189 15.19 -6.08 47.09
N ASP B 190 16.43 -5.92 47.53
CA ASP B 190 17.56 -5.67 46.63
C ASP B 190 17.18 -4.92 45.34
N ASN B 191 16.75 -3.67 45.48
CA ASN B 191 16.37 -2.78 44.39
C ASN B 191 15.38 -3.38 43.36
N ALA B 192 14.75 -4.51 43.69
CA ALA B 192 13.79 -5.11 42.78
C ALA B 192 12.55 -4.20 42.65
N ILE B 193 11.91 -4.23 41.49
CA ILE B 193 10.75 -3.40 41.22
C ILE B 193 9.50 -3.92 41.91
N ARG B 194 8.93 -3.07 42.77
CA ARG B 194 7.73 -3.41 43.54
C ARG B 194 6.60 -2.40 43.27
N GLY B 195 5.36 -2.81 43.57
CA GLY B 195 4.23 -1.91 43.42
C GLY B 195 3.81 -1.31 44.75
N PHE B 196 3.43 -0.03 44.74
CA PHE B 196 2.96 0.66 45.93
C PHE B 196 1.66 1.39 45.64
N ILE B 197 0.72 1.30 46.58
CA ILE B 197 -0.52 2.04 46.43
C ILE B 197 -0.41 3.33 47.20
N LEU B 198 -0.44 4.44 46.48
CA LEU B 198 -0.38 5.76 47.10
C LEU B 198 -1.75 6.44 46.96
N GLU B 199 -2.10 7.25 47.96
CA GLU B 199 -3.38 7.97 47.99
C GLU B 199 -3.18 9.46 47.82
N LYS B 200 -4.23 10.15 47.36
CA LYS B 200 -4.15 11.57 47.02
C LYS B 200 -3.73 12.48 48.18
N GLY B 201 -4.19 12.20 49.38
CA GLY B 201 -3.84 13.10 50.46
C GLY B 201 -2.44 13.07 51.06
N MET B 202 -1.59 12.13 50.63
CA MET B 202 -0.31 11.90 51.31
C MET B 202 0.62 13.10 51.22
N LYS B 203 1.51 13.23 52.21
CA LYS B 203 2.30 14.46 52.43
C LYS B 203 3.25 14.87 51.29
N GLY B 204 4.10 13.97 50.82
CA GLY B 204 5.04 14.37 49.76
C GLY B 204 4.57 14.14 48.32
N LEU B 205 3.29 13.81 48.14
CA LEU B 205 2.75 13.41 46.84
C LEU B 205 2.05 14.55 46.10
N SER B 206 2.47 14.80 44.86
CA SER B 206 1.79 15.77 44.00
C SER B 206 1.67 15.25 42.57
N ALA B 207 0.66 15.70 41.84
CA ALA B 207 0.49 15.26 40.45
C ALA B 207 0.23 16.45 39.50
N PRO B 208 1.28 17.17 39.12
CA PRO B 208 1.14 18.36 38.26
C PRO B 208 0.69 17.97 36.86
N LYS B 209 -0.21 18.73 36.25
CA LYS B 209 -0.59 18.49 34.86
C LYS B 209 0.60 18.83 33.96
N ILE B 210 0.67 18.25 32.76
CA ILE B 210 1.81 18.55 31.89
C ILE B 210 1.42 19.54 30.78
N GLY B 211 2.40 20.33 30.35
CA GLY B 211 2.15 21.44 29.44
C GLY B 211 1.63 21.11 28.05
N GLY B 212 1.26 22.16 27.32
CA GLY B 212 0.70 22.03 25.99
C GLY B 212 -0.82 21.99 26.03
N LEU B 216 -6.04 13.91 23.25
CA LEU B 216 -7.31 13.20 23.23
C LEU B 216 -8.39 13.85 24.11
N ARG B 217 -9.63 13.47 23.85
CA ARG B 217 -10.77 13.94 24.62
C ARG B 217 -10.69 13.28 25.99
N ALA B 218 -11.26 13.92 27.00
CA ALA B 218 -11.47 13.36 28.33
C ALA B 218 -10.20 12.81 28.93
N SER B 219 -9.07 13.29 28.47
CA SER B 219 -7.83 12.76 29.00
C SER B 219 -7.03 13.91 29.53
N ILE B 220 -6.26 13.62 30.56
CA ILE B 220 -5.47 14.60 31.24
C ILE B 220 -4.24 13.85 31.66
N THR B 221 -3.09 14.42 31.36
CA THR B 221 -1.86 13.77 31.65
C THR B 221 -1.10 14.60 32.67
N GLY B 222 -0.31 13.94 33.51
CA GLY B 222 0.49 14.64 34.50
C GLY B 222 1.68 13.83 34.97
N GLU B 223 2.31 14.31 36.03
CA GLU B 223 3.42 13.61 36.63
C GLU B 223 2.97 12.99 37.94
N ILE B 224 3.83 12.14 38.49
CA ILE B 224 3.64 11.75 39.86
C ILE B 224 4.94 12.14 40.51
N VAL B 225 4.88 13.18 41.31
CA VAL B 225 6.03 13.62 42.06
C VAL B 225 5.94 13.13 43.50
N MET B 226 6.96 12.36 43.87
CA MET B 226 7.09 11.83 45.21
C MET B 226 8.31 12.42 45.92
N ASP B 227 8.05 13.37 46.81
CA ASP B 227 9.11 13.98 47.56
C ASP B 227 9.16 13.36 48.96
N GLY B 228 9.75 12.17 49.07
CA GLY B 228 9.79 11.45 50.32
C GLY B 228 8.41 11.07 50.85
N VAL B 229 7.59 10.45 50.01
CA VAL B 229 6.27 10.03 50.52
C VAL B 229 6.36 8.80 51.40
N GLU B 230 5.95 8.97 52.65
CA GLU B 230 6.04 7.90 53.61
C GLU B 230 4.74 7.12 53.69
N VAL B 231 4.84 5.81 53.49
CA VAL B 231 3.69 4.92 53.57
C VAL B 231 4.02 3.77 54.50
N SER B 232 2.99 3.11 55.05
CA SER B 232 3.21 1.97 55.94
C SER B 232 3.61 0.75 55.13
N GLU B 233 3.82 -0.36 55.83
CA GLU B 233 4.29 -1.56 55.18
C GLU B 233 3.17 -2.22 54.39
N ASP B 234 1.92 -1.82 54.62
CA ASP B 234 0.80 -2.44 53.95
C ASP B 234 0.42 -1.74 52.64
N ALA B 235 1.21 -0.76 52.23
CA ALA B 235 0.97 -0.04 50.98
C ALA B 235 1.65 -0.72 49.79
N ILE B 236 2.56 -1.65 50.07
CA ILE B 236 3.25 -2.37 48.99
C ILE B 236 2.35 -3.52 48.49
N LEU B 237 2.38 -3.76 47.18
CA LEU B 237 1.69 -4.91 46.58
C LEU B 237 2.49 -6.18 46.85
N PRO B 238 1.96 -7.06 47.69
CA PRO B 238 2.75 -8.20 48.17
C PRO B 238 2.98 -9.27 47.12
N ASN B 239 2.00 -9.53 46.25
CA ASN B 239 2.08 -10.70 45.38
C ASN B 239 2.64 -10.45 43.98
N VAL B 240 3.60 -9.53 43.86
CA VAL B 240 4.27 -9.34 42.60
C VAL B 240 5.63 -8.65 42.76
N SER B 241 6.55 -9.00 41.87
CA SER B 241 7.85 -8.37 41.85
C SER B 241 8.36 -8.42 40.41
N GLY B 242 9.16 -7.43 40.06
CA GLY B 242 9.72 -7.35 38.73
C GLY B 242 8.74 -6.75 37.75
N LEU B 243 9.22 -6.55 36.54
CA LEU B 243 8.45 -5.93 35.48
C LEU B 243 7.28 -6.78 35.02
N LYS B 244 7.29 -8.07 35.38
CA LYS B 244 6.16 -8.94 35.08
C LYS B 244 4.87 -8.26 35.52
N GLY B 245 4.93 -7.58 36.67
CA GLY B 245 3.78 -6.90 37.25
C GLY B 245 3.16 -5.81 36.37
N PRO B 246 3.87 -4.68 36.20
CA PRO B 246 3.29 -3.65 35.35
C PRO B 246 3.06 -4.10 33.92
N PHE B 247 3.94 -4.93 33.36
CA PHE B 247 3.79 -5.37 31.97
C PHE B 247 2.47 -6.16 31.81
N GLY B 248 2.09 -6.86 32.88
CA GLY B 248 0.83 -7.57 32.88
C GLY B 248 -0.36 -6.63 32.79
N CYS B 249 -0.25 -5.44 33.39
CA CYS B 249 -1.34 -4.46 33.33
C CYS B 249 -1.47 -3.87 31.93
N LEU B 250 -0.32 -3.54 31.34
CA LEU B 250 -0.26 -2.96 30.01
C LEU B 250 -0.85 -3.87 28.94
N ASN B 251 -0.49 -5.15 29.02
CA ASN B 251 -0.98 -6.13 28.07
C ASN B 251 -2.50 -6.20 28.08
N ARG B 252 -3.11 -6.07 29.26
CA ARG B 252 -4.56 -6.10 29.35
C ARG B 252 -5.15 -4.83 28.75
N ALA B 253 -4.46 -3.69 28.94
CA ALA B 253 -4.91 -2.43 28.36
C ALA B 253 -4.89 -2.50 26.84
N ARG B 254 -3.81 -3.08 26.30
CA ARG B 254 -3.65 -3.22 24.86
C ARG B 254 -4.67 -4.16 24.23
N TYR B 255 -5.01 -5.21 24.96
CA TYR B 255 -6.05 -6.10 24.52
C TYR B 255 -7.36 -5.30 24.36
N GLY B 256 -7.65 -4.44 25.34
CA GLY B 256 -8.86 -3.64 25.30
C GLY B 256 -8.84 -2.67 24.13
N ILE B 257 -7.68 -2.11 23.85
CA ILE B 257 -7.58 -1.18 22.74
C ILE B 257 -7.83 -1.87 21.39
N SER B 258 -7.37 -3.11 21.26
CA SER B 258 -7.50 -3.85 20.01
C SER B 258 -8.97 -4.01 19.65
N TRP B 259 -9.79 -4.11 20.68
CA TRP B 259 -11.23 -4.15 20.50
C TRP B 259 -11.79 -2.76 20.24
N GLY B 260 -11.32 -1.79 21.02
CA GLY B 260 -11.86 -0.44 21.00
C GLY B 260 -11.78 0.23 19.64
N VAL B 261 -10.64 0.09 19.01
CA VAL B 261 -10.42 0.74 17.73
C VAL B 261 -11.39 0.19 16.68
N LEU B 262 -11.84 -1.05 16.86
CA LEU B 262 -12.82 -1.64 15.96
C LEU B 262 -14.15 -0.90 16.07
N GLY B 263 -14.40 -0.35 17.26
CA GLY B 263 -15.59 0.43 17.47
C GLY B 263 -15.50 1.77 16.73
N ALA B 264 -14.36 2.44 16.83
CA ALA B 264 -14.19 3.69 16.07
C ALA B 264 -14.17 3.40 14.57
N ALA B 265 -13.55 2.28 14.19
CA ALA B 265 -13.48 1.87 12.79
C ALA B 265 -14.88 1.61 12.23
N GLU B 266 -15.69 0.84 12.97
CA GLU B 266 -17.08 0.61 12.58
C GLU B 266 -17.85 1.90 12.42
N ASP B 267 -17.67 2.82 13.37
CA ASP B 267 -18.40 4.08 13.34
C ASP B 267 -18.11 4.82 12.04
N CYS B 268 -16.84 4.81 11.64
CA CYS B 268 -16.38 5.42 10.40
C CYS B 268 -16.93 4.68 9.18
N TRP B 269 -16.86 3.35 9.24
CA TRP B 269 -17.41 2.49 8.19
C TRP B 269 -18.90 2.82 7.98
N PHE B 270 -19.66 2.83 9.07
CA PHE B 270 -21.11 3.10 8.97
C PHE B 270 -21.40 4.52 8.50
N ARG B 271 -20.61 5.50 8.96
CA ARG B 271 -20.84 6.88 8.52
C ARG B 271 -20.48 7.06 7.04
N ALA B 272 -19.35 6.48 6.60
CA ALA B 272 -18.96 6.52 5.20
C ALA B 272 -20.02 5.84 4.33
N ARG B 273 -20.62 4.77 4.85
CA ARG B 273 -21.66 4.10 4.09
C ARG B 273 -22.91 4.95 3.99
N GLN B 274 -23.37 5.48 5.12
CA GLN B 274 -24.62 6.25 5.14
C GLN B 274 -24.49 7.55 4.36
N TYR B 275 -23.31 8.18 4.45
CA TYR B 275 -23.03 9.39 3.71
C TYR B 275 -23.11 9.12 2.21
N GLY B 276 -22.54 7.99 1.79
CA GLY B 276 -22.56 7.63 0.39
C GLY B 276 -23.96 7.31 -0.13
N LEU B 277 -24.84 6.91 0.76
CA LEU B 277 -26.23 6.69 0.38
C LEU B 277 -27.05 7.98 0.29
N ASP B 278 -26.67 8.97 1.10
CA ASP B 278 -27.46 10.19 1.19
C ASP B 278 -27.01 11.22 0.17
N ARG B 279 -25.73 11.24 -0.15
CA ARG B 279 -25.16 12.23 -1.07
C ARG B 279 -25.24 11.76 -2.50
N LYS B 280 -25.81 12.58 -3.37
CA LYS B 280 -25.96 12.25 -4.79
C LYS B 280 -24.93 12.96 -5.64
N GLN B 281 -24.56 12.31 -6.73
CA GLN B 281 -23.69 12.90 -7.73
C GLN B 281 -24.09 12.27 -9.04
N PHE B 282 -24.25 13.11 -10.07
CA PHE B 282 -24.76 12.67 -11.36
C PHE B 282 -26.12 11.97 -11.18
N ASN B 283 -26.92 12.49 -10.24
CA ASN B 283 -28.25 11.96 -9.94
C ASN B 283 -28.21 10.50 -9.50
N LYS B 284 -27.05 10.07 -8.99
CA LYS B 284 -26.88 8.73 -8.42
C LYS B 284 -26.14 8.81 -7.07
N PRO B 285 -26.45 7.92 -6.13
CA PRO B 285 -25.75 7.96 -4.84
C PRO B 285 -24.26 7.68 -4.98
N LEU B 286 -23.40 8.29 -4.15
CA LEU B 286 -21.96 8.06 -4.22
C LEU B 286 -21.68 6.59 -4.06
N ALA B 287 -22.42 5.98 -3.14
CA ALA B 287 -22.24 4.57 -2.80
C ALA B 287 -22.75 3.66 -3.90
N GLY B 288 -23.17 4.25 -5.02
CA GLY B 288 -23.54 3.46 -6.18
C GLY B 288 -22.39 3.24 -7.15
N THR B 289 -21.23 3.82 -6.85
CA THR B 289 -20.09 3.70 -7.75
C THR B 289 -19.11 2.63 -7.27
N GLN B 290 -18.37 2.05 -8.21
CA GLN B 290 -17.44 0.98 -7.94
C GLN B 290 -16.37 1.33 -6.92
N LEU B 291 -15.74 2.50 -7.11
CA LEU B 291 -14.65 2.95 -6.25
C LEU B 291 -15.13 3.10 -4.79
N TYR B 292 -16.31 3.67 -4.61
CA TYR B 292 -16.86 3.84 -3.27
C TYR B 292 -17.18 2.49 -2.62
N GLN B 293 -17.76 1.59 -3.39
CA GLN B 293 -18.13 0.27 -2.88
C GLN B 293 -16.89 -0.57 -2.55
N LYS B 294 -15.85 -0.49 -3.38
CA LYS B 294 -14.62 -1.20 -3.05
C LYS B 294 -14.06 -0.73 -1.70
N LYS B 295 -14.07 0.58 -1.45
CA LYS B 295 -13.64 1.09 -0.16
C LYS B 295 -14.52 0.53 0.97
N LEU B 296 -15.82 0.43 0.73
CA LEU B 296 -16.71 -0.17 1.73
C LEU B 296 -16.39 -1.66 1.90
N ALA B 297 -15.90 -2.30 0.82
CA ALA B 297 -15.60 -3.73 0.84
C ALA B 297 -14.41 -4.01 1.72
N ASP B 298 -13.42 -3.13 1.65
CA ASP B 298 -12.22 -3.25 2.48
C ASP B 298 -12.47 -3.02 3.97
N MET B 299 -13.35 -2.08 4.25
CA MET B 299 -13.68 -1.75 5.63
C MET B 299 -14.33 -2.94 6.30
N GLN B 300 -15.39 -3.42 5.66
CA GLN B 300 -16.12 -4.60 6.12
C GLN B 300 -15.16 -5.77 6.34
N THR B 301 -14.26 -6.00 5.38
CA THR B 301 -13.32 -7.11 5.43
C THR B 301 -12.41 -6.96 6.63
N GLU B 302 -11.76 -5.81 6.74
CA GLU B 302 -10.78 -5.58 7.79
C GLU B 302 -11.40 -5.52 9.20
N ILE B 303 -12.59 -4.93 9.33
CA ILE B 303 -13.25 -4.94 10.63
C ILE B 303 -13.65 -6.37 11.03
N ALA B 304 -14.18 -7.14 10.09
CA ALA B 304 -14.60 -8.51 10.40
C ALA B 304 -13.39 -9.38 10.81
N LEU B 305 -12.24 -9.18 10.16
CA LEU B 305 -11.08 -9.98 10.53
C LEU B 305 -10.63 -9.56 11.91
N GLY B 306 -10.62 -8.24 12.15
CA GLY B 306 -10.12 -7.68 13.39
C GLY B 306 -10.92 -8.19 14.57
N ILE B 307 -12.23 -8.31 14.36
CA ILE B 307 -13.11 -8.77 15.41
C ILE B 307 -12.84 -10.24 15.76
N GLN B 308 -12.73 -11.10 14.76
CA GLN B 308 -12.47 -12.51 15.04
C GLN B 308 -11.13 -12.68 15.78
N ALA B 309 -10.19 -11.79 15.49
CA ALA B 309 -8.87 -11.88 16.11
C ALA B 309 -8.95 -11.50 17.57
N SER B 310 -9.58 -10.36 17.84
CA SER B 310 -9.69 -9.88 19.22
C SER B 310 -10.52 -10.82 20.06
N LEU B 311 -11.56 -11.39 19.44
CA LEU B 311 -12.45 -12.34 20.11
C LEU B 311 -11.72 -13.61 20.56
N ARG B 312 -10.87 -14.13 19.69
CA ARG B 312 -10.08 -15.32 19.95
C ARG B 312 -9.13 -15.07 21.11
N VAL B 313 -8.47 -13.92 21.09
CA VAL B 313 -7.57 -13.55 22.16
C VAL B 313 -8.35 -13.40 23.47
N GLY B 314 -9.51 -12.77 23.40
CA GLY B 314 -10.40 -12.68 24.54
C GLY B 314 -10.71 -14.07 25.08
N ARG B 315 -11.03 -15.01 24.19
CA ARG B 315 -11.31 -16.37 24.63
C ARG B 315 -10.07 -16.99 25.29
N LEU B 316 -8.88 -16.75 24.72
CA LEU B 316 -7.64 -17.26 25.30
C LEU B 316 -7.30 -16.62 26.66
N PHE B 317 -7.64 -15.34 26.80
CA PHE B 317 -7.56 -14.67 28.09
C PHE B 317 -8.34 -15.44 29.16
N ASP B 318 -9.60 -15.76 28.85
CA ASP B 318 -10.46 -16.45 29.82
C ASP B 318 -9.98 -17.87 30.14
N GLU B 319 -9.32 -18.53 29.18
CA GLU B 319 -8.77 -19.86 29.41
C GLU B 319 -7.43 -19.82 30.14
N GLY B 320 -6.94 -18.62 30.40
CA GLY B 320 -5.65 -18.48 31.05
C GLY B 320 -4.51 -18.84 30.11
N LYS B 321 -4.76 -18.74 28.80
CA LYS B 321 -3.75 -19.13 27.82
C LYS B 321 -3.29 -17.95 26.98
N MET B 322 -3.44 -16.73 27.49
CA MET B 322 -2.96 -15.57 26.75
C MET B 322 -1.45 -15.47 26.79
N ALA B 323 -0.84 -15.25 25.64
CA ALA B 323 0.58 -14.90 25.58
C ALA B 323 0.73 -13.48 25.00
N PRO B 324 1.66 -12.69 25.52
CA PRO B 324 1.77 -11.27 25.17
C PRO B 324 1.93 -11.02 23.68
N GLU B 325 2.57 -11.94 22.98
CA GLU B 325 2.81 -11.78 21.55
C GLU B 325 1.48 -11.76 20.83
N MET B 326 0.50 -12.47 21.39
CA MET B 326 -0.82 -12.45 20.79
C MET B 326 -1.32 -11.03 20.78
N ILE B 327 -1.07 -10.32 21.87
CA ILE B 327 -1.60 -8.96 21.96
C ILE B 327 -0.89 -8.03 20.98
N SER B 328 0.42 -8.21 20.81
CA SER B 328 1.13 -7.47 19.78
C SER B 328 0.47 -7.67 18.41
N ILE B 329 -0.02 -8.87 18.14
CA ILE B 329 -0.69 -9.12 16.86
C ILE B 329 -1.99 -8.31 16.69
N VAL B 330 -2.92 -8.41 17.63
CA VAL B 330 -4.20 -7.73 17.48
C VAL B 330 -4.08 -6.21 17.68
N LYS B 331 -3.27 -5.76 18.64
CA LYS B 331 -3.10 -4.33 18.88
C LYS B 331 -2.52 -3.66 17.66
N ARG B 332 -1.41 -4.19 17.14
CA ARG B 332 -0.78 -3.62 15.95
C ARG B 332 -1.72 -3.67 14.75
N ASN B 333 -2.33 -4.83 14.50
CA ASN B 333 -3.19 -4.96 13.34
C ASN B 333 -4.43 -4.07 13.44
N ASN B 334 -5.13 -4.17 14.56
CA ASN B 334 -6.40 -3.48 14.67
C ASN B 334 -6.24 -1.97 14.71
N CYS B 335 -5.20 -1.49 15.38
CA CYS B 335 -4.92 -0.04 15.38
C CYS B 335 -4.58 0.50 13.99
N GLY B 336 -3.72 -0.25 13.29
CA GLY B 336 -3.35 0.08 11.94
C GLY B 336 -4.51 0.05 10.96
N LYS B 337 -5.25 -1.08 10.94
CA LYS B 337 -6.39 -1.24 10.04
C LYS B 337 -7.51 -0.24 10.37
N ALA B 338 -7.70 0.04 11.66
CA ALA B 338 -8.71 1.02 12.07
C ALA B 338 -8.33 2.44 11.62
N LEU B 339 -7.05 2.79 11.74
CA LEU B 339 -6.61 4.12 11.32
C LEU B 339 -6.83 4.28 9.82
N ASP B 340 -6.47 3.24 9.05
CA ASP B 340 -6.63 3.27 7.59
C ASP B 340 -8.11 3.41 7.20
N ILE B 341 -8.99 2.77 7.95
CA ILE B 341 -10.41 2.90 7.69
C ILE B 341 -10.91 4.33 7.96
N ALA B 342 -10.53 4.92 9.09
CA ALA B 342 -10.91 6.29 9.40
C ALA B 342 -10.33 7.26 8.36
N ARG B 343 -9.11 7.02 7.92
CA ARG B 343 -8.54 7.88 6.90
C ARG B 343 -9.27 7.79 5.59
N GLN B 344 -9.59 6.56 5.18
CA GLN B 344 -10.30 6.33 3.93
C GLN B 344 -11.69 6.94 4.05
N ALA B 345 -12.33 6.77 5.20
CA ALA B 345 -13.64 7.37 5.43
C ALA B 345 -13.55 8.89 5.35
N ARG B 346 -12.54 9.45 5.99
CA ARG B 346 -12.30 10.88 5.94
C ARG B 346 -12.21 11.34 4.49
N ASP B 347 -11.36 10.68 3.70
CA ASP B 347 -11.14 11.06 2.30
C ASP B 347 -12.37 10.86 1.40
N MET B 348 -13.29 10.01 1.82
CA MET B 348 -14.50 9.75 1.04
C MET B 348 -15.55 10.84 1.27
N HIS B 349 -15.36 11.64 2.31
CA HIS B 349 -16.28 12.73 2.60
C HIS B 349 -15.85 14.00 1.87
N GLY B 350 -15.19 13.80 0.72
CA GLY B 350 -14.84 14.84 -0.24
C GLY B 350 -15.57 16.16 -0.18
N GLU B 357 -18.99 14.44 8.47
CA GLU B 357 -17.70 15.08 8.27
C GLU B 357 -17.00 15.35 9.61
N TYR B 358 -17.79 15.58 10.66
CA TYR B 358 -17.24 15.97 11.97
C TYR B 358 -16.76 14.76 12.76
N HIS B 359 -17.65 13.76 12.88
CA HIS B 359 -17.36 12.54 13.62
C HIS B 359 -16.30 11.67 12.96
N VAL B 360 -16.26 11.64 11.63
CA VAL B 360 -15.24 10.83 10.98
C VAL B 360 -13.89 11.43 11.24
N MET B 361 -13.82 12.76 11.13
CA MET B 361 -12.58 13.48 11.33
C MET B 361 -12.08 13.33 12.76
N ARG B 362 -13.02 13.37 13.71
CA ARG B 362 -12.66 13.18 15.11
C ARG B 362 -12.04 11.78 15.36
N HIS B 363 -12.68 10.72 14.88
CA HIS B 363 -12.15 9.37 15.03
C HIS B 363 -10.77 9.21 14.43
N ALA B 364 -10.63 9.69 13.20
CA ALA B 364 -9.40 9.59 12.45
C ALA B 364 -8.24 10.25 13.19
N GLN B 365 -8.46 11.44 13.74
CA GLN B 365 -7.41 12.12 14.55
C GLN B 365 -7.05 11.34 15.81
N ASN B 366 -8.06 10.80 16.45
CA ASN B 366 -7.85 9.98 17.64
C ASN B 366 -7.00 8.75 17.36
N LEU B 367 -7.38 8.01 16.31
CA LEU B 367 -6.72 6.76 15.96
C LEU B 367 -5.26 6.98 15.58
N GLU B 368 -4.92 8.19 15.16
CA GLU B 368 -3.51 8.49 14.88
C GLU B 368 -2.69 8.45 16.15
N THR B 369 -3.26 9.01 17.22
CA THR B 369 -2.63 9.00 18.52
C THR B 369 -2.63 7.61 19.10
N VAL B 370 -3.74 6.90 18.91
CA VAL B 370 -3.85 5.57 19.47
C VAL B 370 -2.83 4.63 18.83
N ASN B 371 -2.57 4.84 17.54
CA ASN B 371 -1.68 3.94 16.81
C ASN B 371 -0.27 4.09 17.36
N THR B 372 0.01 5.30 17.82
CA THR B 372 1.28 5.72 18.39
C THR B 372 1.62 5.20 19.79
N TYR B 373 0.65 5.26 20.71
CA TYR B 373 0.91 4.99 22.11
C TYR B 373 0.74 3.49 22.44
N GLU B 374 1.21 3.07 23.62
CA GLU B 374 1.13 1.68 24.06
C GLU B 374 1.82 0.72 23.09
N GLY B 375 2.94 1.18 22.55
CA GLY B 375 3.72 0.43 21.59
C GLY B 375 3.31 0.77 20.16
N THR B 376 4.28 1.23 19.39
CA THR B 376 4.01 1.63 18.02
C THR B 376 3.88 0.40 17.14
N HIS B 377 3.41 0.65 15.93
CA HIS B 377 3.28 -0.37 14.91
C HIS B 377 4.61 -1.09 14.69
N ASP B 378 5.68 -0.32 14.53
CA ASP B 378 6.96 -0.91 14.25
C ASP B 378 7.50 -1.67 15.45
N VAL B 379 7.20 -1.17 16.66
CA VAL B 379 7.70 -1.81 17.87
C VAL B 379 7.12 -3.21 18.02
N HIS B 380 5.81 -3.33 17.81
CA HIS B 380 5.13 -4.61 17.88
C HIS B 380 5.59 -5.54 16.76
N ALA B 381 5.96 -4.99 15.60
CA ALA B 381 6.51 -5.82 14.51
C ALA B 381 7.82 -6.48 14.94
N LEU B 382 8.68 -5.70 15.59
CA LEU B 382 9.96 -6.22 16.05
C LEU B 382 9.80 -7.18 17.24
N ILE B 383 8.73 -7.04 18.02
CA ILE B 383 8.39 -8.02 19.08
C ILE B 383 7.98 -9.34 18.45
N LEU B 384 7.16 -9.28 17.41
CA LEU B 384 6.80 -10.47 16.64
C LEU B 384 7.98 -11.07 15.87
N GLY B 385 8.82 -10.19 15.32
CA GLY B 385 10.01 -10.58 14.57
C GLY B 385 10.94 -11.35 15.49
N ARG B 386 11.08 -10.86 16.72
CA ARG B 386 11.95 -11.51 17.70
C ARG B 386 11.37 -12.85 18.12
N ALA B 387 10.05 -12.92 18.20
CA ALA B 387 9.41 -14.14 18.65
C ALA B 387 9.49 -15.26 17.61
N GLN B 388 9.67 -14.90 16.34
CA GLN B 388 9.82 -15.87 15.25
C GLN B 388 11.28 -16.33 15.08
N THR B 389 12.20 -15.42 15.32
CA THR B 389 13.59 -15.60 14.90
C THR B 389 14.57 -15.82 16.03
N GLY B 390 14.20 -15.38 17.23
CA GLY B 390 15.10 -15.47 18.37
C GLY B 390 16.19 -14.40 18.32
N ILE B 391 16.07 -13.48 17.37
CA ILE B 391 17.01 -12.39 17.24
C ILE B 391 16.28 -11.08 17.51
N GLN B 392 16.84 -10.25 18.38
CA GLN B 392 16.29 -8.94 18.64
C GLN B 392 16.81 -7.95 17.61
N ALA B 393 15.90 -7.14 17.06
CA ALA B 393 16.31 -6.17 16.07
C ALA B 393 16.08 -4.72 16.54
N PHE B 394 15.85 -4.54 17.84
CA PHE B 394 15.58 -3.20 18.37
C PHE B 394 16.84 -2.32 18.36
N PHE B 395 17.97 -2.90 18.72
CA PHE B 395 19.25 -2.20 18.61
C PHE B 395 20.44 -3.09 18.24
N ALA C 5 31.55 12.32 -6.89
CA ALA C 5 30.74 13.50 -7.23
C ALA C 5 29.89 13.98 -6.05
N ALA C 6 29.61 15.28 -6.05
CA ALA C 6 28.83 15.89 -5.00
C ALA C 6 27.39 15.37 -5.03
N PHE C 7 26.80 15.15 -3.87
CA PHE C 7 25.41 14.76 -3.79
C PHE C 7 24.76 15.59 -2.69
N ALA C 8 23.65 16.21 -3.04
CA ALA C 8 22.86 16.95 -2.05
C ALA C 8 21.60 16.16 -1.74
N TRP C 9 21.53 15.57 -0.55
CA TRP C 9 20.39 14.75 -0.22
C TRP C 9 19.10 15.57 -0.22
N GLU C 10 19.22 16.85 0.10
CA GLU C 10 18.05 17.74 0.18
C GLU C 10 17.61 18.19 -1.20
N ASP C 11 18.48 18.01 -2.20
CA ASP C 11 18.13 18.34 -3.59
C ASP C 11 18.83 17.36 -4.53
N PRO C 12 18.35 16.12 -4.52
CA PRO C 12 18.97 14.94 -5.16
C PRO C 12 19.21 15.13 -6.65
N PHE C 13 18.23 15.77 -7.30
CA PHE C 13 18.25 15.94 -8.76
C PHE C 13 18.61 17.35 -9.15
N LEU C 14 19.11 18.12 -8.20
CA LEU C 14 19.59 19.47 -8.46
C LEU C 14 18.54 20.32 -9.20
N LEU C 15 17.39 20.54 -8.55
CA LEU C 15 16.38 21.46 -9.05
C LEU C 15 17.01 22.84 -9.25
N GLU C 16 17.89 23.18 -8.31
CA GLU C 16 18.57 24.48 -8.29
C GLU C 16 19.22 24.81 -9.61
N GLU C 17 19.78 23.80 -10.28
CA GLU C 17 20.43 23.99 -11.57
C GLU C 17 19.51 23.82 -12.78
N GLN C 18 18.22 23.60 -12.54
CA GLN C 18 17.26 23.53 -13.64
C GLN C 18 16.45 24.83 -13.73
N LEU C 19 16.68 25.76 -12.79
CA LEU C 19 15.89 26.98 -12.70
C LEU C 19 16.61 28.11 -13.36
N THR C 20 15.85 29.06 -13.90
CA THR C 20 16.44 30.27 -14.41
C THR C 20 16.90 31.17 -13.26
N GLU C 21 17.73 32.16 -13.60
CA GLU C 21 18.20 33.12 -12.59
C GLU C 21 17.05 33.94 -12.06
N ASP C 22 16.11 34.26 -12.94
CA ASP C 22 14.88 34.95 -12.54
C ASP C 22 14.04 34.09 -11.60
N GLU C 23 13.99 32.79 -11.90
CA GLU C 23 13.25 31.83 -11.06
C GLU C 23 13.92 31.71 -9.70
N ARG C 24 15.25 31.68 -9.67
CA ARG C 24 15.97 31.57 -8.41
C ARG C 24 15.74 32.79 -7.51
N MET C 25 15.69 33.98 -8.10
CA MET C 25 15.46 35.20 -7.35
C MET C 25 14.05 35.25 -6.71
N ILE C 26 13.06 34.86 -7.49
CA ILE C 26 11.69 34.89 -7.00
C ILE C 26 11.52 33.84 -5.91
N ARG C 27 12.16 32.69 -6.06
CA ARG C 27 12.10 31.71 -5.01
C ARG C 27 12.79 32.25 -3.75
N ASP C 28 13.96 32.88 -3.91
CA ASP C 28 14.66 33.45 -2.74
C ASP C 28 13.79 34.53 -2.11
N SER C 29 13.08 35.26 -2.94
CA SER C 29 12.19 36.28 -2.43
C SER C 29 11.03 35.67 -1.66
N ALA C 30 10.44 34.62 -2.22
CA ALA C 30 9.33 33.91 -1.60
C ALA C 30 9.79 33.27 -0.29
N LYS C 31 10.98 32.70 -0.31
CA LYS C 31 11.60 32.06 0.85
C LYS C 31 11.87 33.04 1.98
N ALA C 32 12.33 34.24 1.63
CA ALA C 32 12.56 35.26 2.64
C ALA C 32 11.26 35.71 3.26
N PHE C 33 10.24 35.87 2.44
CA PHE C 33 8.93 36.32 2.93
C PHE C 33 8.33 35.31 3.88
N ALA C 34 8.28 34.06 3.45
CA ALA C 34 7.69 32.97 4.23
C ALA C 34 8.40 32.86 5.56
N SER C 35 9.71 33.08 5.54
CA SER C 35 10.50 32.97 6.75
C SER C 35 10.35 34.20 7.65
N ASP C 36 10.43 35.40 7.06
CA ASP C 36 10.42 36.64 7.84
C ASP C 36 9.01 37.05 8.27
N VAL C 37 8.03 36.72 7.46
CA VAL C 37 6.67 37.20 7.70
C VAL C 37 5.67 36.09 8.05
N LEU C 38 5.65 35.01 7.29
CA LEU C 38 4.64 33.95 7.49
C LEU C 38 4.92 33.06 8.70
N LEU C 39 6.14 32.56 8.80
CA LEU C 39 6.47 31.60 9.86
C LEU C 39 6.24 32.18 11.26
N PRO C 40 6.58 33.48 11.49
CA PRO C 40 6.29 34.01 12.84
C PRO C 40 4.81 34.04 13.18
N ARG C 41 3.95 34.20 12.17
CA ARG C 41 2.51 34.24 12.41
CA ARG C 41 2.52 34.25 12.42
C ARG C 41 2.02 32.87 12.84
N VAL C 42 2.48 31.84 12.17
CA VAL C 42 2.02 30.50 12.48
C VAL C 42 2.67 29.95 13.75
N GLU C 43 3.81 30.51 14.16
CA GLU C 43 4.55 30.00 15.31
C GLU C 43 4.49 30.87 16.55
N LYS C 44 3.60 31.85 16.56
CA LYS C 44 3.53 32.77 17.69
C LYS C 44 2.16 33.40 17.82
N THR C 51 -7.58 35.10 9.61
CA THR C 51 -7.87 35.75 8.33
C THR C 51 -7.60 37.26 8.38
N ASP C 52 -6.76 37.73 7.48
CA ASP C 52 -6.21 39.09 7.57
C ASP C 52 -6.07 39.83 6.23
N PRO C 53 -6.89 40.87 6.00
CA PRO C 53 -6.74 41.62 4.75
C PRO C 53 -5.36 42.30 4.61
N GLU C 54 -4.71 42.58 5.74
CA GLU C 54 -3.38 43.19 5.72
C GLU C 54 -2.33 42.22 5.19
N LEU C 55 -2.57 40.91 5.38
CA LEU C 55 -1.64 39.89 4.89
C LEU C 55 -1.61 39.83 3.36
N PHE C 56 -2.74 40.15 2.74
CA PHE C 56 -2.78 40.25 1.29
C PHE C 56 -1.88 41.37 0.82
N HIS C 57 -1.95 42.51 1.49
CA HIS C 57 -1.17 43.69 1.11
C HIS C 57 0.30 43.39 1.30
N LEU C 58 0.64 42.66 2.35
CA LEU C 58 2.03 42.28 2.58
C LEU C 58 2.54 41.41 1.45
N MET C 59 1.76 40.40 1.05
CA MET C 59 2.15 39.52 -0.06
C MET C 59 2.31 40.27 -1.36
N GLY C 60 1.37 41.17 -1.62
CA GLY C 60 1.38 41.95 -2.83
C GLY C 60 2.57 42.88 -2.81
N GLN C 61 2.86 43.45 -1.64
CA GLN C 61 3.98 44.38 -1.53
C GLN C 61 5.31 43.64 -1.68
N ALA C 62 5.33 42.38 -1.29
CA ALA C 62 6.50 41.52 -1.46
C ALA C 62 6.64 41.10 -2.91
N GLY C 63 5.61 41.39 -3.71
CA GLY C 63 5.59 41.09 -5.14
C GLY C 63 5.25 39.65 -5.48
N LEU C 64 4.50 38.98 -4.61
CA LEU C 64 4.24 37.55 -4.74
C LEU C 64 2.83 37.21 -5.25
N LEU C 65 2.05 38.22 -5.62
CA LEU C 65 0.74 37.97 -6.20
C LEU C 65 0.79 38.20 -7.70
N GLY C 66 0.23 37.25 -8.45
CA GLY C 66 0.17 37.33 -9.90
C GLY C 66 1.54 37.48 -10.50
N VAL C 67 2.46 36.61 -10.09
CA VAL C 67 3.85 36.69 -10.52
C VAL C 67 3.97 36.46 -12.02
N THR C 68 2.98 35.81 -12.63
CA THR C 68 3.01 35.50 -14.07
C THR C 68 2.51 36.66 -14.92
N LEU C 69 1.93 37.67 -14.27
CA LEU C 69 1.32 38.81 -14.96
C LEU C 69 2.36 39.83 -15.44
N PRO C 70 2.04 40.59 -16.50
CA PRO C 70 2.94 41.61 -17.08
C PRO C 70 3.41 42.63 -16.05
N GLU C 71 4.59 43.20 -16.29
CA GLU C 71 5.12 44.24 -15.41
C GLU C 71 4.27 45.52 -15.45
N ASP C 72 3.37 45.60 -16.44
CA ASP C 72 2.48 46.75 -16.61
C ASP C 72 1.55 46.99 -15.41
N TYR C 73 1.33 45.96 -14.63
CA TYR C 73 0.43 45.99 -13.49
C TYR C 73 1.21 45.92 -12.21
N GLY C 74 2.52 46.06 -12.31
CA GLY C 74 3.39 45.92 -11.16
C GLY C 74 3.67 44.45 -10.88
N ALA C 75 3.34 43.57 -11.82
CA ALA C 75 3.60 42.14 -11.67
C ALA C 75 5.06 41.81 -12.03
N ALA C 76 5.50 40.61 -11.65
CA ALA C 76 6.89 40.17 -11.80
C ALA C 76 7.27 39.69 -13.19
N ASN C 77 6.25 39.46 -14.02
CA ASN C 77 6.40 38.91 -15.36
C ASN C 77 7.25 37.64 -15.40
N ALA C 78 6.99 36.73 -14.47
CA ALA C 78 7.76 35.50 -14.32
C ALA C 78 7.05 34.28 -14.90
N SER C 79 7.74 33.15 -14.83
CA SER C 79 7.28 31.88 -15.40
C SER C 79 6.21 31.24 -14.57
N TYR C 80 5.53 30.26 -15.17
CA TYR C 80 4.64 29.45 -14.39
C TYR C 80 5.48 28.60 -13.43
N VAL C 81 6.71 28.29 -13.82
CA VAL C 81 7.63 27.59 -12.91
C VAL C 81 7.88 28.44 -11.67
N ALA C 82 8.11 29.74 -11.88
CA ALA C 82 8.30 30.67 -10.76
C ALA C 82 7.04 30.72 -9.88
N TYR C 83 5.86 30.70 -10.50
CA TYR C 83 4.60 30.61 -9.76
C TYR C 83 4.60 29.39 -8.83
N GLY C 84 5.03 28.24 -9.35
CA GLY C 84 5.15 27.05 -8.53
C GLY C 84 6.13 27.16 -7.36
N LEU C 85 7.31 27.71 -7.63
CA LEU C 85 8.32 27.90 -6.60
C LEU C 85 7.79 28.79 -5.47
N VAL C 86 7.01 29.80 -5.82
CA VAL C 86 6.43 30.65 -4.79
C VAL C 86 5.44 29.85 -3.94
N ALA C 87 4.55 29.12 -4.61
CA ALA C 87 3.56 28.27 -3.93
C ALA C 87 4.24 27.29 -2.98
N ARG C 88 5.33 26.70 -3.46
CA ARG C 88 6.09 25.74 -2.69
C ARG C 88 6.71 26.37 -1.41
N GLU C 89 7.32 27.55 -1.56
CA GLU C 89 7.93 28.24 -0.41
C GLU C 89 6.89 28.71 0.62
N VAL C 90 5.69 29.01 0.14
CA VAL C 90 4.62 29.52 0.99
C VAL C 90 3.89 28.39 1.68
N GLU C 91 3.51 27.36 0.92
CA GLU C 91 2.78 26.24 1.54
C GLU C 91 3.69 25.49 2.52
N ARG C 92 5.00 25.65 2.35
CA ARG C 92 6.01 25.12 3.28
C ARG C 92 5.75 25.58 4.72
N ILE C 93 5.20 26.78 4.85
CA ILE C 93 4.80 27.29 6.14
C ILE C 93 3.40 26.77 6.48
N ASP C 94 2.42 27.08 5.62
CA ASP C 94 1.05 26.59 5.81
C ASP C 94 0.27 26.66 4.51
N SER C 95 -0.60 25.69 4.27
CA SER C 95 -1.43 25.64 3.06
C SER C 95 -2.37 26.83 2.95
N GLY C 96 -2.75 27.41 4.09
CA GLY C 96 -3.64 28.53 4.10
C GLY C 96 -3.03 29.71 3.38
N TYR C 97 -1.74 29.93 3.61
CA TYR C 97 -1.09 31.07 2.98
C TYR C 97 -0.98 30.84 1.47
N ARG C 98 -0.74 29.60 1.06
CA ARG C 98 -0.70 29.28 -0.36
C ARG C 98 -2.13 29.42 -0.97
N SER C 99 -3.13 29.08 -0.18
CA SER C 99 -4.51 29.15 -0.63
C SER C 99 -4.94 30.58 -0.97
N MET C 100 -4.43 31.53 -0.19
CA MET C 100 -4.65 32.94 -0.47
C MET C 100 -4.19 33.30 -1.86
N MET C 101 -3.02 32.78 -2.22
CA MET C 101 -2.41 33.04 -3.52
C MET C 101 -3.11 32.37 -4.67
N SER C 102 -3.56 31.14 -4.46
CA SER C 102 -4.25 30.38 -5.47
C SER C 102 -5.46 31.16 -6.02
N VAL C 103 -6.27 31.65 -5.10
CA VAL C 103 -7.48 32.39 -5.41
C VAL C 103 -7.16 33.71 -6.09
N GLN C 104 -6.32 34.51 -5.43
CA GLN C 104 -5.99 35.84 -5.89
C GLN C 104 -5.31 35.80 -7.27
N SER C 105 -4.35 34.90 -7.44
CA SER C 105 -3.54 34.89 -8.64
C SER C 105 -4.20 34.15 -9.78
N SER C 106 -4.62 32.91 -9.51
CA SER C 106 -5.14 32.02 -10.56
C SER C 106 -6.65 32.05 -10.74
N LEU C 107 -7.40 32.31 -9.67
CA LEU C 107 -8.86 32.33 -9.78
C LEU C 107 -9.45 33.74 -10.00
N VAL C 108 -8.68 34.78 -9.69
CA VAL C 108 -9.23 36.12 -9.82
C VAL C 108 -8.46 36.95 -10.83
N MET C 109 -7.15 37.04 -10.67
CA MET C 109 -6.37 37.88 -11.56
C MET C 109 -6.28 37.22 -12.93
N TYR C 110 -6.15 35.90 -12.95
CA TYR C 110 -6.02 35.23 -14.24
C TYR C 110 -7.24 35.42 -15.15
N PRO C 111 -8.48 35.21 -14.64
CA PRO C 111 -9.58 35.44 -15.60
C PRO C 111 -9.71 36.90 -16.03
N ILE C 112 -9.40 37.83 -15.14
CA ILE C 112 -9.49 39.26 -15.49
C ILE C 112 -8.46 39.60 -16.55
N TYR C 113 -7.24 39.11 -16.39
CA TYR C 113 -6.20 39.36 -17.38
C TYR C 113 -6.46 38.59 -18.68
N ALA C 114 -6.70 37.29 -18.57
CA ALA C 114 -6.81 36.45 -19.77
C ALA C 114 -8.08 36.70 -20.59
N TYR C 115 -9.18 36.98 -19.93
CA TYR C 115 -10.46 37.08 -20.62
C TYR C 115 -10.95 38.54 -20.67
N GLY C 116 -10.20 39.45 -20.07
CA GLY C 116 -10.69 40.81 -19.92
C GLY C 116 -10.22 41.80 -20.96
N SER C 117 -10.87 42.96 -20.98
CA SER C 117 -10.53 44.05 -21.89
C SER C 117 -9.35 44.85 -21.36
N ASP C 118 -8.80 45.74 -22.18
CA ASP C 118 -7.70 46.56 -21.70
C ASP C 118 -8.20 47.43 -20.54
N GLU C 119 -9.45 47.88 -20.62
CA GLU C 119 -10.02 48.68 -19.54
C GLU C 119 -10.06 47.89 -18.24
N GLN C 120 -10.52 46.65 -18.32
CA GLN C 120 -10.63 45.78 -17.15
C GLN C 120 -9.28 45.41 -16.56
N ARG C 121 -8.31 45.18 -17.44
CA ARG C 121 -6.94 44.87 -17.03
C ARG C 121 -6.35 46.05 -16.26
N LYS C 122 -6.51 47.25 -16.82
CA LYS C 122 -5.92 48.48 -16.28
C LYS C 122 -6.57 48.89 -14.96
N LYS C 123 -7.87 48.63 -14.84
CA LYS C 123 -8.61 49.01 -13.65
C LYS C 123 -8.29 48.10 -12.44
N TYR C 124 -8.33 46.80 -12.66
CA TYR C 124 -8.40 45.86 -11.55
C TYR C 124 -7.08 45.22 -11.17
N LEU C 125 -6.28 44.89 -12.16
CA LEU C 125 -5.07 44.13 -11.90
C LEU C 125 -4.09 44.86 -10.97
N PRO C 126 -3.81 46.16 -11.19
CA PRO C 126 -2.81 46.77 -10.30
C PRO C 126 -3.19 46.71 -8.80
N GLY C 127 -4.47 46.91 -8.50
CA GLY C 127 -4.97 46.85 -7.14
C GLY C 127 -4.90 45.44 -6.61
N LEU C 128 -5.11 44.47 -7.49
CA LEU C 128 -5.02 43.06 -7.11
C LEU C 128 -3.57 42.61 -6.90
N VAL C 129 -2.66 43.05 -7.77
CA VAL C 129 -1.24 42.72 -7.69
C VAL C 129 -0.59 43.24 -6.42
N SER C 130 -0.92 44.47 -6.06
CA SER C 130 -0.36 45.10 -4.86
C SER C 130 -0.98 44.50 -3.61
N GLY C 131 -2.14 43.87 -3.75
CA GLY C 131 -2.84 43.31 -2.61
C GLY C 131 -3.67 44.33 -1.86
N GLU C 132 -3.73 45.54 -2.41
CA GLU C 132 -4.57 46.59 -1.85
C GLU C 132 -6.04 46.22 -2.13
N LEU C 133 -6.28 45.55 -3.25
CA LEU C 133 -7.60 45.02 -3.58
C LEU C 133 -7.65 43.51 -3.44
N ILE C 134 -8.74 42.99 -2.88
CA ILE C 134 -8.97 41.54 -2.72
C ILE C 134 -10.07 40.96 -3.61
N GLY C 135 -9.84 39.77 -4.17
CA GLY C 135 -10.80 39.16 -5.07
C GLY C 135 -11.41 37.85 -4.62
N CYS C 136 -12.51 37.46 -5.26
CA CYS C 136 -13.02 36.10 -5.08
C CYS C 136 -13.64 35.58 -6.38
N PHE C 137 -13.87 34.27 -6.40
CA PHE C 137 -14.17 33.52 -7.61
C PHE C 137 -15.50 32.84 -7.40
N GLY C 138 -16.50 33.26 -8.18
CA GLY C 138 -17.84 32.75 -8.02
C GLY C 138 -18.30 31.80 -9.10
N LEU C 139 -18.23 30.51 -8.83
CA LEU C 139 -18.68 29.50 -9.75
C LEU C 139 -19.68 28.52 -9.14
N THR C 140 -19.28 27.86 -8.05
CA THR C 140 -20.07 26.79 -7.46
C THR C 140 -21.34 27.28 -6.74
N GLU C 141 -22.41 26.51 -6.90
CA GLU C 141 -23.72 26.88 -6.35
C GLU C 141 -24.23 25.83 -5.34
N PRO C 142 -25.23 26.20 -4.52
CA PRO C 142 -25.79 25.25 -3.55
C PRO C 142 -26.32 23.97 -4.21
N MET C 151 -25.34 25.58 -14.03
CA MET C 151 -25.43 26.66 -13.05
C MET C 151 -26.71 27.44 -13.26
N LYS C 152 -27.29 27.94 -12.15
CA LYS C 152 -28.58 28.63 -12.18
C LYS C 152 -28.47 30.15 -12.23
N THR C 153 -27.34 30.69 -11.81
CA THR C 153 -27.14 32.14 -11.87
C THR C 153 -27.23 32.61 -13.31
N ARG C 154 -28.09 33.59 -13.56
CA ARG C 154 -28.36 34.04 -14.92
C ARG C 154 -28.13 35.55 -15.05
N ALA C 155 -27.82 36.00 -16.27
CA ALA C 155 -27.59 37.41 -16.55
C ALA C 155 -28.48 37.96 -17.68
N GLU C 156 -29.59 38.58 -17.29
CA GLU C 156 -30.50 39.16 -18.26
C GLU C 156 -29.91 40.42 -18.87
N LYS C 157 -30.08 40.60 -20.19
CA LYS C 157 -29.65 41.81 -20.86
C LYS C 157 -30.57 42.96 -20.51
N ILE C 158 -29.98 44.08 -20.13
CA ILE C 158 -30.74 45.28 -19.79
C ILE C 158 -30.14 46.43 -20.58
N ASP C 159 -30.93 47.49 -20.77
CA ASP C 159 -30.49 48.65 -21.53
C ASP C 159 -29.17 49.21 -20.99
N GLY C 160 -28.10 49.02 -21.76
CA GLY C 160 -26.81 49.56 -21.40
C GLY C 160 -25.96 48.61 -20.58
N GLY C 161 -26.43 47.38 -20.38
CA GLY C 161 -25.68 46.39 -19.62
C GLY C 161 -26.42 45.12 -19.24
N TYR C 162 -26.21 44.66 -18.01
CA TYR C 162 -26.76 43.38 -17.55
C TYR C 162 -27.36 43.44 -16.15
N ARG C 163 -28.27 42.51 -15.87
CA ARG C 163 -28.83 42.34 -14.52
C ARG C 163 -28.59 40.91 -14.04
N LEU C 164 -27.78 40.75 -12.99
CA LEU C 164 -27.40 39.43 -12.49
C LEU C 164 -28.24 39.00 -11.29
N SER C 165 -28.74 37.77 -11.33
CA SER C 165 -29.50 37.22 -10.22
C SER C 165 -29.07 35.78 -9.91
N GLY C 166 -28.95 35.47 -8.62
CA GLY C 166 -28.53 34.14 -8.20
C GLY C 166 -27.70 34.17 -6.93
N SER C 167 -27.29 32.99 -6.46
CA SER C 167 -26.44 32.89 -5.28
C SER C 167 -25.33 31.88 -5.50
N LYS C 168 -24.07 32.30 -5.35
CA LYS C 168 -22.93 31.39 -5.42
C LYS C 168 -22.58 30.97 -4.00
N MET C 169 -22.14 29.73 -3.83
CA MET C 169 -21.89 29.23 -2.47
C MET C 169 -20.53 28.59 -2.33
N TRP C 170 -20.06 28.59 -1.08
CA TRP C 170 -18.74 28.08 -0.72
C TRP C 170 -17.62 28.81 -1.47
N ILE C 171 -17.67 30.14 -1.49
CA ILE C 171 -16.68 30.94 -2.21
C ILE C 171 -15.57 31.49 -1.29
N SER C 172 -14.33 31.14 -1.60
CA SER C 172 -13.16 31.56 -0.82
C SER C 172 -12.95 33.08 -0.86
N ASN C 173 -12.78 33.65 0.33
CA ASN C 173 -12.52 35.09 0.54
C ASN C 173 -13.64 36.04 0.14
N SER C 174 -14.82 35.51 -0.17
CA SER C 174 -15.92 36.39 -0.59
C SER C 174 -16.30 37.46 0.47
N PRO C 175 -16.29 37.11 1.77
CA PRO C 175 -16.75 38.18 2.68
C PRO C 175 -15.75 39.33 2.82
N ILE C 176 -14.52 39.17 2.36
CA ILE C 176 -13.58 40.28 2.49
C ILE C 176 -13.15 40.80 1.12
N ALA C 177 -13.82 40.36 0.08
CA ALA C 177 -13.44 40.72 -1.29
C ALA C 177 -14.03 42.04 -1.74
N ASP C 178 -13.24 42.78 -2.52
CA ASP C 178 -13.67 44.01 -3.15
C ASP C 178 -14.08 43.74 -4.58
N VAL C 179 -13.49 42.70 -5.16
CA VAL C 179 -13.69 42.29 -6.54
C VAL C 179 -14.25 40.88 -6.65
N PHE C 180 -15.30 40.73 -7.44
CA PHE C 180 -16.03 39.49 -7.58
C PHE C 180 -16.04 39.03 -9.02
N VAL C 181 -15.36 37.93 -9.30
CA VAL C 181 -15.44 37.33 -10.61
C VAL C 181 -16.54 36.27 -10.62
N VAL C 182 -17.68 36.61 -11.18
CA VAL C 182 -18.86 35.76 -11.11
C VAL C 182 -19.20 35.21 -12.51
N TRP C 183 -19.44 33.89 -12.58
CA TRP C 183 -19.82 33.25 -13.83
C TRP C 183 -21.32 33.01 -13.88
N ALA C 184 -21.94 33.34 -15.00
CA ALA C 184 -23.38 33.26 -15.12
C ALA C 184 -23.81 32.95 -16.54
N LYS C 185 -24.92 32.23 -16.68
CA LYS C 185 -25.52 32.01 -17.98
C LYS C 185 -26.12 33.34 -18.45
N SER C 186 -25.59 33.87 -19.54
CA SER C 186 -26.03 35.15 -20.09
C SER C 186 -27.13 34.91 -21.13
N ALA C 187 -28.33 35.39 -20.84
CA ALA C 187 -29.46 35.30 -21.77
C ALA C 187 -29.20 36.04 -23.09
N ALA C 188 -28.39 37.10 -23.05
CA ALA C 188 -28.11 37.88 -24.25
C ALA C 188 -27.16 37.14 -25.19
N HIS C 189 -26.60 36.06 -24.69
CA HIS C 189 -25.80 35.14 -25.48
C HIS C 189 -26.70 33.92 -25.46
N ASP C 190 -26.50 32.90 -26.29
CA ASP C 190 -27.50 31.82 -26.26
C ASP C 190 -27.36 31.06 -24.94
N ASN C 191 -27.77 31.71 -23.85
CA ASN C 191 -27.70 31.18 -22.49
C ASN C 191 -26.30 30.70 -22.10
N ALA C 192 -25.30 31.10 -22.88
CA ALA C 192 -23.91 30.67 -22.68
C ALA C 192 -23.30 31.20 -21.39
N ILE C 193 -22.31 30.47 -20.87
CA ILE C 193 -21.61 30.85 -19.65
C ILE C 193 -20.62 32.00 -19.91
N ARG C 194 -20.84 33.13 -19.25
CA ARG C 194 -19.99 34.32 -19.37
C ARG C 194 -19.47 34.75 -18.02
N GLY C 195 -18.36 35.48 -18.02
CA GLY C 195 -17.80 36.01 -16.79
C GLY C 195 -18.12 37.48 -16.58
N PHE C 196 -18.46 37.86 -15.35
CA PHE C 196 -18.79 39.24 -15.03
C PHE C 196 -18.03 39.73 -13.80
N ILE C 197 -17.51 40.95 -13.86
CA ILE C 197 -16.83 41.53 -12.72
C ILE C 197 -17.74 42.40 -11.87
N LEU C 198 -17.96 41.97 -10.65
CA LEU C 198 -18.81 42.71 -9.73
C LEU C 198 -17.93 43.35 -8.63
N GLU C 199 -18.32 44.54 -8.17
CA GLU C 199 -17.57 45.25 -7.14
C GLU C 199 -18.32 45.28 -5.81
N LYS C 200 -17.57 45.44 -4.72
CA LYS C 200 -18.12 45.35 -3.36
C LYS C 200 -19.27 46.34 -3.11
N GLY C 201 -19.17 47.55 -3.65
CA GLY C 201 -20.19 48.56 -3.41
C GLY C 201 -21.52 48.42 -4.14
N MET C 202 -21.61 47.46 -5.05
CA MET C 202 -22.76 47.34 -5.93
C MET C 202 -24.05 47.01 -5.19
N LYS C 203 -25.17 47.34 -5.82
CA LYS C 203 -26.49 47.34 -5.19
C LYS C 203 -26.97 45.97 -4.72
N GLY C 204 -27.40 45.12 -5.64
CA GLY C 204 -27.91 43.81 -5.28
C GLY C 204 -26.90 42.82 -4.73
N LEU C 205 -25.69 43.29 -4.44
CA LEU C 205 -24.61 42.39 -4.03
C LEU C 205 -24.38 42.31 -2.52
N SER C 206 -24.38 41.08 -2.01
CA SER C 206 -24.01 40.81 -0.63
C SER C 206 -23.21 39.49 -0.52
N ALA C 207 -22.29 39.40 0.45
CA ALA C 207 -21.46 38.19 0.62
C ALA C 207 -21.36 37.72 2.08
N PRO C 208 -22.38 37.00 2.58
CA PRO C 208 -22.40 36.52 3.97
C PRO C 208 -21.41 35.40 4.23
N LYS C 209 -20.73 35.41 5.39
CA LYS C 209 -19.84 34.31 5.74
C LYS C 209 -20.64 33.04 5.98
N ILE C 210 -20.01 31.89 5.79
CA ILE C 210 -20.66 30.60 5.99
C ILE C 210 -20.17 29.91 7.26
N LEU C 216 -8.58 25.39 7.07
CA LEU C 216 -7.20 25.89 6.93
C LEU C 216 -7.03 27.29 7.54
N ARG C 217 -5.79 27.63 7.83
CA ARG C 217 -5.45 28.92 8.42
C ARG C 217 -5.69 30.03 7.40
N ALA C 218 -5.92 31.23 7.92
CA ALA C 218 -5.98 32.44 7.11
C ALA C 218 -7.01 32.35 5.97
N SER C 219 -8.06 31.55 6.17
CA SER C 219 -9.06 31.38 5.12
C SER C 219 -10.47 31.66 5.63
N ILE C 220 -11.31 32.17 4.74
CA ILE C 220 -12.71 32.48 5.07
C ILE C 220 -13.57 32.18 3.86
N THR C 221 -14.66 31.46 4.08
CA THR C 221 -15.56 31.12 2.99
C THR C 221 -16.92 31.80 3.22
N GLY C 222 -17.58 32.16 2.13
CA GLY C 222 -18.88 32.79 2.20
C GLY C 222 -19.68 32.56 0.93
N GLU C 223 -20.78 33.29 0.79
CA GLU C 223 -21.65 33.20 -0.38
C GLU C 223 -21.50 34.41 -1.28
N ILE C 224 -22.10 34.33 -2.47
CA ILE C 224 -22.31 35.53 -3.28
C ILE C 224 -23.77 35.66 -3.64
N VAL C 225 -24.47 36.56 -2.97
CA VAL C 225 -25.88 36.77 -3.21
C VAL C 225 -26.13 37.97 -4.12
N MET C 226 -26.73 37.70 -5.28
CA MET C 226 -27.04 38.73 -6.26
C MET C 226 -28.53 38.94 -6.47
N ASP C 227 -29.05 40.02 -5.92
CA ASP C 227 -30.46 40.32 -6.04
C ASP C 227 -30.69 41.33 -7.15
N GLY C 228 -30.66 40.86 -8.39
CA GLY C 228 -30.79 41.74 -9.55
C GLY C 228 -29.68 42.79 -9.61
N VAL C 229 -28.42 42.35 -9.51
CA VAL C 229 -27.30 43.28 -9.55
C VAL C 229 -27.10 43.78 -10.98
N GLU C 230 -27.27 45.09 -11.16
CA GLU C 230 -27.15 45.72 -12.46
C GLU C 230 -25.75 46.27 -12.68
N VAL C 231 -25.13 45.88 -13.79
CA VAL C 231 -23.80 46.33 -14.14
C VAL C 231 -23.81 46.86 -15.57
N SER C 232 -22.83 47.67 -15.95
CA SER C 232 -22.77 48.20 -17.31
C SER C 232 -22.33 47.14 -18.30
N GLU C 233 -22.28 47.51 -19.58
CA GLU C 233 -21.93 46.58 -20.63
C GLU C 233 -20.42 46.32 -20.63
N ASP C 234 -19.69 47.10 -19.84
CA ASP C 234 -18.24 46.98 -19.78
C ASP C 234 -17.78 46.03 -18.68
N ALA C 235 -18.73 45.43 -17.96
CA ALA C 235 -18.42 44.56 -16.85
C ALA C 235 -18.25 43.09 -17.22
N ILE C 236 -18.67 42.72 -18.42
CA ILE C 236 -18.54 41.35 -18.88
C ILE C 236 -17.12 41.13 -19.42
N LEU C 237 -16.55 39.97 -19.15
CA LEU C 237 -15.28 39.60 -19.75
C LEU C 237 -15.54 39.22 -21.20
N PRO C 238 -15.08 40.04 -22.15
CA PRO C 238 -15.48 39.84 -23.55
C PRO C 238 -14.87 38.59 -24.20
N ASN C 239 -13.65 38.23 -23.80
CA ASN C 239 -12.89 37.23 -24.54
C ASN C 239 -12.94 35.78 -24.06
N VAL C 240 -14.08 35.35 -23.53
CA VAL C 240 -14.23 33.93 -23.19
C VAL C 240 -15.70 33.56 -23.06
N SER C 241 -16.01 32.31 -23.37
CA SER C 241 -17.38 31.83 -23.22
C SER C 241 -17.37 30.35 -22.95
N GLY C 242 -18.39 29.87 -22.24
CA GLY C 242 -18.47 28.47 -21.86
C GLY C 242 -17.70 28.11 -20.60
N LEU C 243 -17.76 26.84 -20.21
CA LEU C 243 -17.12 26.36 -18.99
C LEU C 243 -15.60 26.47 -19.06
N LYS C 244 -15.10 26.55 -20.28
CA LYS C 244 -13.69 26.73 -20.56
C LYS C 244 -13.09 27.89 -19.75
N GLY C 245 -13.84 28.97 -19.58
CA GLY C 245 -13.40 30.13 -18.83
C GLY C 245 -13.04 29.82 -17.39
N PRO C 246 -14.03 29.45 -16.57
CA PRO C 246 -13.69 29.11 -15.19
C PRO C 246 -12.73 27.95 -15.11
N PHE C 247 -12.79 26.99 -16.05
CA PHE C 247 -11.92 25.80 -15.94
C PHE C 247 -10.44 26.15 -16.07
N GLY C 248 -10.13 27.14 -16.90
CA GLY C 248 -8.75 27.56 -17.08
C GLY C 248 -8.15 28.09 -15.79
N CYS C 249 -9.00 28.71 -14.98
CA CYS C 249 -8.59 29.27 -13.69
C CYS C 249 -8.31 28.16 -12.69
N LEU C 250 -9.19 27.18 -12.63
CA LEU C 250 -9.06 26.04 -11.73
C LEU C 250 -7.79 25.26 -12.04
N ASN C 251 -7.56 25.07 -13.34
CA ASN C 251 -6.39 24.35 -13.81
C ASN C 251 -5.13 25.03 -13.34
N ARG C 252 -5.12 26.36 -13.40
CA ARG C 252 -3.93 27.08 -12.95
C ARG C 252 -3.79 26.99 -11.42
N ALA C 253 -4.92 26.99 -10.72
CA ALA C 253 -4.90 26.89 -9.28
C ALA C 253 -4.38 25.51 -8.88
N ARG C 254 -4.84 24.48 -9.59
CA ARG C 254 -4.41 23.12 -9.33
C ARG C 254 -2.93 22.91 -9.64
N TYR C 255 -2.45 23.58 -10.68
CA TYR C 255 -1.04 23.53 -10.98
C TYR C 255 -0.25 24.08 -9.77
N GLY C 256 -0.72 25.19 -9.21
CA GLY C 256 -0.03 25.83 -8.09
C GLY C 256 -0.03 24.94 -6.87
N ILE C 257 -1.15 24.26 -6.69
CA ILE C 257 -1.30 23.35 -5.58
C ILE C 257 -0.35 22.16 -5.68
N SER C 258 -0.16 21.65 -6.89
CA SER C 258 0.73 20.51 -7.09
C SER C 258 2.16 20.81 -6.67
N TRP C 259 2.57 22.06 -6.83
CA TRP C 259 3.87 22.59 -6.36
C TRP C 259 3.86 22.85 -4.85
N GLY C 260 2.77 23.46 -4.38
CA GLY C 260 2.66 23.87 -2.99
C GLY C 260 2.74 22.73 -1.99
N VAL C 261 2.02 21.64 -2.25
CA VAL C 261 2.00 20.48 -1.35
C VAL C 261 3.41 19.82 -1.21
N LEU C 262 4.26 19.96 -2.23
CA LEU C 262 5.64 19.48 -2.16
C LEU C 262 6.47 20.26 -1.12
N GLY C 263 6.13 21.53 -0.93
CA GLY C 263 6.78 22.36 0.07
C GLY C 263 6.41 21.91 1.47
N ALA C 264 5.12 21.62 1.67
CA ALA C 264 4.65 21.08 2.94
C ALA C 264 5.23 19.68 3.14
N ALA C 265 5.33 18.96 2.03
CA ALA C 265 5.90 17.62 2.05
C ALA C 265 7.33 17.66 2.54
N GLU C 266 8.12 18.56 1.94
CA GLU C 266 9.52 18.78 2.31
C GLU C 266 9.68 19.17 3.79
N ASP C 267 8.84 20.09 4.24
CA ASP C 267 8.92 20.54 5.61
C ASP C 267 8.76 19.33 6.53
N CYS C 268 7.81 18.46 6.19
CA CYS C 268 7.59 17.21 6.94
C CYS C 268 8.74 16.22 6.89
N TRP C 269 9.25 16.02 5.69
CA TRP C 269 10.42 15.19 5.48
C TRP C 269 11.62 15.71 6.30
N PHE C 270 11.93 17.00 6.18
CA PHE C 270 13.07 17.61 6.88
C PHE C 270 12.89 17.52 8.38
N ARG C 271 11.67 17.74 8.87
CA ARG C 271 11.39 17.65 10.30
C ARG C 271 11.50 16.23 10.84
N ALA C 272 10.93 15.27 10.09
CA ALA C 272 11.04 13.85 10.43
C ALA C 272 12.49 13.38 10.44
N ARG C 273 13.30 13.88 9.51
CA ARG C 273 14.70 13.50 9.45
C ARG C 273 15.42 14.00 10.68
N GLN C 274 15.26 15.29 10.93
CA GLN C 274 15.93 15.97 12.02
C GLN C 274 15.47 15.44 13.40
N TYR C 275 14.17 15.14 13.51
CA TYR C 275 13.66 14.57 14.74
C TYR C 275 14.34 13.23 15.00
N GLY C 276 14.53 12.46 13.92
CA GLY C 276 15.16 11.16 14.01
C GLY C 276 16.62 11.21 14.40
N LEU C 277 17.29 12.32 14.08
CA LEU C 277 18.70 12.52 14.48
C LEU C 277 18.79 12.98 15.92
N ASP C 278 17.76 13.68 16.38
CA ASP C 278 17.76 14.30 17.70
C ASP C 278 17.26 13.38 18.80
N ARG C 279 16.31 12.52 18.46
CA ARG C 279 15.66 11.63 19.41
C ARG C 279 16.39 10.29 19.51
N LYS C 280 16.73 9.89 20.73
CA LYS C 280 17.43 8.64 20.92
C LYS C 280 16.48 7.58 21.45
N GLN C 281 16.74 6.33 21.08
CA GLN C 281 16.05 5.19 21.66
C GLN C 281 17.00 4.01 21.60
N PHE C 282 17.15 3.32 22.72
CA PHE C 282 18.17 2.29 22.91
C PHE C 282 19.58 2.84 22.68
N ASN C 283 19.82 4.07 23.13
CA ASN C 283 21.14 4.71 23.00
C ASN C 283 21.58 4.88 21.54
N LYS C 284 20.61 4.89 20.64
CA LYS C 284 20.86 5.14 19.22
C LYS C 284 19.81 6.12 18.65
N PRO C 285 20.21 6.97 17.69
CA PRO C 285 19.17 7.83 17.13
C PRO C 285 18.15 7.00 16.36
N LEU C 286 16.89 7.43 16.34
CA LEU C 286 15.84 6.73 15.60
C LEU C 286 16.22 6.57 14.14
N ALA C 287 16.88 7.60 13.62
CA ALA C 287 17.28 7.71 12.22
C ALA C 287 18.46 6.79 11.86
N GLY C 288 18.95 6.04 12.85
CA GLY C 288 19.96 5.05 12.63
C GLY C 288 19.35 3.68 12.39
N THR C 289 18.02 3.60 12.40
CA THR C 289 17.34 2.32 12.23
C THR C 289 16.84 2.11 10.81
N GLN C 290 16.77 0.86 10.40
CA GLN C 290 16.40 0.55 9.03
C GLN C 290 15.01 1.03 8.68
N LEU C 291 14.05 0.74 9.55
CA LEU C 291 12.66 1.10 9.32
C LEU C 291 12.55 2.63 9.14
N TYR C 292 13.25 3.39 9.97
CA TYR C 292 13.23 4.85 9.86
C TYR C 292 13.85 5.29 8.57
N GLN C 293 14.97 4.66 8.21
CA GLN C 293 15.66 5.09 7.00
C GLN C 293 14.90 4.78 5.72
N LYS C 294 14.24 3.63 5.65
CA LYS C 294 13.44 3.31 4.49
C LYS C 294 12.36 4.37 4.25
N LYS C 295 11.68 4.78 5.33
CA LYS C 295 10.66 5.84 5.27
C LYS C 295 11.23 7.17 4.77
N LEU C 296 12.41 7.52 5.24
CA LEU C 296 13.10 8.71 4.77
C LEU C 296 13.46 8.60 3.30
N ALA C 297 13.80 7.39 2.86
CA ALA C 297 14.18 7.19 1.47
C ALA C 297 12.99 7.38 0.55
N ASP C 298 11.83 6.89 0.99
CA ASP C 298 10.58 7.01 0.25
C ASP C 298 10.17 8.49 0.10
N MET C 299 10.38 9.28 1.16
CA MET C 299 10.06 10.71 1.18
C MET C 299 10.85 11.46 0.14
N GLN C 300 12.16 11.26 0.21
CA GLN C 300 13.12 11.82 -0.73
C GLN C 300 12.76 11.46 -2.17
N THR C 301 12.37 10.20 -2.38
CA THR C 301 12.07 9.74 -3.71
C THR C 301 10.83 10.40 -4.25
N GLU C 302 9.74 10.38 -3.47
CA GLU C 302 8.49 10.89 -4.00
C GLU C 302 8.51 12.38 -4.20
N ILE C 303 9.19 13.10 -3.30
CA ILE C 303 9.27 14.52 -3.46
C ILE C 303 10.13 14.83 -4.69
N ALA C 304 11.23 14.10 -4.89
CA ALA C 304 12.09 14.31 -6.06
C ALA C 304 11.33 14.03 -7.36
N LEU C 305 10.50 12.97 -7.38
CA LEU C 305 9.68 12.64 -8.56
C LEU C 305 8.62 13.72 -8.81
N GLY C 306 7.96 14.16 -7.73
CA GLY C 306 6.90 15.17 -7.80
C GLY C 306 7.39 16.51 -8.31
N ILE C 307 8.58 16.90 -7.89
CA ILE C 307 9.19 18.15 -8.31
C ILE C 307 9.47 18.15 -9.81
N GLN C 308 10.08 17.07 -10.31
CA GLN C 308 10.40 16.99 -11.74
C GLN C 308 9.10 17.01 -12.55
N ALA C 309 8.03 16.44 -11.98
CA ALA C 309 6.76 16.42 -12.69
C ALA C 309 6.15 17.83 -12.76
N SER C 310 6.10 18.53 -11.64
CA SER C 310 5.51 19.88 -11.59
C SER C 310 6.34 20.85 -12.42
N LEU C 311 7.64 20.64 -12.38
CA LEU C 311 8.57 21.44 -13.13
C LEU C 311 8.30 21.27 -14.63
N ARG C 312 8.10 20.03 -15.05
CA ARG C 312 7.86 19.76 -16.47
C ARG C 312 6.56 20.42 -16.93
N VAL C 313 5.50 20.26 -16.14
CA VAL C 313 4.21 20.88 -16.43
C VAL C 313 4.34 22.40 -16.48
N GLY C 314 5.05 22.96 -15.51
CA GLY C 314 5.35 24.37 -15.48
C GLY C 314 6.05 24.81 -16.75
N ARG C 315 7.06 24.06 -17.18
CA ARG C 315 7.78 24.41 -18.42
C ARG C 315 6.84 24.36 -19.62
N LEU C 316 5.92 23.37 -19.65
CA LEU C 316 4.94 23.24 -20.72
C LEU C 316 3.95 24.39 -20.72
N PHE C 317 3.56 24.86 -19.54
CA PHE C 317 2.74 26.05 -19.43
C PHE C 317 3.40 27.20 -20.21
N ASP C 318 4.67 27.46 -19.92
CA ASP C 318 5.38 28.58 -20.51
C ASP C 318 5.56 28.41 -22.03
N GLU C 319 5.60 27.17 -22.49
CA GLU C 319 5.70 26.89 -23.92
C GLU C 319 4.37 26.99 -24.60
N GLY C 320 3.32 27.21 -23.81
CA GLY C 320 1.97 27.27 -24.32
C GLY C 320 1.45 25.86 -24.66
N LYS C 321 2.01 24.83 -24.03
CA LYS C 321 1.64 23.46 -24.34
C LYS C 321 1.00 22.68 -23.19
N MET C 322 0.37 23.38 -22.27
CA MET C 322 -0.35 22.71 -21.18
C MET C 322 -1.66 22.10 -21.65
N ALA C 323 -1.89 20.85 -21.28
CA ALA C 323 -3.18 20.24 -21.46
C ALA C 323 -3.70 19.96 -20.07
N PRO C 324 -5.00 20.19 -19.85
CA PRO C 324 -5.54 20.05 -18.49
C PRO C 324 -5.28 18.66 -17.87
N GLU C 325 -5.19 17.63 -18.70
CA GLU C 325 -4.98 16.28 -18.17
C GLU C 325 -3.60 16.16 -17.49
N MET C 326 -2.63 16.96 -17.94
CA MET C 326 -1.31 16.98 -17.31
C MET C 326 -1.45 17.40 -15.87
N ILE C 327 -2.30 18.40 -15.65
CA ILE C 327 -2.48 18.93 -14.31
C ILE C 327 -3.12 17.90 -13.40
N SER C 328 -4.10 17.15 -13.93
CA SER C 328 -4.68 16.04 -13.17
C SER C 328 -3.62 15.08 -12.69
N ILE C 329 -2.62 14.78 -13.54
CA ILE C 329 -1.54 13.88 -13.14
C ILE C 329 -0.75 14.43 -11.93
N VAL C 330 -0.25 15.66 -12.04
CA VAL C 330 0.62 16.22 -10.99
C VAL C 330 -0.18 16.62 -9.74
N LYS C 331 -1.39 17.13 -9.93
CA LYS C 331 -2.22 17.48 -8.81
C LYS C 331 -2.58 16.24 -8.01
N ARG C 332 -3.13 15.21 -8.67
CA ARG C 332 -3.54 13.97 -7.99
C ARG C 332 -2.33 13.30 -7.33
N ASN C 333 -1.24 13.16 -8.07
CA ASN C 333 -0.07 12.48 -7.54
C ASN C 333 0.57 13.24 -6.37
N ASN C 334 0.91 14.53 -6.58
CA ASN C 334 1.65 15.29 -5.57
C ASN C 334 0.81 15.50 -4.30
N CYS C 335 -0.49 15.75 -4.44
CA CYS C 335 -1.35 15.86 -3.25
C CYS C 335 -1.42 14.52 -2.50
N GLY C 336 -1.58 13.43 -3.23
CA GLY C 336 -1.60 12.13 -2.59
C GLY C 336 -0.28 11.78 -1.90
N LYS C 337 0.81 11.85 -2.65
CA LYS C 337 2.12 11.51 -2.10
C LYS C 337 2.50 12.47 -0.94
N ALA C 338 2.14 13.77 -1.06
CA ALA C 338 2.43 14.73 0.01
C ALA C 338 1.64 14.38 1.27
N LEU C 339 0.40 13.95 1.07
CA LEU C 339 -0.41 13.55 2.21
C LEU C 339 0.21 12.30 2.86
N ASP C 340 0.67 11.36 2.04
CA ASP C 340 1.26 10.13 2.57
C ASP C 340 2.51 10.43 3.40
N ILE C 341 3.31 11.38 2.92
CA ILE C 341 4.54 11.76 3.57
C ILE C 341 4.28 12.41 4.92
N ALA C 342 3.34 13.35 4.95
CA ALA C 342 2.92 14.04 6.17
C ALA C 342 2.32 13.04 7.15
N ARG C 343 1.56 12.08 6.64
CA ARG C 343 1.02 11.05 7.51
C ARG C 343 2.11 10.16 8.07
N GLN C 344 3.07 9.79 7.24
CA GLN C 344 4.19 8.96 7.67
C GLN C 344 5.06 9.71 8.68
N ALA C 345 5.31 10.99 8.41
CA ALA C 345 6.09 11.81 9.33
C ALA C 345 5.38 11.90 10.70
N ARG C 346 4.07 12.12 10.69
CA ARG C 346 3.31 12.17 11.92
C ARG C 346 3.57 10.88 12.72
N ASP C 347 3.41 9.72 12.08
CA ASP C 347 3.59 8.41 12.75
C ASP C 347 5.02 8.19 13.24
N MET C 348 5.97 8.93 12.68
CA MET C 348 7.36 8.77 13.10
C MET C 348 7.60 9.53 14.39
N HIS C 349 6.67 10.42 14.73
CA HIS C 349 6.76 11.17 15.97
C HIS C 349 6.04 10.41 17.09
N GLY C 350 6.35 9.12 17.21
CA GLY C 350 5.81 8.29 18.27
C GLY C 350 6.42 8.47 19.64
N GLY C 351 5.58 8.51 20.69
CA GLY C 351 6.07 8.65 22.04
C GLY C 351 5.12 9.33 23.01
N HIS C 359 3.89 21.07 14.05
CA HIS C 359 4.09 21.48 12.65
C HIS C 359 3.80 20.36 11.69
N VAL C 360 4.23 19.16 12.04
CA VAL C 360 3.96 18.00 11.21
C VAL C 360 2.47 17.67 11.35
N MET C 361 1.91 17.80 12.55
CA MET C 361 0.48 17.55 12.75
C MET C 361 -0.32 18.59 11.96
N ARG C 362 0.16 19.83 11.96
CA ARG C 362 -0.48 20.93 11.23
C ARG C 362 -0.53 20.67 9.73
N HIS C 363 0.64 20.39 9.16
CA HIS C 363 0.75 20.08 7.74
C HIS C 363 -0.12 18.88 7.36
N ALA C 364 -0.01 17.82 8.15
CA ALA C 364 -0.72 16.59 7.87
C ALA C 364 -2.22 16.83 7.81
N GLN C 365 -2.74 17.58 8.77
CA GLN C 365 -4.15 17.95 8.78
C GLN C 365 -4.51 18.83 7.59
N ASN C 366 -3.66 19.83 7.31
CA ASN C 366 -3.89 20.70 6.17
C ASN C 366 -3.98 19.93 4.86
N LEU C 367 -3.04 19.03 4.62
CA LEU C 367 -2.99 18.27 3.36
C LEU C 367 -4.19 17.35 3.19
N GLU C 368 -4.80 16.96 4.30
CA GLU C 368 -6.01 16.16 4.18
C GLU C 368 -7.11 16.99 3.54
N THR C 369 -7.15 18.28 3.87
CA THR C 369 -8.14 19.12 3.25
C THR C 369 -7.80 19.36 1.79
N VAL C 370 -6.53 19.60 1.51
CA VAL C 370 -6.05 19.89 0.17
C VAL C 370 -6.28 18.70 -0.79
N ASN C 371 -6.16 17.48 -0.27
CA ASN C 371 -6.34 16.29 -1.10
C ASN C 371 -7.78 16.15 -1.59
N THR C 372 -8.68 16.63 -0.75
CA THR C 372 -10.12 16.65 -0.97
C THR C 372 -10.62 17.60 -2.06
N TYR C 373 -10.11 18.83 -2.05
CA TYR C 373 -10.68 19.87 -2.91
C TYR C 373 -10.05 19.99 -4.29
N GLU C 374 -10.84 20.62 -5.16
CA GLU C 374 -10.57 20.88 -6.58
C GLU C 374 -9.55 20.00 -7.32
N GLY C 375 -9.87 18.75 -7.66
CA GLY C 375 -10.98 17.96 -7.12
C GLY C 375 -10.37 16.74 -6.44
N THR C 376 -11.15 15.69 -6.18
CA THR C 376 -10.58 14.54 -5.44
C THR C 376 -9.65 13.66 -6.28
N HIS C 377 -8.92 12.80 -5.57
CA HIS C 377 -8.00 11.84 -6.14
C HIS C 377 -8.73 10.98 -7.19
N ASP C 378 -9.90 10.45 -6.84
CA ASP C 378 -10.63 9.56 -7.73
C ASP C 378 -11.15 10.27 -8.96
N VAL C 379 -11.56 11.53 -8.81
CA VAL C 379 -12.05 12.29 -9.96
C VAL C 379 -10.96 12.55 -11.00
N HIS C 380 -9.75 12.89 -10.54
CA HIS C 380 -8.63 13.07 -11.44
C HIS C 380 -8.22 11.75 -12.09
N ALA C 381 -8.39 10.65 -11.36
CA ALA C 381 -8.15 9.32 -11.91
C ALA C 381 -9.12 9.04 -13.05
N LEU C 382 -10.41 9.36 -12.85
CA LEU C 382 -11.40 9.09 -13.89
C LEU C 382 -11.27 10.05 -15.08
N ILE C 383 -10.66 11.22 -14.84
CA ILE C 383 -10.35 12.16 -15.92
C ILE C 383 -9.26 11.55 -16.81
N LEU C 384 -8.21 11.03 -16.19
CA LEU C 384 -7.13 10.36 -16.90
C LEU C 384 -7.64 9.07 -17.54
N GLY C 385 -8.53 8.37 -16.84
CA GLY C 385 -9.12 7.15 -17.38
C GLY C 385 -9.87 7.42 -18.67
N ARG C 386 -10.68 8.49 -18.68
CA ARG C 386 -11.41 8.89 -19.87
C ARG C 386 -10.49 9.39 -20.99
N ALA C 387 -9.40 10.05 -20.62
CA ALA C 387 -8.48 10.54 -21.65
C ALA C 387 -7.71 9.38 -22.30
N GLN C 388 -7.56 8.25 -21.61
CA GLN C 388 -6.87 7.09 -22.18
C GLN C 388 -7.76 6.18 -23.03
N THR C 389 -9.04 6.12 -22.69
CA THR C 389 -9.95 5.11 -23.22
C THR C 389 -11.02 5.65 -24.14
N GLY C 390 -11.33 6.93 -24.02
CA GLY C 390 -12.45 7.55 -24.73
C GLY C 390 -13.82 7.27 -24.12
N ILE C 391 -13.83 6.66 -22.95
CA ILE C 391 -15.07 6.37 -22.22
C ILE C 391 -15.11 7.05 -20.87
N GLN C 392 -16.19 7.76 -20.56
CA GLN C 392 -16.31 8.35 -19.23
C GLN C 392 -16.86 7.29 -18.26
N ALA C 393 -16.27 7.25 -17.06
CA ALA C 393 -16.70 6.30 -16.03
C ALA C 393 -17.26 7.01 -14.79
N PHE C 394 -17.60 8.29 -14.93
CA PHE C 394 -18.15 9.06 -13.80
C PHE C 394 -19.55 8.58 -13.46
N PHE C 395 -20.31 8.23 -14.49
CA PHE C 395 -21.60 7.59 -14.34
C PHE C 395 -21.77 6.56 -15.45
N ALA D 5 -6.40 21.91 -25.77
CA ALA D 5 -5.00 21.71 -26.13
C ALA D 5 -4.67 20.22 -26.23
N ALA D 6 -3.69 19.89 -27.07
CA ALA D 6 -3.36 18.49 -27.33
C ALA D 6 -2.76 17.80 -26.11
N PHE D 7 -3.22 16.58 -25.91
CA PHE D 7 -2.75 15.72 -24.86
C PHE D 7 -2.52 14.36 -25.49
N ALA D 8 -1.32 13.83 -25.30
CA ALA D 8 -0.98 12.50 -25.73
C ALA D 8 -0.97 11.63 -24.49
N TRP D 9 -1.97 10.76 -24.34
CA TRP D 9 -2.10 9.94 -23.13
C TRP D 9 -0.91 8.98 -23.05
N GLU D 10 -0.38 8.57 -24.19
CA GLU D 10 0.72 7.62 -24.20
C GLU D 10 2.02 8.33 -23.85
N ASP D 11 2.00 9.67 -23.92
CA ASP D 11 3.18 10.49 -23.56
C ASP D 11 2.75 11.80 -22.88
N PRO D 12 2.29 11.68 -21.62
CA PRO D 12 1.63 12.73 -20.85
C PRO D 12 2.42 14.03 -20.73
N PHE D 13 3.74 13.95 -20.54
CA PHE D 13 4.57 15.13 -20.35
C PHE D 13 5.40 15.46 -21.58
N LEU D 14 5.05 14.85 -22.72
CA LEU D 14 5.75 15.09 -23.98
C LEU D 14 7.26 14.85 -23.87
N LEU D 15 7.67 13.62 -23.58
CA LEU D 15 9.08 13.24 -23.60
C LEU D 15 9.70 13.57 -24.96
N GLU D 16 8.88 13.41 -26.00
CA GLU D 16 9.31 13.61 -27.36
C GLU D 16 9.93 14.98 -27.59
N GLU D 17 9.40 16.01 -26.92
CA GLU D 17 9.92 17.37 -27.09
C GLU D 17 11.07 17.72 -26.09
N GLN D 18 11.50 16.75 -25.30
CA GLN D 18 12.60 16.94 -24.38
C GLN D 18 13.85 16.29 -24.93
N LEU D 19 13.70 15.63 -26.07
CA LEU D 19 14.79 14.86 -26.70
C LEU D 19 15.39 15.58 -27.89
N THR D 20 16.68 15.40 -28.12
CA THR D 20 17.32 15.89 -29.34
C THR D 20 16.94 15.04 -30.54
N GLU D 21 17.31 15.52 -31.71
CA GLU D 21 17.04 14.82 -32.95
C GLU D 21 17.82 13.51 -32.98
N ASP D 22 19.06 13.56 -32.52
CA ASP D 22 19.90 12.35 -32.45
C ASP D 22 19.27 11.35 -31.49
N GLU D 23 18.76 11.83 -30.36
CA GLU D 23 18.15 10.95 -29.38
C GLU D 23 16.91 10.29 -29.96
N ARG D 24 16.10 11.07 -30.67
CA ARG D 24 14.91 10.53 -31.31
C ARG D 24 15.27 9.54 -32.42
N MET D 25 16.31 9.83 -33.20
CA MET D 25 16.72 8.94 -34.28
C MET D 25 17.23 7.61 -33.73
N ILE D 26 18.04 7.68 -32.69
CA ILE D 26 18.67 6.50 -32.11
C ILE D 26 17.61 5.64 -31.42
N ARG D 27 16.61 6.27 -30.82
CA ARG D 27 15.51 5.53 -30.26
C ARG D 27 14.72 4.85 -31.37
N ASP D 28 14.49 5.57 -32.47
CA ASP D 28 13.78 4.99 -33.60
C ASP D 28 14.49 3.76 -34.15
N SER D 29 15.82 3.80 -34.22
CA SER D 29 16.54 2.63 -34.70
C SER D 29 16.36 1.51 -33.67
N ALA D 30 16.39 1.87 -32.38
CA ALA D 30 16.18 0.87 -31.35
C ALA D 30 14.79 0.24 -31.47
N LYS D 31 13.77 1.07 -31.69
CA LYS D 31 12.39 0.60 -31.80
C LYS D 31 12.18 -0.30 -33.03
N ALA D 32 12.78 0.08 -34.16
CA ALA D 32 12.69 -0.72 -35.39
C ALA D 32 13.37 -2.07 -35.19
N PHE D 33 14.51 -2.06 -34.53
CA PHE D 33 15.24 -3.29 -34.25
C PHE D 33 14.42 -4.22 -33.37
N ALA D 34 13.90 -3.65 -32.28
CA ALA D 34 13.09 -4.40 -31.33
C ALA D 34 11.87 -5.02 -31.98
N SER D 35 11.20 -4.27 -32.85
CA SER D 35 9.98 -4.77 -33.46
C SER D 35 10.30 -5.77 -34.56
N ASP D 36 11.33 -5.48 -35.35
CA ASP D 36 11.66 -6.34 -36.48
C ASP D 36 12.48 -7.57 -36.09
N VAL D 37 13.34 -7.43 -35.07
CA VAL D 37 14.28 -8.50 -34.73
C VAL D 37 14.02 -9.16 -33.37
N LEU D 38 13.80 -8.35 -32.34
CA LEU D 38 13.61 -8.90 -31.01
C LEU D 38 12.23 -9.51 -30.84
N LEU D 39 11.20 -8.77 -31.25
CA LEU D 39 9.82 -9.22 -31.04
C LEU D 39 9.47 -10.58 -31.69
N PRO D 40 9.95 -10.84 -32.93
CA PRO D 40 9.60 -12.16 -33.48
C PRO D 40 10.14 -13.33 -32.65
N ARG D 41 11.25 -13.11 -31.95
CA ARG D 41 11.83 -14.15 -31.10
C ARG D 41 10.95 -14.45 -29.89
N VAL D 42 10.44 -13.42 -29.23
CA VAL D 42 9.61 -13.64 -28.03
C VAL D 42 8.19 -14.12 -28.34
N GLU D 43 7.82 -14.16 -29.61
CA GLU D 43 6.50 -14.61 -30.01
C GLU D 43 6.58 -16.02 -30.54
N THR D 51 19.86 -18.09 -25.56
CA THR D 51 21.08 -17.28 -25.63
C THR D 51 21.84 -17.46 -26.95
N ASP D 52 22.11 -16.35 -27.65
CA ASP D 52 22.61 -16.42 -29.00
C ASP D 52 23.67 -15.38 -29.33
N PRO D 53 24.92 -15.82 -29.55
CA PRO D 53 26.03 -14.93 -29.91
C PRO D 53 25.76 -14.17 -31.21
N GLU D 54 24.89 -14.71 -32.07
CA GLU D 54 24.54 -14.02 -33.30
C GLU D 54 23.66 -12.82 -32.99
N LEU D 55 22.91 -12.90 -31.88
CA LEU D 55 22.01 -11.81 -31.53
C LEU D 55 22.84 -10.58 -31.08
N PHE D 56 23.98 -10.82 -30.44
CA PHE D 56 24.89 -9.73 -30.13
C PHE D 56 25.41 -9.07 -31.39
N HIS D 57 25.74 -9.88 -32.39
CA HIS D 57 26.26 -9.33 -33.63
C HIS D 57 25.18 -8.49 -34.33
N LEU D 58 23.93 -8.96 -34.28
CA LEU D 58 22.80 -8.20 -34.84
C LEU D 58 22.59 -6.87 -34.09
N MET D 59 22.67 -6.90 -32.77
CA MET D 59 22.51 -5.67 -31.98
C MET D 59 23.57 -4.64 -32.31
N GLY D 60 24.80 -5.12 -32.42
CA GLY D 60 25.95 -4.28 -32.70
C GLY D 60 25.87 -3.68 -34.07
N GLN D 61 25.43 -4.49 -35.02
CA GLN D 61 25.34 -4.03 -36.40
C GLN D 61 24.24 -2.98 -36.49
N ALA D 62 23.25 -3.08 -35.62
CA ALA D 62 22.18 -2.09 -35.58
C ALA D 62 22.65 -0.77 -34.96
N GLY D 63 23.85 -0.82 -34.36
CA GLY D 63 24.47 0.33 -33.72
C GLY D 63 23.94 0.54 -32.30
N LEU D 64 23.45 -0.52 -31.67
CA LEU D 64 22.77 -0.37 -30.38
C LEU D 64 23.65 -0.74 -29.20
N LEU D 65 24.89 -1.11 -29.45
CA LEU D 65 25.83 -1.44 -28.37
C LEU D 65 26.84 -0.31 -28.15
N GLY D 66 27.02 0.10 -26.90
CA GLY D 66 27.95 1.16 -26.57
C GLY D 66 27.71 2.47 -27.29
N VAL D 67 26.46 2.92 -27.25
CA VAL D 67 26.01 4.11 -27.95
C VAL D 67 26.68 5.37 -27.43
N THR D 68 27.17 5.35 -26.19
CA THR D 68 27.80 6.55 -25.66
C THR D 68 29.30 6.66 -26.07
N LEU D 69 29.85 5.63 -26.69
CA LEU D 69 31.28 5.64 -27.02
C LEU D 69 31.61 6.46 -28.29
N PRO D 70 32.86 6.98 -28.36
CA PRO D 70 33.34 7.76 -29.50
C PRO D 70 33.13 7.09 -30.85
N GLU D 71 33.00 7.90 -31.91
CA GLU D 71 32.89 7.37 -33.28
C GLU D 71 34.18 6.68 -33.70
N ASP D 72 35.26 6.93 -32.97
CA ASP D 72 36.55 6.32 -33.28
C ASP D 72 36.50 4.81 -33.21
N TYR D 73 35.49 4.29 -32.52
CA TYR D 73 35.34 2.85 -32.36
C TYR D 73 34.09 2.30 -33.07
N GLY D 74 33.46 3.14 -33.91
CA GLY D 74 32.28 2.75 -34.66
C GLY D 74 31.00 2.88 -33.85
N ALA D 75 31.10 3.57 -32.72
CA ALA D 75 29.97 3.85 -31.82
C ALA D 75 29.16 5.08 -32.24
N ALA D 76 27.99 5.25 -31.62
CA ALA D 76 27.07 6.30 -32.00
C ALA D 76 27.46 7.65 -31.39
N ASN D 77 28.42 7.64 -30.47
CA ASN D 77 28.85 8.87 -29.79
C ASN D 77 27.65 9.65 -29.24
N ALA D 78 26.70 8.94 -28.65
CA ALA D 78 25.49 9.58 -28.19
C ALA D 78 25.46 9.84 -26.68
N SER D 79 24.38 10.47 -26.22
CA SER D 79 24.22 10.85 -24.83
C SER D 79 23.78 9.69 -23.95
N TYR D 80 23.89 9.89 -22.65
CA TYR D 80 23.41 8.90 -21.70
C TYR D 80 21.89 8.81 -21.74
N VAL D 81 21.26 9.90 -22.16
CA VAL D 81 19.82 9.89 -22.39
C VAL D 81 19.49 8.88 -23.51
N ALA D 82 20.25 8.93 -24.60
CA ALA D 82 20.07 8.02 -25.72
C ALA D 82 20.26 6.56 -25.30
N TYR D 83 21.29 6.32 -24.48
CA TYR D 83 21.51 4.99 -23.92
C TYR D 83 20.26 4.54 -23.18
N GLY D 84 19.71 5.44 -22.36
CA GLY D 84 18.48 5.13 -21.68
C GLY D 84 17.33 4.81 -22.63
N LEU D 85 17.17 5.60 -23.69
CA LEU D 85 16.10 5.36 -24.67
C LEU D 85 16.23 3.99 -25.33
N VAL D 86 17.47 3.58 -25.59
CA VAL D 86 17.72 2.29 -26.20
C VAL D 86 17.33 1.14 -25.28
N ALA D 87 17.75 1.20 -24.01
CA ALA D 87 17.37 0.19 -23.02
C ALA D 87 15.86 0.06 -22.96
N ARG D 88 15.20 1.21 -22.96
CA ARG D 88 13.75 1.27 -22.85
C ARG D 88 13.07 0.55 -24.00
N GLU D 89 13.53 0.82 -25.23
CA GLU D 89 12.93 0.21 -26.40
C GLU D 89 13.14 -1.30 -26.41
N VAL D 90 14.29 -1.72 -25.89
CA VAL D 90 14.64 -3.13 -25.93
C VAL D 90 13.96 -3.92 -24.82
N GLU D 91 13.99 -3.40 -23.61
CA GLU D 91 13.37 -4.07 -22.49
C GLU D 91 11.85 -4.10 -22.66
N ARG D 92 11.35 -3.18 -23.49
CA ARG D 92 9.95 -3.21 -23.91
C ARG D 92 9.58 -4.57 -24.52
N ILE D 93 10.55 -5.16 -25.21
CA ILE D 93 10.37 -6.48 -25.77
C ILE D 93 10.65 -7.52 -24.69
N ASP D 94 11.86 -7.50 -24.14
CA ASP D 94 12.20 -8.38 -23.02
C ASP D 94 13.42 -7.93 -22.25
N SER D 95 13.35 -8.07 -20.94
CA SER D 95 14.44 -7.66 -20.04
C SER D 95 15.74 -8.41 -20.33
N GLY D 96 15.60 -9.64 -20.82
CA GLY D 96 16.73 -10.46 -21.14
C GLY D 96 17.56 -9.80 -22.22
N TYR D 97 16.89 -9.23 -23.21
CA TYR D 97 17.62 -8.54 -24.29
C TYR D 97 18.28 -7.27 -23.78
N ARG D 98 17.63 -6.57 -22.86
CA ARG D 98 18.23 -5.38 -22.28
C ARG D 98 19.44 -5.76 -21.45
N SER D 99 19.37 -6.94 -20.83
CA SER D 99 20.47 -7.37 -19.98
C SER D 99 21.76 -7.63 -20.79
N MET D 100 21.58 -8.12 -22.02
CA MET D 100 22.71 -8.31 -22.92
C MET D 100 23.45 -7.01 -23.11
N MET D 101 22.70 -5.92 -23.28
CA MET D 101 23.27 -4.61 -23.52
C MET D 101 23.88 -4.00 -22.25
N SER D 102 23.25 -4.20 -21.08
CA SER D 102 23.81 -3.70 -19.80
C SER D 102 25.20 -4.26 -19.59
N VAL D 103 25.35 -5.57 -19.77
CA VAL D 103 26.65 -6.20 -19.59
C VAL D 103 27.67 -5.73 -20.63
N GLN D 104 27.34 -5.87 -21.91
CA GLN D 104 28.28 -5.54 -22.97
C GLN D 104 28.73 -4.06 -22.94
N SER D 105 27.78 -3.15 -22.72
CA SER D 105 28.05 -1.71 -22.77
C SER D 105 28.55 -1.13 -21.44
N SER D 106 27.86 -1.39 -20.33
CA SER D 106 28.18 -0.72 -19.08
C SER D 106 29.17 -1.49 -18.25
N LEU D 107 29.17 -2.81 -18.38
CA LEU D 107 30.04 -3.66 -17.57
C LEU D 107 31.33 -4.04 -18.31
N VAL D 108 31.36 -3.92 -19.63
CA VAL D 108 32.56 -4.34 -20.37
C VAL D 108 33.22 -3.21 -21.16
N MET D 109 32.46 -2.54 -22.02
CA MET D 109 33.04 -1.47 -22.83
C MET D 109 33.36 -0.21 -22.01
N TYR D 110 32.48 0.14 -21.09
CA TYR D 110 32.72 1.32 -20.29
C TYR D 110 34.03 1.19 -19.51
N PRO D 111 34.25 0.07 -18.76
CA PRO D 111 35.53 0.12 -18.03
C PRO D 111 36.76 0.09 -18.97
N ILE D 112 36.64 -0.58 -20.11
CA ILE D 112 37.77 -0.63 -21.05
C ILE D 112 38.04 0.77 -21.59
N TYR D 113 36.98 1.47 -21.93
CA TYR D 113 37.12 2.82 -22.45
C TYR D 113 37.58 3.81 -21.39
N ALA D 114 36.87 3.86 -20.28
CA ALA D 114 37.13 4.85 -19.25
C ALA D 114 38.45 4.62 -18.51
N TYR D 115 38.82 3.36 -18.27
CA TYR D 115 40.02 3.09 -17.47
C TYR D 115 41.19 2.50 -18.27
N GLY D 116 40.97 2.27 -19.56
CA GLY D 116 41.95 1.52 -20.33
C GLY D 116 42.86 2.43 -21.07
N SER D 117 43.92 1.85 -21.61
CA SER D 117 44.88 2.56 -22.43
C SER D 117 44.38 2.69 -23.87
N ASP D 118 45.03 3.54 -24.65
CA ASP D 118 44.67 3.69 -26.05
C ASP D 118 44.85 2.37 -26.79
N GLU D 119 45.91 1.62 -26.45
CA GLU D 119 46.11 0.31 -27.06
C GLU D 119 44.90 -0.56 -26.73
N GLN D 120 44.50 -0.54 -25.47
CA GLN D 120 43.39 -1.38 -25.06
C GLN D 120 42.08 -0.96 -25.70
N ARG D 121 41.86 0.35 -25.79
CA ARG D 121 40.64 0.88 -26.41
C ARG D 121 40.51 0.43 -27.87
N LYS D 122 41.63 0.50 -28.60
CA LYS D 122 41.66 0.22 -30.03
C LYS D 122 41.46 -1.25 -30.34
N LYS D 123 42.00 -2.12 -29.49
CA LYS D 123 41.94 -3.55 -29.76
C LYS D 123 40.53 -4.11 -29.55
N TYR D 124 39.89 -3.73 -28.47
CA TYR D 124 38.68 -4.41 -28.05
C TYR D 124 37.39 -3.68 -28.40
N LEU D 125 37.38 -2.36 -28.28
CA LEU D 125 36.13 -1.62 -28.41
C LEU D 125 35.46 -1.83 -29.78
N PRO D 126 36.21 -1.74 -30.90
CA PRO D 126 35.51 -1.92 -32.17
C PRO D 126 34.78 -3.27 -32.25
N GLY D 127 35.42 -4.32 -31.75
CA GLY D 127 34.86 -5.65 -31.76
C GLY D 127 33.68 -5.80 -30.84
N LEU D 128 33.73 -5.08 -29.72
CA LEU D 128 32.64 -5.12 -28.75
C LEU D 128 31.43 -4.33 -29.23
N VAL D 129 31.68 -3.18 -29.87
CA VAL D 129 30.62 -2.31 -30.41
C VAL D 129 29.81 -3.02 -31.47
N SER D 130 30.52 -3.74 -32.35
CA SER D 130 29.92 -4.50 -33.45
C SER D 130 29.16 -5.74 -32.99
N GLY D 131 29.46 -6.22 -31.79
CA GLY D 131 28.87 -7.45 -31.29
C GLY D 131 29.62 -8.67 -31.78
N GLU D 132 30.72 -8.47 -32.50
CA GLU D 132 31.52 -9.59 -32.93
C GLU D 132 32.24 -10.19 -31.73
N LEU D 133 32.62 -9.35 -30.78
CA LEU D 133 33.18 -9.82 -29.53
C LEU D 133 32.13 -9.72 -28.42
N ILE D 134 32.12 -10.73 -27.59
CA ILE D 134 31.25 -10.78 -26.46
C ILE D 134 32.09 -10.64 -25.19
N GLY D 135 31.63 -9.83 -24.25
CA GLY D 135 32.39 -9.58 -23.04
C GLY D 135 31.68 -10.03 -21.79
N CYS D 136 32.42 -10.13 -20.69
CA CYS D 136 31.78 -10.31 -19.40
C CYS D 136 32.53 -9.56 -18.31
N PHE D 137 31.87 -9.47 -17.15
CA PHE D 137 32.33 -8.62 -16.07
C PHE D 137 32.55 -9.52 -14.85
N GLY D 138 33.80 -9.69 -14.44
CA GLY D 138 34.11 -10.60 -13.37
C GLY D 138 34.43 -9.88 -12.07
N LEU D 139 33.44 -9.78 -11.20
CA LEU D 139 33.65 -9.11 -9.92
C LEU D 139 33.26 -10.07 -8.79
N THR D 140 32.02 -10.57 -8.83
CA THR D 140 31.52 -11.42 -7.76
C THR D 140 32.22 -12.78 -7.76
N GLU D 141 32.51 -13.26 -6.56
CA GLU D 141 33.24 -14.49 -6.31
C GLU D 141 32.32 -15.50 -5.61
N PRO D 142 32.72 -16.80 -5.60
CA PRO D 142 31.82 -17.80 -5.02
C PRO D 142 31.38 -17.57 -3.58
N ASP D 143 32.17 -16.88 -2.76
CA ASP D 143 31.86 -16.75 -1.33
C ASP D 143 30.41 -16.35 -1.06
N ALA D 144 30.04 -15.13 -1.46
CA ALA D 144 28.66 -14.66 -1.35
C ALA D 144 28.54 -13.29 -2.03
N GLY D 145 28.12 -12.31 -1.25
CA GLY D 145 28.20 -10.92 -1.66
C GLY D 145 29.23 -10.24 -0.78
N SER D 146 30.06 -11.05 -0.14
CA SER D 146 31.04 -10.57 0.84
C SER D 146 32.01 -9.55 0.26
N ALA D 149 34.51 -5.31 -2.48
CA ALA D 149 34.66 -6.27 -1.40
C ALA D 149 36.11 -6.75 -1.20
N GLY D 150 36.33 -7.50 -0.12
CA GLY D 150 37.60 -8.13 0.19
C GLY D 150 37.76 -9.43 -0.59
N MET D 151 37.87 -9.28 -1.90
CA MET D 151 37.92 -10.39 -2.86
C MET D 151 39.20 -11.21 -2.76
N LYS D 152 39.10 -12.48 -3.12
CA LYS D 152 40.21 -13.42 -2.98
C LYS D 152 41.02 -13.57 -4.25
N THR D 153 40.46 -13.23 -5.41
CA THR D 153 41.22 -13.31 -6.66
C THR D 153 42.42 -12.38 -6.60
N ARG D 154 43.59 -12.91 -6.91
CA ARG D 154 44.84 -12.16 -6.80
C ARG D 154 45.61 -12.10 -8.12
N ALA D 155 46.42 -11.06 -8.27
CA ALA D 155 47.24 -10.91 -9.43
C ALA D 155 48.69 -10.71 -8.98
N GLU D 156 49.45 -11.80 -9.02
CA GLU D 156 50.85 -11.76 -8.63
C GLU D 156 51.67 -11.06 -9.72
N LYS D 157 52.61 -10.20 -9.33
CA LYS D 157 53.53 -9.61 -10.29
C LYS D 157 54.57 -10.67 -10.72
N ILE D 158 54.74 -10.80 -12.03
CA ILE D 158 55.69 -11.74 -12.63
C ILE D 158 56.49 -11.01 -13.72
N ASP D 159 57.63 -11.60 -14.12
CA ASP D 159 58.50 -11.03 -15.14
C ASP D 159 57.73 -10.68 -16.41
N GLY D 160 57.50 -9.40 -16.62
CA GLY D 160 56.81 -8.96 -17.82
C GLY D 160 55.29 -8.84 -17.68
N GLY D 161 54.76 -9.06 -16.47
CA GLY D 161 53.32 -8.94 -16.29
C GLY D 161 52.70 -9.43 -14.99
N TYR D 162 51.58 -10.13 -15.11
CA TYR D 162 50.87 -10.60 -13.95
C TYR D 162 50.42 -12.04 -14.11
N ARG D 163 50.20 -12.70 -12.97
CA ARG D 163 49.66 -14.04 -12.91
C ARG D 163 48.40 -14.03 -12.05
N LEU D 164 47.26 -14.30 -12.69
CA LEU D 164 45.98 -14.21 -12.01
C LEU D 164 45.51 -15.58 -11.53
N SER D 165 45.08 -15.61 -10.28
CA SER D 165 44.53 -16.81 -9.69
C SER D 165 43.29 -16.47 -8.91
N GLY D 166 42.28 -17.31 -9.06
CA GLY D 166 41.03 -17.07 -8.39
C GLY D 166 39.87 -17.55 -9.23
N SER D 167 38.67 -17.34 -8.69
CA SER D 167 37.43 -17.76 -9.32
C SER D 167 36.36 -16.67 -9.22
N LYS D 168 35.76 -16.32 -10.36
CA LYS D 168 34.59 -15.47 -10.32
C LYS D 168 33.37 -16.37 -10.49
N MET D 169 32.27 -16.04 -9.83
CA MET D 169 31.08 -16.88 -9.91
C MET D 169 29.84 -16.06 -10.26
N TRP D 170 28.86 -16.71 -10.87
CA TRP D 170 27.65 -16.06 -11.35
C TRP D 170 27.99 -14.94 -12.34
N ILE D 171 28.84 -15.23 -13.32
CA ILE D 171 29.22 -14.19 -14.24
C ILE D 171 28.38 -14.29 -15.51
N SER D 172 27.69 -13.20 -15.79
CA SER D 172 26.85 -13.09 -16.97
C SER D 172 27.66 -13.18 -18.24
N ASN D 173 27.25 -14.10 -19.10
CA ASN D 173 27.83 -14.32 -20.43
C ASN D 173 29.28 -14.84 -20.43
N SER D 174 29.81 -15.23 -19.27
CA SER D 174 31.18 -15.73 -19.25
C SER D 174 31.39 -16.99 -20.13
N PRO D 175 30.42 -17.95 -20.19
CA PRO D 175 30.78 -19.13 -20.99
C PRO D 175 30.84 -18.87 -22.49
N ILE D 176 30.34 -17.73 -22.96
CA ILE D 176 30.47 -17.36 -24.37
C ILE D 176 31.31 -16.11 -24.57
N ALA D 177 32.04 -15.68 -23.55
CA ALA D 177 32.79 -14.42 -23.68
C ALA D 177 34.15 -14.60 -24.38
N ASP D 178 34.50 -13.61 -25.19
CA ASP D 178 35.80 -13.53 -25.82
C ASP D 178 36.68 -12.62 -24.96
N VAL D 179 36.02 -11.67 -24.28
CA VAL D 179 36.70 -10.66 -23.48
C VAL D 179 36.30 -10.68 -22.02
N PHE D 180 37.30 -10.69 -21.14
CA PHE D 180 37.09 -10.81 -19.69
C PHE D 180 37.71 -9.62 -18.95
N VAL D 181 36.84 -8.77 -18.39
CA VAL D 181 37.26 -7.69 -17.54
C VAL D 181 37.16 -8.18 -16.09
N VAL D 182 38.30 -8.52 -15.50
CA VAL D 182 38.37 -9.17 -14.19
C VAL D 182 38.95 -8.24 -13.13
N TRP D 183 38.31 -8.18 -11.97
CA TRP D 183 38.82 -7.38 -10.86
C TRP D 183 39.50 -8.28 -9.85
N ALA D 184 40.70 -7.87 -9.44
CA ALA D 184 41.53 -8.68 -8.55
C ALA D 184 42.45 -7.79 -7.70
N LYS D 185 42.73 -8.23 -6.48
CA LYS D 185 43.70 -7.55 -5.64
C LYS D 185 45.07 -7.77 -6.23
N SER D 186 45.70 -6.69 -6.66
CA SER D 186 46.97 -6.79 -7.31
C SER D 186 48.11 -6.65 -6.30
N ALA D 187 48.84 -7.74 -6.08
CA ALA D 187 50.11 -7.63 -5.39
C ALA D 187 50.90 -6.76 -6.35
N ALA D 188 51.75 -5.89 -5.80
CA ALA D 188 52.55 -4.89 -6.50
C ALA D 188 51.83 -3.55 -6.58
N HIS D 189 50.55 -3.54 -6.27
CA HIS D 189 49.86 -2.27 -6.10
C HIS D 189 49.46 -2.15 -4.65
N ASP D 190 50.22 -2.84 -3.80
CA ASP D 190 49.93 -2.92 -2.38
C ASP D 190 48.51 -3.45 -2.22
N ASN D 191 48.25 -4.56 -2.90
CA ASN D 191 46.96 -5.24 -2.88
C ASN D 191 45.71 -4.42 -3.28
N ALA D 192 45.92 -3.30 -3.96
CA ALA D 192 44.79 -2.49 -4.40
C ALA D 192 44.03 -3.28 -5.46
N ILE D 193 42.73 -3.03 -5.57
CA ILE D 193 41.95 -3.73 -6.58
C ILE D 193 42.19 -3.11 -7.96
N ARG D 194 42.65 -3.93 -8.90
CA ARG D 194 42.89 -3.46 -10.26
C ARG D 194 42.03 -4.26 -11.26
N GLY D 195 41.81 -3.66 -12.44
CA GLY D 195 41.08 -4.33 -13.50
C GLY D 195 42.03 -4.90 -14.52
N PHE D 196 41.71 -6.11 -15.01
CA PHE D 196 42.56 -6.78 -16.01
C PHE D 196 41.75 -7.32 -17.21
N ILE D 197 42.27 -7.16 -18.42
CA ILE D 197 41.61 -7.72 -19.61
C ILE D 197 42.17 -9.09 -20.01
N LEU D 198 41.33 -10.11 -19.89
CA LEU D 198 41.74 -11.47 -20.24
C LEU D 198 41.00 -11.88 -21.49
N GLU D 199 41.65 -12.69 -22.33
CA GLU D 199 41.05 -13.19 -23.55
C GLU D 199 40.75 -14.70 -23.48
N LYS D 200 39.78 -15.15 -24.27
CA LYS D 200 39.26 -16.52 -24.19
C LYS D 200 40.29 -17.64 -24.40
N GLY D 201 41.21 -17.45 -25.33
CA GLY D 201 42.17 -18.52 -25.53
C GLY D 201 43.24 -18.66 -24.46
N MET D 202 43.27 -17.79 -23.47
CA MET D 202 44.43 -17.77 -22.58
C MET D 202 44.59 -19.02 -21.71
N LYS D 203 45.83 -19.39 -21.47
CA LYS D 203 46.12 -20.61 -20.77
C LYS D 203 45.67 -20.44 -19.31
N GLY D 204 45.07 -21.48 -18.75
CA GLY D 204 44.56 -21.49 -17.39
C GLY D 204 43.25 -20.72 -17.18
N LEU D 205 42.66 -20.22 -18.26
CA LEU D 205 41.41 -19.49 -18.20
C LEU D 205 40.26 -20.39 -18.71
N SER D 206 39.21 -20.58 -17.90
CA SER D 206 38.05 -21.30 -18.40
C SER D 206 36.77 -20.68 -17.89
N ALA D 207 35.72 -20.78 -18.69
CA ALA D 207 34.45 -20.20 -18.30
C ALA D 207 33.32 -21.23 -18.48
N PRO D 208 33.21 -22.17 -17.51
CA PRO D 208 32.20 -23.23 -17.51
C PRO D 208 30.83 -22.66 -17.19
N LYS D 209 29.79 -23.14 -17.87
CA LYS D 209 28.43 -22.75 -17.58
C LYS D 209 27.98 -23.30 -16.21
N ILE D 210 27.00 -22.65 -15.60
CA ILE D 210 26.43 -23.11 -14.33
C ILE D 210 25.01 -23.63 -14.58
N GLY D 211 24.62 -24.67 -13.84
CA GLY D 211 23.34 -25.33 -14.00
C GLY D 211 22.13 -24.51 -13.56
N GLY D 212 20.93 -25.03 -13.84
CA GLY D 212 19.69 -24.35 -13.52
C GLY D 212 19.14 -23.51 -14.67
N LYS D 213 17.81 -23.35 -14.70
CA LYS D 213 17.14 -22.54 -15.72
C LYS D 213 17.40 -21.05 -15.51
N SER D 215 17.76 -17.51 -15.46
CA SER D 215 16.46 -17.08 -14.96
C SER D 215 15.77 -16.12 -15.92
N LEU D 216 16.55 -15.42 -16.74
CA LEU D 216 16.03 -14.55 -17.79
C LEU D 216 16.21 -15.14 -19.20
N ARG D 217 15.48 -14.60 -20.16
CA ARG D 217 15.58 -14.99 -21.55
C ARG D 217 16.92 -14.52 -22.09
N ALA D 218 17.42 -15.19 -23.11
CA ALA D 218 18.64 -14.76 -23.81
C ALA D 218 19.85 -14.60 -22.88
N SER D 219 19.86 -15.32 -21.77
CA SER D 219 20.99 -15.19 -20.84
C SER D 219 21.62 -16.54 -20.48
N ILE D 220 22.87 -16.47 -20.10
CA ILE D 220 23.68 -17.62 -19.77
C ILE D 220 24.66 -17.20 -18.68
N THR D 221 24.74 -17.99 -17.61
CA THR D 221 25.62 -17.66 -16.49
C THR D 221 26.71 -18.72 -16.32
N GLY D 222 27.90 -18.27 -15.92
CA GLY D 222 28.98 -19.20 -15.69
C GLY D 222 30.06 -18.68 -14.76
N GLU D 223 31.18 -19.40 -14.72
CA GLU D 223 32.32 -19.03 -13.89
C GLU D 223 33.44 -18.41 -14.71
N ILE D 224 34.40 -17.83 -14.00
CA ILE D 224 35.68 -17.49 -14.59
C ILE D 224 36.71 -18.13 -13.70
N VAL D 225 37.34 -19.19 -14.19
CA VAL D 225 38.35 -19.87 -13.43
C VAL D 225 39.72 -19.44 -13.94
N MET D 226 40.50 -18.84 -13.05
CA MET D 226 41.86 -18.41 -13.41
C MET D 226 42.88 -19.23 -12.66
N ASP D 227 43.44 -20.19 -13.39
CA ASP D 227 44.39 -21.10 -12.83
C ASP D 227 45.78 -20.63 -13.27
N GLY D 228 46.31 -19.60 -12.60
CA GLY D 228 47.61 -19.03 -12.94
C GLY D 228 47.68 -18.44 -14.34
N VAL D 229 46.72 -17.60 -14.69
CA VAL D 229 46.66 -17.01 -16.01
C VAL D 229 47.66 -15.91 -16.17
N GLU D 230 48.58 -16.08 -17.12
CA GLU D 230 49.64 -15.09 -17.29
C GLU D 230 49.36 -14.05 -18.37
N VAL D 231 49.47 -12.78 -18.01
CA VAL D 231 49.25 -11.71 -18.97
C VAL D 231 50.41 -10.73 -18.95
N SER D 232 50.58 -9.96 -20.03
CA SER D 232 51.62 -8.96 -20.07
C SER D 232 51.20 -7.78 -19.23
N GLU D 233 52.06 -6.76 -19.15
CA GLU D 233 51.73 -5.66 -18.28
C GLU D 233 50.66 -4.74 -18.86
N ASP D 234 50.40 -4.85 -20.16
CA ASP D 234 49.46 -3.95 -20.80
C ASP D 234 48.03 -4.50 -20.74
N ALA D 235 47.88 -5.61 -20.03
CA ALA D 235 46.58 -6.21 -19.83
C ALA D 235 45.88 -5.60 -18.61
N ILE D 236 46.64 -4.86 -17.79
CA ILE D 236 46.04 -4.19 -16.64
C ILE D 236 45.43 -2.87 -17.11
N LEU D 237 44.27 -2.53 -16.56
CA LEU D 237 43.65 -1.24 -16.81
C LEU D 237 44.35 -0.16 -16.00
N PRO D 238 45.10 0.71 -16.68
CA PRO D 238 45.99 1.65 -15.98
C PRO D 238 45.29 2.77 -15.22
N ASN D 239 44.17 3.28 -15.73
CA ASN D 239 43.57 4.51 -15.19
C ASN D 239 42.46 4.34 -14.15
N VAL D 240 42.54 3.30 -13.33
CA VAL D 240 41.62 3.16 -12.21
C VAL D 240 42.18 2.22 -11.14
N SER D 241 41.76 2.46 -9.89
CA SER D 241 42.15 1.64 -8.74
C SER D 241 41.04 1.65 -7.69
N GLY D 242 40.93 0.57 -6.93
CA GLY D 242 39.90 0.48 -5.91
C GLY D 242 38.54 0.08 -6.47
N LEU D 243 37.58 -0.01 -5.56
CA LEU D 243 36.22 -0.43 -5.89
C LEU D 243 35.52 0.62 -6.74
N LYS D 244 36.10 1.81 -6.77
CA LYS D 244 35.65 2.89 -7.62
C LYS D 244 35.44 2.41 -9.07
N GLY D 245 36.35 1.54 -9.52
CA GLY D 245 36.35 0.95 -10.85
C GLY D 245 35.14 0.11 -11.21
N PRO D 246 35.00 -1.06 -10.57
CA PRO D 246 33.80 -1.86 -10.87
C PRO D 246 32.49 -1.13 -10.52
N PHE D 247 32.47 -0.35 -9.45
CA PHE D 247 31.22 0.31 -9.02
C PHE D 247 30.81 1.35 -10.05
N GLY D 248 31.76 1.94 -10.76
CA GLY D 248 31.42 2.90 -11.79
C GLY D 248 30.63 2.21 -12.87
N CYS D 249 30.99 0.93 -13.12
CA CYS D 249 30.33 0.15 -14.15
C CYS D 249 28.92 -0.21 -13.72
N LEU D 250 28.81 -0.68 -12.48
CA LEU D 250 27.54 -1.12 -11.93
C LEU D 250 26.56 0.03 -11.91
N ASN D 251 27.05 1.21 -11.55
CA ASN D 251 26.22 2.41 -11.52
C ASN D 251 25.63 2.74 -12.89
N ARG D 252 26.43 2.59 -13.93
CA ARG D 252 25.95 2.87 -15.27
C ARG D 252 24.97 1.81 -15.75
N ALA D 253 25.19 0.57 -15.35
CA ALA D 253 24.26 -0.50 -15.68
C ALA D 253 22.92 -0.22 -15.02
N ARG D 254 22.95 0.21 -13.76
CA ARG D 254 21.72 0.47 -13.03
C ARG D 254 20.99 1.64 -13.63
N TYR D 255 21.74 2.62 -14.14
CA TYR D 255 21.09 3.74 -14.82
C TYR D 255 20.29 3.22 -16.01
N GLY D 256 20.89 2.36 -16.82
CA GLY D 256 20.20 1.81 -17.98
C GLY D 256 18.97 0.99 -17.59
N ILE D 257 19.09 0.25 -16.49
CA ILE D 257 18.00 -0.60 -16.00
C ILE D 257 16.81 0.25 -15.57
N SER D 258 17.10 1.39 -14.94
CA SER D 258 16.07 2.31 -14.46
C SER D 258 15.26 2.82 -15.65
N TRP D 259 15.89 2.88 -16.83
CA TRP D 259 15.20 3.19 -18.08
C TRP D 259 14.46 1.97 -18.66
N GLY D 260 15.13 0.82 -18.70
CA GLY D 260 14.59 -0.36 -19.36
C GLY D 260 13.27 -0.82 -18.77
N VAL D 261 13.22 -0.86 -17.45
CA VAL D 261 12.02 -1.31 -16.77
C VAL D 261 10.85 -0.39 -17.08
N LEU D 262 11.11 0.88 -17.39
CA LEU D 262 10.02 1.77 -17.82
C LEU D 262 9.43 1.33 -19.15
N GLY D 263 10.26 0.77 -20.02
CA GLY D 263 9.78 0.27 -21.29
C GLY D 263 8.93 -0.99 -21.13
N ALA D 264 9.37 -1.91 -20.28
CA ALA D 264 8.55 -3.08 -19.97
C ALA D 264 7.29 -2.65 -19.21
N ALA D 265 7.41 -1.64 -18.35
CA ALA D 265 6.25 -1.13 -17.61
C ALA D 265 5.22 -0.60 -18.59
N GLU D 266 5.68 0.20 -19.55
CA GLU D 266 4.81 0.73 -20.58
C GLU D 266 4.09 -0.38 -21.36
N ASP D 267 4.86 -1.39 -21.75
CA ASP D 267 4.31 -2.51 -22.51
C ASP D 267 3.18 -3.19 -21.79
N CYS D 268 3.33 -3.34 -20.47
CA CYS D 268 2.30 -3.93 -19.63
C CYS D 268 1.08 -3.00 -19.56
N TRP D 269 1.35 -1.72 -19.38
CA TRP D 269 0.33 -0.67 -19.36
C TRP D 269 -0.48 -0.68 -20.65
N PHE D 270 0.21 -0.64 -21.81
CA PHE D 270 -0.45 -0.62 -23.12
C PHE D 270 -1.26 -1.88 -23.39
N ARG D 271 -0.71 -3.03 -23.00
CA ARG D 271 -1.43 -4.29 -23.14
CA ARG D 271 -1.42 -4.30 -23.13
C ARG D 271 -2.62 -4.36 -22.18
N ALA D 272 -2.44 -3.86 -20.95
CA ALA D 272 -3.56 -3.83 -20.02
C ALA D 272 -4.68 -2.93 -20.55
N ARG D 273 -4.30 -1.82 -21.16
CA ARG D 273 -5.27 -0.88 -21.71
C ARG D 273 -6.01 -1.48 -22.88
N GLN D 274 -5.27 -2.07 -23.80
CA GLN D 274 -5.85 -2.66 -25.02
C GLN D 274 -6.70 -3.87 -24.70
N TYR D 275 -6.26 -4.68 -23.74
CA TYR D 275 -7.04 -5.83 -23.31
C TYR D 275 -8.39 -5.37 -22.75
N GLY D 276 -8.36 -4.33 -21.92
CA GLY D 276 -9.56 -3.77 -21.34
C GLY D 276 -10.47 -3.10 -22.38
N LEU D 277 -9.90 -2.67 -23.50
CA LEU D 277 -10.72 -2.10 -24.55
C LEU D 277 -11.34 -3.21 -25.38
N ASP D 278 -10.62 -4.33 -25.45
CA ASP D 278 -11.03 -5.40 -26.34
C ASP D 278 -12.01 -6.32 -25.61
N ARG D 279 -11.81 -6.48 -24.31
CA ARG D 279 -12.65 -7.40 -23.58
C ARG D 279 -13.89 -6.66 -23.14
N LYS D 280 -15.03 -7.22 -23.53
CA LYS D 280 -16.34 -6.64 -23.23
C LYS D 280 -17.04 -7.38 -22.10
N GLN D 281 -17.81 -6.64 -21.31
CA GLN D 281 -18.64 -7.26 -20.29
C GLN D 281 -19.83 -6.34 -20.03
N PHE D 282 -21.02 -6.93 -19.97
CA PHE D 282 -22.24 -6.16 -19.85
C PHE D 282 -22.31 -5.14 -20.99
N ASN D 283 -21.88 -5.54 -22.18
CA ASN D 283 -21.90 -4.67 -23.35
C ASN D 283 -21.05 -3.38 -23.30
N LYS D 284 -20.08 -3.33 -22.38
CA LYS D 284 -19.10 -2.23 -22.33
C LYS D 284 -17.70 -2.81 -22.11
N PRO D 285 -16.67 -2.10 -22.59
CA PRO D 285 -15.31 -2.59 -22.34
C PRO D 285 -14.95 -2.51 -20.84
N LEU D 286 -14.08 -3.40 -20.36
CA LEU D 286 -13.64 -3.39 -18.95
C LEU D 286 -13.08 -2.01 -18.62
N ALA D 287 -12.39 -1.44 -19.60
CA ALA D 287 -11.75 -0.14 -19.45
C ALA D 287 -12.79 0.99 -19.43
N GLY D 288 -14.06 0.61 -19.46
CA GLY D 288 -15.14 1.55 -19.28
C GLY D 288 -15.57 1.64 -17.82
N THR D 289 -14.94 0.87 -16.94
CA THR D 289 -15.27 0.89 -15.50
C THR D 289 -14.25 1.68 -14.67
N GLN D 290 -14.72 2.20 -13.55
CA GLN D 290 -13.91 3.04 -12.67
C GLN D 290 -12.69 2.30 -12.11
N LEU D 291 -12.90 1.08 -11.63
CA LEU D 291 -11.82 0.32 -11.02
C LEU D 291 -10.73 0.09 -12.03
N TYR D 292 -11.12 -0.21 -13.25
CA TYR D 292 -10.17 -0.45 -14.32
C TYR D 292 -9.44 0.82 -14.69
N GLN D 293 -10.21 1.91 -14.83
CA GLN D 293 -9.63 3.17 -15.23
C GLN D 293 -8.70 3.70 -14.15
N LYS D 294 -9.04 3.48 -12.89
CA LYS D 294 -8.17 3.94 -11.83
C LYS D 294 -6.78 3.31 -11.92
N LYS D 295 -6.72 2.02 -12.24
CA LYS D 295 -5.44 1.32 -12.42
C LYS D 295 -4.64 1.87 -13.60
N LEU D 296 -5.33 2.16 -14.69
CA LEU D 296 -4.66 2.72 -15.87
C LEU D 296 -4.08 4.07 -15.55
N ALA D 297 -4.79 4.81 -14.70
CA ALA D 297 -4.35 6.14 -14.31
C ALA D 297 -3.10 6.05 -13.44
N ASP D 298 -3.06 5.06 -12.54
CA ASP D 298 -1.85 4.86 -11.70
C ASP D 298 -0.62 4.43 -12.53
N MET D 299 -0.82 3.58 -13.54
CA MET D 299 0.28 3.16 -14.43
C MET D 299 0.86 4.35 -15.18
N GLN D 300 -0.03 5.10 -15.83
CA GLN D 300 0.30 6.32 -16.55
C GLN D 300 1.11 7.30 -15.72
N THR D 301 0.67 7.51 -14.48
CA THR D 301 1.31 8.44 -13.57
C THR D 301 2.71 8.02 -13.17
N GLU D 302 2.86 6.76 -12.77
CA GLU D 302 4.16 6.29 -12.27
C GLU D 302 5.21 6.19 -13.38
N ILE D 303 4.77 5.82 -14.57
CA ILE D 303 5.68 5.76 -15.71
C ILE D 303 6.13 7.18 -16.08
N ALA D 304 5.19 8.13 -16.01
CA ALA D 304 5.50 9.51 -16.36
C ALA D 304 6.49 10.09 -15.36
N LEU D 305 6.32 9.76 -14.08
CA LEU D 305 7.26 10.25 -13.07
C LEU D 305 8.61 9.61 -13.26
N GLY D 306 8.61 8.31 -13.55
CA GLY D 306 9.83 7.55 -13.70
C GLY D 306 10.67 8.03 -14.87
N ILE D 307 9.99 8.36 -15.97
CA ILE D 307 10.69 8.83 -17.17
C ILE D 307 11.35 10.18 -16.87
N GLN D 308 10.61 11.10 -16.21
CA GLN D 308 11.20 12.40 -15.90
C GLN D 308 12.43 12.30 -14.97
N ALA D 309 12.42 11.33 -14.07
CA ALA D 309 13.54 11.16 -13.14
C ALA D 309 14.74 10.59 -13.90
N SER D 310 14.52 9.53 -14.68
CA SER D 310 15.64 8.92 -15.39
C SER D 310 16.24 9.88 -16.40
N LEU D 311 15.38 10.67 -17.02
CA LEU D 311 15.80 11.67 -17.98
C LEU D 311 16.70 12.67 -17.31
N ARG D 312 16.27 13.11 -16.15
CA ARG D 312 17.00 14.09 -15.41
C ARG D 312 18.37 13.51 -15.04
N VAL D 313 18.41 12.25 -14.59
CA VAL D 313 19.69 11.61 -14.25
C VAL D 313 20.60 11.48 -15.50
N GLY D 314 20.02 11.09 -16.63
CA GLY D 314 20.77 11.06 -17.88
C GLY D 314 21.39 12.40 -18.21
N ARG D 315 20.62 13.48 -18.06
CA ARG D 315 21.12 14.83 -18.35
C ARG D 315 22.30 15.19 -17.47
N LEU D 316 22.22 14.81 -16.20
CA LEU D 316 23.28 15.04 -15.22
C LEU D 316 24.51 14.20 -15.52
N PHE D 317 24.26 12.98 -15.99
CA PHE D 317 25.34 12.16 -16.48
C PHE D 317 26.11 12.91 -17.53
N ASP D 318 25.40 13.40 -18.53
CA ASP D 318 26.05 14.06 -19.66
C ASP D 318 26.74 15.34 -19.21
N GLU D 319 26.22 15.98 -18.16
CA GLU D 319 26.87 17.18 -17.64
C GLU D 319 28.01 16.79 -16.70
N GLY D 320 28.15 15.50 -16.45
CA GLY D 320 29.20 15.02 -15.56
C GLY D 320 28.91 15.29 -14.10
N LYS D 321 27.63 15.43 -13.76
CA LYS D 321 27.24 15.74 -12.39
C LYS D 321 26.42 14.59 -11.77
N MET D 322 26.59 13.38 -12.30
CA MET D 322 25.93 12.24 -11.70
C MET D 322 26.59 11.83 -10.37
N ALA D 323 25.76 11.63 -9.36
CA ALA D 323 26.21 11.01 -8.13
C ALA D 323 25.49 9.69 -7.99
N PRO D 324 26.22 8.66 -7.54
CA PRO D 324 25.69 7.28 -7.42
C PRO D 324 24.40 7.20 -6.61
N GLU D 325 24.19 8.14 -5.68
CA GLU D 325 22.97 8.15 -4.91
C GLU D 325 21.74 8.46 -5.78
N MET D 326 21.93 9.26 -6.84
CA MET D 326 20.84 9.56 -7.78
C MET D 326 20.36 8.30 -8.46
N ILE D 327 21.33 7.48 -8.84
CA ILE D 327 21.07 6.22 -9.50
C ILE D 327 20.33 5.27 -8.56
N SER D 328 20.70 5.27 -7.28
CA SER D 328 19.96 4.49 -6.28
C SER D 328 18.47 4.84 -6.27
N ILE D 329 18.16 6.13 -6.35
CA ILE D 329 16.77 6.61 -6.40
C ILE D 329 15.98 6.12 -7.63
N VAL D 330 16.52 6.30 -8.84
CA VAL D 330 15.76 5.94 -10.03
C VAL D 330 15.73 4.42 -10.21
N LYS D 331 16.81 3.75 -9.87
CA LYS D 331 16.81 2.29 -9.97
C LYS D 331 15.79 1.69 -8.99
N ARG D 332 15.86 2.08 -7.72
CA ARG D 332 14.92 1.57 -6.73
C ARG D 332 13.49 1.98 -7.08
N ASN D 333 13.26 3.25 -7.35
CA ASN D 333 11.89 3.65 -7.64
C ASN D 333 11.32 2.98 -8.88
N ASN D 334 12.06 3.06 -10.00
CA ASN D 334 11.51 2.56 -11.26
C ASN D 334 11.36 1.04 -11.29
N CYS D 335 12.29 0.30 -10.70
CA CYS D 335 12.14 -1.15 -10.63
C CYS D 335 10.93 -1.54 -9.78
N GLY D 336 10.78 -0.86 -8.65
CA GLY D 336 9.64 -1.07 -7.80
C GLY D 336 8.33 -0.75 -8.48
N LYS D 337 8.23 0.45 -9.06
CA LYS D 337 6.99 0.88 -9.69
C LYS D 337 6.64 0.05 -10.94
N ALA D 338 7.67 -0.33 -11.72
CA ALA D 338 7.47 -1.13 -12.91
C ALA D 338 6.97 -2.52 -12.55
N LEU D 339 7.53 -3.10 -11.50
CA LEU D 339 7.10 -4.42 -11.04
C LEU D 339 5.64 -4.39 -10.57
N ASP D 340 5.28 -3.32 -9.86
CA ASP D 340 3.92 -3.13 -9.37
C ASP D 340 2.97 -2.99 -10.56
N ILE D 341 3.41 -2.29 -11.60
CA ILE D 341 2.60 -2.14 -12.79
C ILE D 341 2.43 -3.49 -13.52
N ALA D 342 3.53 -4.23 -13.70
CA ALA D 342 3.43 -5.55 -14.32
C ALA D 342 2.46 -6.50 -13.56
N ARG D 343 2.49 -6.48 -12.23
CA ARG D 343 1.60 -7.31 -11.42
C ARG D 343 0.15 -6.87 -11.52
N GLN D 344 -0.06 -5.57 -11.51
CA GLN D 344 -1.41 -5.05 -11.63
C GLN D 344 -1.98 -5.43 -13.00
N ALA D 345 -1.14 -5.31 -14.03
CA ALA D 345 -1.56 -5.66 -15.37
C ALA D 345 -1.93 -7.14 -15.43
N ARG D 346 -1.08 -7.97 -14.83
CA ARG D 346 -1.32 -9.40 -14.76
C ARG D 346 -2.70 -9.66 -14.15
N ASP D 347 -2.92 -9.08 -12.97
CA ASP D 347 -4.18 -9.26 -12.22
C ASP D 347 -5.41 -8.72 -12.95
N MET D 348 -5.21 -7.85 -13.92
CA MET D 348 -6.33 -7.26 -14.66
C MET D 348 -6.86 -8.18 -15.76
N HIS D 349 -6.11 -9.23 -16.07
CA HIS D 349 -6.54 -10.19 -17.08
C HIS D 349 -7.41 -11.27 -16.43
N GLY D 350 -7.64 -12.36 -17.14
CA GLY D 350 -8.36 -13.51 -16.62
C GLY D 350 -9.69 -13.15 -15.97
N GLU D 357 -2.18 -12.03 -22.62
CA GLU D 357 -2.15 -12.68 -21.32
C GLU D 357 -0.74 -13.20 -21.00
N TYR D 358 0.01 -13.57 -22.04
CA TYR D 358 1.32 -14.18 -21.86
C TYR D 358 2.42 -13.13 -21.69
N HIS D 359 2.43 -12.14 -22.59
CA HIS D 359 3.49 -11.16 -22.60
C HIS D 359 3.51 -10.36 -21.32
N VAL D 360 2.34 -10.08 -20.77
CA VAL D 360 2.24 -9.38 -19.49
C VAL D 360 2.79 -10.26 -18.36
N MET D 361 2.51 -11.55 -18.42
CA MET D 361 3.03 -12.48 -17.42
C MET D 361 4.56 -12.60 -17.52
N ARG D 362 5.07 -12.60 -18.75
CA ARG D 362 6.51 -12.67 -19.00
C ARG D 362 7.26 -11.44 -18.44
N HIS D 363 6.80 -10.23 -18.76
CA HIS D 363 7.41 -9.01 -18.22
C HIS D 363 7.39 -9.06 -16.70
N ALA D 364 6.26 -9.45 -16.14
CA ALA D 364 6.11 -9.52 -14.69
C ALA D 364 7.11 -10.48 -14.07
N GLN D 365 7.29 -11.65 -14.69
CA GLN D 365 8.27 -12.61 -14.18
C GLN D 365 9.66 -12.04 -14.30
N ASN D 366 9.95 -11.42 -15.43
CA ASN D 366 11.23 -10.75 -15.63
C ASN D 366 11.51 -9.68 -14.58
N LEU D 367 10.53 -8.81 -14.34
CA LEU D 367 10.73 -7.68 -13.45
C LEU D 367 10.93 -8.10 -12.01
N GLU D 368 10.43 -9.28 -11.65
CA GLU D 368 10.66 -9.82 -10.31
C GLU D 368 12.11 -10.12 -10.12
N THR D 369 12.72 -10.60 -11.19
CA THR D 369 14.15 -10.87 -11.17
C THR D 369 14.95 -9.59 -11.20
N VAL D 370 14.52 -8.64 -12.01
CA VAL D 370 15.24 -7.38 -12.17
C VAL D 370 15.24 -6.57 -10.87
N ASN D 371 14.14 -6.64 -10.13
CA ASN D 371 13.98 -5.87 -8.91
C ASN D 371 14.95 -6.36 -7.82
N THR D 372 15.26 -7.65 -7.88
CA THR D 372 16.17 -8.31 -6.97
C THR D 372 17.64 -7.95 -7.11
N TYR D 373 18.09 -7.87 -8.36
CA TYR D 373 19.50 -7.76 -8.70
C TYR D 373 20.01 -6.31 -8.79
N GLU D 374 21.34 -6.13 -8.79
CA GLU D 374 22.01 -4.81 -8.88
C GLU D 374 21.59 -3.93 -7.70
N GLY D 375 21.51 -4.55 -6.54
CA GLY D 375 21.04 -3.94 -5.31
C GLY D 375 19.53 -4.08 -5.18
N THR D 376 19.11 -4.62 -4.04
CA THR D 376 17.70 -4.84 -3.77
C THR D 376 17.03 -3.53 -3.45
N HIS D 377 15.70 -3.56 -3.43
CA HIS D 377 14.92 -2.38 -3.08
C HIS D 377 15.40 -1.82 -1.72
N ASP D 378 15.51 -2.68 -0.71
CA ASP D 378 15.89 -2.25 0.64
C ASP D 378 17.34 -1.75 0.76
N VAL D 379 18.29 -2.34 0.01
CA VAL D 379 19.68 -1.88 0.04
C VAL D 379 19.82 -0.44 -0.50
N HIS D 380 19.13 -0.13 -1.61
CA HIS D 380 19.15 1.23 -2.13
C HIS D 380 18.44 2.19 -1.18
N ALA D 381 17.47 1.69 -0.43
CA ALA D 381 16.80 2.52 0.57
C ALA D 381 17.79 2.95 1.66
N LEU D 382 18.61 1.99 2.12
CA LEU D 382 19.56 2.24 3.19
C LEU D 382 20.76 3.05 2.69
N ILE D 383 21.04 2.96 1.38
CA ILE D 383 22.08 3.81 0.80
C ILE D 383 21.63 5.28 0.88
N LEU D 384 20.39 5.52 0.48
CA LEU D 384 19.79 6.85 0.55
C LEU D 384 19.62 7.26 2.00
N GLY D 385 19.31 6.27 2.85
CA GLY D 385 19.16 6.50 4.27
C GLY D 385 20.46 6.99 4.89
N ARG D 386 21.57 6.35 4.51
CA ARG D 386 22.88 6.74 5.04
C ARG D 386 23.29 8.11 4.53
N ALA D 387 22.95 8.40 3.28
CA ALA D 387 23.32 9.67 2.67
C ALA D 387 22.58 10.85 3.30
N GLN D 388 21.40 10.60 3.88
CA GLN D 388 20.65 11.68 4.51
C GLN D 388 21.14 11.94 5.92
N THR D 389 21.55 10.88 6.60
CA THR D 389 21.75 10.92 8.03
C THR D 389 23.19 10.80 8.49
N GLY D 390 24.05 10.25 7.64
CA GLY D 390 25.43 10.01 8.01
C GLY D 390 25.56 8.78 8.89
N ILE D 391 24.47 8.05 9.04
CA ILE D 391 24.48 6.82 9.84
C ILE D 391 24.21 5.61 8.95
N GLN D 392 25.07 4.61 9.05
CA GLN D 392 24.83 3.38 8.31
C GLN D 392 23.94 2.45 9.13
N ALA D 393 22.97 1.85 8.44
CA ALA D 393 22.02 0.94 9.06
C ALA D 393 22.08 -0.45 8.42
N PHE D 394 23.16 -0.73 7.69
CA PHE D 394 23.30 -2.04 7.07
C PHE D 394 23.55 -3.10 8.12
N PHE D 395 24.34 -2.72 9.12
CA PHE D 395 24.61 -3.55 10.29
C PHE D 395 24.75 -2.68 11.55
C1 EDO E . -29.36 -4.03 2.27
O1 EDO E . -29.76 -4.08 3.65
C2 EDO E . -29.46 -2.60 1.78
O2 EDO E . -28.80 -1.74 2.73
C1 EDO F . 9.16 -24.45 11.12
O1 EDO F . 9.63 -24.57 9.76
C2 EDO F . 7.65 -24.14 11.21
O2 EDO F . 6.85 -25.31 10.99
C1 EDO G . -2.28 32.41 -13.78
O1 EDO G . -1.42 32.10 -14.93
C2 EDO G . -1.72 31.94 -12.42
O2 EDO G . -2.71 31.31 -11.55
C1 EDO H . 13.63 3.79 -38.64
O1 EDO H . 12.57 4.11 -37.74
C2 EDO H . 14.88 3.36 -37.86
O2 EDO H . 15.46 4.49 -37.19
C1 EDO I . 2.06 -3.26 -27.27
O1 EDO I . 1.66 -4.48 -27.89
C2 EDO I . 1.00 -2.18 -27.53
O2 EDO I . -0.25 -2.54 -26.90
C1 EDO J . 24.67 15.17 5.79
O1 EDO J . 25.56 14.92 4.69
C2 EDO J . 24.82 14.07 6.82
O2 EDO J . 24.51 14.60 8.11
#